data_9JUY
# 
_entry.id   9JUY 
# 
_audit_conform.dict_name       mmcif_pdbx.dic 
_audit_conform.dict_version    5.403 
_audit_conform.dict_location   http://mmcif.pdb.org/dictionaries/ascii/mmcif_pdbx.dic 
# 
loop_
_database_2.database_id 
_database_2.database_code 
_database_2.pdbx_database_accession 
_database_2.pdbx_DOI 
PDB   9JUY         pdb_00009juy 10.2210/pdb9juy/pdb 
WWPDB D_1300052309 ?            ?                   
# 
loop_
_pdbx_audit_revision_history.ordinal 
_pdbx_audit_revision_history.data_content_type 
_pdbx_audit_revision_history.major_revision 
_pdbx_audit_revision_history.minor_revision 
_pdbx_audit_revision_history.revision_date 
_pdbx_audit_revision_history.part_number 
1 'Structure model' 1 0 2025-03-12 ? 
2 'Structure model' 1 1 2025-06-04 ? 
# 
_pdbx_audit_revision_details.ordinal             1 
_pdbx_audit_revision_details.revision_ordinal    1 
_pdbx_audit_revision_details.data_content_type   'Structure model' 
_pdbx_audit_revision_details.provider            repository 
_pdbx_audit_revision_details.type                'Initial release' 
_pdbx_audit_revision_details.description         ? 
_pdbx_audit_revision_details.details             ? 
# 
_pdbx_audit_revision_group.ordinal             1 
_pdbx_audit_revision_group.revision_ordinal    2 
_pdbx_audit_revision_group.data_content_type   'Structure model' 
_pdbx_audit_revision_group.group               'Database references' 
# 
_pdbx_audit_revision_category.ordinal             1 
_pdbx_audit_revision_category.revision_ordinal    2 
_pdbx_audit_revision_category.data_content_type   'Structure model' 
_pdbx_audit_revision_category.category            citation 
# 
loop_
_pdbx_audit_revision_item.ordinal 
_pdbx_audit_revision_item.revision_ordinal 
_pdbx_audit_revision_item.data_content_type 
_pdbx_audit_revision_item.item 
1 2 'Structure model' '_citation.journal_volume' 
2 2 'Structure model' '_citation.page_first'     
3 2 'Structure model' '_citation.page_last'      
# 
_pdbx_database_status.status_code                     REL 
_pdbx_database_status.status_code_sf                  REL 
_pdbx_database_status.status_code_mr                  ? 
_pdbx_database_status.entry_id                        9JUY 
_pdbx_database_status.recvd_initial_deposition_date   2024-10-08 
_pdbx_database_status.SG_entry                        N 
_pdbx_database_status.deposit_site                    PDBJ 
_pdbx_database_status.process_site                    PDBC 
_pdbx_database_status.status_code_cs                  ? 
_pdbx_database_status.status_code_nmr_data            ? 
_pdbx_database_status.methods_development_category    ? 
_pdbx_database_status.pdb_format_compatible           N 
# 
_pdbx_contact_author.id                 3 
_pdbx_contact_author.email              xu_yong@gibh.ac.cn 
_pdbx_contact_author.name_first         Yong 
_pdbx_contact_author.name_last          Xu 
_pdbx_contact_author.name_mi            ? 
_pdbx_contact_author.role               'principal investigator/group leader' 
_pdbx_contact_author.identifier_ORCID   0000-0003-3601-0246 
# 
loop_
_audit_author.name 
_audit_author.pdbx_ordinal 
_audit_author.identifier_ORCID 
'Hu, J.'     1  ? 
'Zhang, C.'  2  ? 
'Luo, G.'    3  ? 
'Tang, X.'   4  ? 
'Wu, T.'     5  ? 
'Shen, H.'   6  ? 
'Zhao, X.'   7  ? 
'Wu, X.'     8  ? 
'Smaill, J.' 9  ? 
'Zhang, Y.'  10 ? 
'Xu, Y.'     11 ? 
'Xiang, Q.'  12 ? 
# 
_citation.abstract                  ? 
_citation.abstract_id_CAS           ? 
_citation.book_id_ISBN              ? 
_citation.book_publisher            ? 
_citation.book_publisher_city       ? 
_citation.book_title                ? 
_citation.coordinate_linkage        ? 
_citation.country                   CN 
_citation.database_id_Medline       ? 
_citation.details                   ? 
_citation.id                        primary 
_citation.journal_abbrev            'Acta Pharmacol.Sin.' 
_citation.journal_id_ASTM           ? 
_citation.journal_id_CSD            ? 
_citation.journal_id_ISSN           1745-7254 
_citation.journal_full              ? 
_citation.journal_issue             ? 
_citation.journal_volume            46 
_citation.language                  ? 
_citation.page_first                1706 
_citation.page_last                 1721 
_citation.title                     
;Discovery of 5-imidazole-3-methylbenz[d]isoxazole derivatives as potent and selective CBP/p300 bromodomain inhibitors for the treatment of acute myeloid leukemia.
;
_citation.year                      2025 
_citation.database_id_CSD           ? 
_citation.pdbx_database_id_DOI      10.1038/s41401-025-01478-x 
_citation.pdbx_database_id_PubMed   39890943 
_citation.pdbx_database_id_patent   ? 
_citation.unpublished_flag          ? 
# 
loop_
_citation_author.citation_id 
_citation_author.name 
_citation_author.ordinal 
_citation_author.identifier_ORCID 
primary 'Hu, J.K.'     1  ? 
primary 'Tang, X.'     2  ? 
primary 'Luo, G.L.'    3  ? 
primary 'Zhang, C.'    4  ? 
primary 'Wu, T.B.'     5  ? 
primary 'Wang, C.'     6  ? 
primary 'Shen, H.'     7  ? 
primary 'Zhao, X.F.'   8  ? 
primary 'Wu, X.S.'     9  ? 
primary 'Smaill, J.B.' 10 ? 
primary 'Xu, Y.'       11 ? 
primary 'Zhang, Y.'    12 ? 
primary 'Xiang, Q.P.'  13 ? 
# 
loop_
_entity.id 
_entity.type 
_entity.src_method 
_entity.pdbx_description 
_entity.formula_weight 
_entity.pdbx_number_of_molecules 
_entity.pdbx_ec 
_entity.pdbx_mutation 
_entity.pdbx_fragment 
_entity.details 
1 polymer     man 'CREB-binding protein' 15891.296 1  2.3.1.48,2.3.1.- ? ? 
'CBP_HUMAN, Q92793, R1081-G1197 sequence from 1065-1080 are tags. MKKGHHHHHHLVPRGS' 
2 non-polymer syn 
;(5~{S})-1-(3-chloranyl-4-methoxy-phenyl)-5-[4-(3-methyl-1,2-benzoxazol-5-yl)-1-[(2~{S})-2-morpholin-4-ylpropyl]imidazol-2-yl]pyrrolidin-2-one
;
550.048   1  ?                ? ? ?                                                                                   
3 non-polymer syn 'DIMETHYL SULFOXIDE' 78.133    1  ?                ? ? ? 
4 water       nat water 18.015    84 ?                ? ? ? 
# 
_entity_name_com.entity_id   1 
_entity_name_com.name        
'Histone lysine acetyltransferase CREBBP,Protein lactyltransferas CREBBP,Protein-lysine acetyltransferase CREBBP' 
# 
_entity_poly.entity_id                      1 
_entity_poly.type                           'polypeptide(L)' 
_entity_poly.nstd_linkage                   no 
_entity_poly.nstd_monomer                   no 
_entity_poly.pdbx_seq_one_letter_code       
;MKKGHHHHHHLVPRGSRKKIFKPEELRQALMPTLEALYRQDPESLPFRQPVDPQLLGIPDYFDIVKNPMDLSTIKRKLDT
GQYQEPWQYVDDVWLMFNNAWLYNRKTSRVYKFCSKLAEVFEQEIDPVMQSLG
;
_entity_poly.pdbx_seq_one_letter_code_can   
;MKKGHHHHHHLVPRGSRKKIFKPEELRQALMPTLEALYRQDPESLPFRQPVDPQLLGIPDYFDIVKNPMDLSTIKRKLDT
GQYQEPWQYVDDVWLMFNNAWLYNRKTSRVYKFCSKLAEVFEQEIDPVMQSLG
;
_entity_poly.pdbx_strand_id                 A 
_entity_poly.pdbx_target_identifier         ? 
# 
loop_
_pdbx_entity_nonpoly.entity_id 
_pdbx_entity_nonpoly.name 
_pdbx_entity_nonpoly.comp_id 
2 
;(5~{S})-1-(3-chloranyl-4-methoxy-phenyl)-5-[4-(3-methyl-1,2-benzoxazol-5-yl)-1-[(2~{S})-2-morpholin-4-ylpropyl]imidazol-2-yl]pyrrolidin-2-one
;
A1EDO 
3 'DIMETHYL SULFOXIDE' DMS   
4 water HOH   
# 
loop_
_entity_poly_seq.entity_id 
_entity_poly_seq.num 
_entity_poly_seq.mon_id 
_entity_poly_seq.hetero 
1 1   MET n 
1 2   LYS n 
1 3   LYS n 
1 4   GLY n 
1 5   HIS n 
1 6   HIS n 
1 7   HIS n 
1 8   HIS n 
1 9   HIS n 
1 10  HIS n 
1 11  LEU n 
1 12  VAL n 
1 13  PRO n 
1 14  ARG n 
1 15  GLY n 
1 16  SER n 
1 17  ARG n 
1 18  LYS n 
1 19  LYS n 
1 20  ILE n 
1 21  PHE n 
1 22  LYS n 
1 23  PRO n 
1 24  GLU n 
1 25  GLU n 
1 26  LEU n 
1 27  ARG n 
1 28  GLN n 
1 29  ALA n 
1 30  LEU n 
1 31  MET n 
1 32  PRO n 
1 33  THR n 
1 34  LEU n 
1 35  GLU n 
1 36  ALA n 
1 37  LEU n 
1 38  TYR n 
1 39  ARG n 
1 40  GLN n 
1 41  ASP n 
1 42  PRO n 
1 43  GLU n 
1 44  SER n 
1 45  LEU n 
1 46  PRO n 
1 47  PHE n 
1 48  ARG n 
1 49  GLN n 
1 50  PRO n 
1 51  VAL n 
1 52  ASP n 
1 53  PRO n 
1 54  GLN n 
1 55  LEU n 
1 56  LEU n 
1 57  GLY n 
1 58  ILE n 
1 59  PRO n 
1 60  ASP n 
1 61  TYR n 
1 62  PHE n 
1 63  ASP n 
1 64  ILE n 
1 65  VAL n 
1 66  LYS n 
1 67  ASN n 
1 68  PRO n 
1 69  MET n 
1 70  ASP n 
1 71  LEU n 
1 72  SER n 
1 73  THR n 
1 74  ILE n 
1 75  LYS n 
1 76  ARG n 
1 77  LYS n 
1 78  LEU n 
1 79  ASP n 
1 80  THR n 
1 81  GLY n 
1 82  GLN n 
1 83  TYR n 
1 84  GLN n 
1 85  GLU n 
1 86  PRO n 
1 87  TRP n 
1 88  GLN n 
1 89  TYR n 
1 90  VAL n 
1 91  ASP n 
1 92  ASP n 
1 93  VAL n 
1 94  TRP n 
1 95  LEU n 
1 96  MET n 
1 97  PHE n 
1 98  ASN n 
1 99  ASN n 
1 100 ALA n 
1 101 TRP n 
1 102 LEU n 
1 103 TYR n 
1 104 ASN n 
1 105 ARG n 
1 106 LYS n 
1 107 THR n 
1 108 SER n 
1 109 ARG n 
1 110 VAL n 
1 111 TYR n 
1 112 LYS n 
1 113 PHE n 
1 114 CYS n 
1 115 SER n 
1 116 LYS n 
1 117 LEU n 
1 118 ALA n 
1 119 GLU n 
1 120 VAL n 
1 121 PHE n 
1 122 GLU n 
1 123 GLN n 
1 124 GLU n 
1 125 ILE n 
1 126 ASP n 
1 127 PRO n 
1 128 VAL n 
1 129 MET n 
1 130 GLN n 
1 131 SER n 
1 132 LEU n 
1 133 GLY n 
# 
_entity_src_gen.entity_id                          1 
_entity_src_gen.pdbx_src_id                        1 
_entity_src_gen.pdbx_alt_source_flag               sample 
_entity_src_gen.pdbx_seq_type                      'Biological sequence' 
_entity_src_gen.pdbx_beg_seq_num                   1 
_entity_src_gen.pdbx_end_seq_num                   133 
_entity_src_gen.gene_src_common_name               human 
_entity_src_gen.gene_src_genus                     ? 
_entity_src_gen.pdbx_gene_src_gene                 'CREBBP, CBP' 
_entity_src_gen.gene_src_species                   ? 
_entity_src_gen.gene_src_strain                    ? 
_entity_src_gen.gene_src_tissue                    ? 
_entity_src_gen.gene_src_tissue_fraction           ? 
_entity_src_gen.gene_src_details                   ? 
_entity_src_gen.pdbx_gene_src_fragment             ? 
_entity_src_gen.pdbx_gene_src_scientific_name      'Homo sapiens' 
_entity_src_gen.pdbx_gene_src_ncbi_taxonomy_id     9606 
_entity_src_gen.pdbx_gene_src_variant              ? 
_entity_src_gen.pdbx_gene_src_cell_line            ? 
_entity_src_gen.pdbx_gene_src_atcc                 ? 
_entity_src_gen.pdbx_gene_src_organ                ? 
_entity_src_gen.pdbx_gene_src_organelle            ? 
_entity_src_gen.pdbx_gene_src_cell                 ? 
_entity_src_gen.pdbx_gene_src_cellular_location    ? 
_entity_src_gen.host_org_common_name               ? 
_entity_src_gen.pdbx_host_org_scientific_name      'Escherichia coli' 
_entity_src_gen.pdbx_host_org_ncbi_taxonomy_id     562 
_entity_src_gen.host_org_genus                     ? 
_entity_src_gen.pdbx_host_org_gene                 ? 
_entity_src_gen.pdbx_host_org_organ                ? 
_entity_src_gen.host_org_species                   ? 
_entity_src_gen.pdbx_host_org_tissue               ? 
_entity_src_gen.pdbx_host_org_tissue_fraction      ? 
_entity_src_gen.pdbx_host_org_strain               ? 
_entity_src_gen.pdbx_host_org_variant              ? 
_entity_src_gen.pdbx_host_org_cell_line            ? 
_entity_src_gen.pdbx_host_org_atcc                 ? 
_entity_src_gen.pdbx_host_org_culture_collection   ? 
_entity_src_gen.pdbx_host_org_cell                 ? 
_entity_src_gen.pdbx_host_org_organelle            ? 
_entity_src_gen.pdbx_host_org_cellular_location    ? 
_entity_src_gen.pdbx_host_org_vector_type          ? 
_entity_src_gen.pdbx_host_org_vector               ? 
_entity_src_gen.host_org_details                   ? 
_entity_src_gen.expression_system_id               ? 
_entity_src_gen.plasmid_name                       ? 
_entity_src_gen.plasmid_details                    ? 
_entity_src_gen.pdbx_description                   ? 
# 
loop_
_chem_comp.id 
_chem_comp.type 
_chem_comp.mon_nstd_flag 
_chem_comp.name 
_chem_comp.pdbx_synonyms 
_chem_comp.formula 
_chem_comp.formula_weight 
A1EDO non-polymer         . 
;(5~{S})-1-(3-chloranyl-4-methoxy-phenyl)-5-[4-(3-methyl-1,2-benzoxazol-5-yl)-1-[(2~{S})-2-morpholin-4-ylpropyl]imidazol-2-yl]pyrrolidin-2-one
;
? 'C29 H32 Cl N5 O4' 550.048 
ALA   'L-peptide linking' y ALANINE ? 'C3 H7 N O2'       89.093  
ARG   'L-peptide linking' y ARGININE ? 'C6 H15 N4 O2 1'   175.209 
ASN   'L-peptide linking' y ASPARAGINE ? 'C4 H8 N2 O3'      132.118 
ASP   'L-peptide linking' y 'ASPARTIC ACID' ? 'C4 H7 N O4'       133.103 
CYS   'L-peptide linking' y CYSTEINE ? 'C3 H7 N O2 S'     121.158 
DMS   non-polymer         . 'DIMETHYL SULFOXIDE' ? 'C2 H6 O S'        78.133  
GLN   'L-peptide linking' y GLUTAMINE ? 'C5 H10 N2 O3'     146.144 
GLU   'L-peptide linking' y 'GLUTAMIC ACID' ? 'C5 H9 N O4'       147.129 
GLY   'peptide linking'   y GLYCINE ? 'C2 H5 N O2'       75.067  
HIS   'L-peptide linking' y HISTIDINE ? 'C6 H10 N3 O2 1'   156.162 
HOH   non-polymer         . WATER ? 'H2 O'             18.015  
ILE   'L-peptide linking' y ISOLEUCINE ? 'C6 H13 N O2'      131.173 
LEU   'L-peptide linking' y LEUCINE ? 'C6 H13 N O2'      131.173 
LYS   'L-peptide linking' y LYSINE ? 'C6 H15 N2 O2 1'   147.195 
MET   'L-peptide linking' y METHIONINE ? 'C5 H11 N O2 S'    149.211 
PHE   'L-peptide linking' y PHENYLALANINE ? 'C9 H11 N O2'      165.189 
PRO   'L-peptide linking' y PROLINE ? 'C5 H9 N O2'       115.130 
SER   'L-peptide linking' y SERINE ? 'C3 H7 N O3'       105.093 
THR   'L-peptide linking' y THREONINE ? 'C4 H9 N O3'       119.119 
TRP   'L-peptide linking' y TRYPTOPHAN ? 'C11 H12 N2 O2'    204.225 
TYR   'L-peptide linking' y TYROSINE ? 'C9 H11 N O3'      181.189 
VAL   'L-peptide linking' y VALINE ? 'C5 H11 N O2'      117.146 
# 
loop_
_pdbx_poly_seq_scheme.asym_id 
_pdbx_poly_seq_scheme.entity_id 
_pdbx_poly_seq_scheme.seq_id 
_pdbx_poly_seq_scheme.mon_id 
_pdbx_poly_seq_scheme.ndb_seq_num 
_pdbx_poly_seq_scheme.pdb_seq_num 
_pdbx_poly_seq_scheme.auth_seq_num 
_pdbx_poly_seq_scheme.pdb_mon_id 
_pdbx_poly_seq_scheme.auth_mon_id 
_pdbx_poly_seq_scheme.pdb_strand_id 
_pdbx_poly_seq_scheme.pdb_ins_code 
_pdbx_poly_seq_scheme.hetero 
A 1 1   MET 1   1065 ?    ?   ?   A . n 
A 1 2   LYS 2   1066 ?    ?   ?   A . n 
A 1 3   LYS 3   1067 ?    ?   ?   A . n 
A 1 4   GLY 4   1068 ?    ?   ?   A . n 
A 1 5   HIS 5   1069 ?    ?   ?   A . n 
A 1 6   HIS 6   1070 ?    ?   ?   A . n 
A 1 7   HIS 7   1071 ?    ?   ?   A . n 
A 1 8   HIS 8   1072 ?    ?   ?   A . n 
A 1 9   HIS 9   1073 ?    ?   ?   A . n 
A 1 10  HIS 10  1074 ?    ?   ?   A . n 
A 1 11  LEU 11  1075 ?    ?   ?   A . n 
A 1 12  VAL 12  1076 ?    ?   ?   A . n 
A 1 13  PRO 13  1077 ?    ?   ?   A . n 
A 1 14  ARG 14  1078 ?    ?   ?   A . n 
A 1 15  GLY 15  1079 ?    ?   ?   A . n 
A 1 16  SER 16  1080 ?    ?   ?   A . n 
A 1 17  ARG 17  1081 1081 ARG ARG A . n 
A 1 18  LYS 18  1082 1082 LYS LYS A . n 
A 1 19  LYS 19  1083 1083 LYS LYS A . n 
A 1 20  ILE 20  1084 1084 ILE ILE A . n 
A 1 21  PHE 21  1085 1085 PHE PHE A . n 
A 1 22  LYS 22  1086 1086 LYS LYS A . n 
A 1 23  PRO 23  1087 1087 PRO PRO A . n 
A 1 24  GLU 24  1088 1088 GLU GLU A . n 
A 1 25  GLU 25  1089 1089 GLU GLU A . n 
A 1 26  LEU 26  1090 1090 LEU LEU A . n 
A 1 27  ARG 27  1091 1091 ARG ARG A . n 
A 1 28  GLN 28  1092 1092 GLN GLN A . n 
A 1 29  ALA 29  1093 1093 ALA ALA A . n 
A 1 30  LEU 30  1094 1094 LEU LEU A . n 
A 1 31  MET 31  1095 1095 MET MET A . n 
A 1 32  PRO 32  1096 1096 PRO PRO A . n 
A 1 33  THR 33  1097 1097 THR THR A . n 
A 1 34  LEU 34  1098 1098 LEU LEU A . n 
A 1 35  GLU 35  1099 1099 GLU GLU A . n 
A 1 36  ALA 36  1100 1100 ALA ALA A . n 
A 1 37  LEU 37  1101 1101 LEU LEU A . n 
A 1 38  TYR 38  1102 1102 TYR TYR A . n 
A 1 39  ARG 39  1103 1103 ARG ARG A . n 
A 1 40  GLN 40  1104 1104 GLN GLN A . n 
A 1 41  ASP 41  1105 1105 ASP ASP A . n 
A 1 42  PRO 42  1106 1106 PRO PRO A . n 
A 1 43  GLU 43  1107 1107 GLU GLU A . n 
A 1 44  SER 44  1108 1108 SER SER A . n 
A 1 45  LEU 45  1109 1109 LEU LEU A . n 
A 1 46  PRO 46  1110 1110 PRO PRO A . n 
A 1 47  PHE 47  1111 1111 PHE PHE A . n 
A 1 48  ARG 48  1112 1112 ARG ARG A . n 
A 1 49  GLN 49  1113 1113 GLN GLN A . n 
A 1 50  PRO 50  1114 1114 PRO PRO A . n 
A 1 51  VAL 51  1115 1115 VAL VAL A . n 
A 1 52  ASP 52  1116 1116 ASP ASP A . n 
A 1 53  PRO 53  1117 1117 PRO PRO A . n 
A 1 54  GLN 54  1118 1118 GLN GLN A . n 
A 1 55  LEU 55  1119 1119 LEU LEU A . n 
A 1 56  LEU 56  1120 1120 LEU LEU A . n 
A 1 57  GLY 57  1121 1121 GLY GLY A . n 
A 1 58  ILE 58  1122 1122 ILE ILE A . n 
A 1 59  PRO 59  1123 1123 PRO PRO A . n 
A 1 60  ASP 60  1124 1124 ASP ASP A . n 
A 1 61  TYR 61  1125 1125 TYR TYR A . n 
A 1 62  PHE 62  1126 1126 PHE PHE A . n 
A 1 63  ASP 63  1127 1127 ASP ASP A . n 
A 1 64  ILE 64  1128 1128 ILE ILE A . n 
A 1 65  VAL 65  1129 1129 VAL VAL A . n 
A 1 66  LYS 66  1130 1130 LYS LYS A . n 
A 1 67  ASN 67  1131 1131 ASN ASN A . n 
A 1 68  PRO 68  1132 1132 PRO PRO A . n 
A 1 69  MET 69  1133 1133 MET MET A . n 
A 1 70  ASP 70  1134 1134 ASP ASP A . n 
A 1 71  LEU 71  1135 1135 LEU LEU A . n 
A 1 72  SER 72  1136 1136 SER SER A . n 
A 1 73  THR 73  1137 1137 THR THR A . n 
A 1 74  ILE 74  1138 1138 ILE ILE A . n 
A 1 75  LYS 75  1139 1139 LYS LYS A . n 
A 1 76  ARG 76  1140 1140 ARG ARG A . n 
A 1 77  LYS 77  1141 1141 LYS LYS A . n 
A 1 78  LEU 78  1142 1142 LEU LEU A . n 
A 1 79  ASP 79  1143 1143 ASP ASP A . n 
A 1 80  THR 80  1144 1144 THR THR A . n 
A 1 81  GLY 81  1145 1145 GLY GLY A . n 
A 1 82  GLN 82  1146 1146 GLN GLN A . n 
A 1 83  TYR 83  1147 1147 TYR TYR A . n 
A 1 84  GLN 84  1148 1148 GLN GLN A . n 
A 1 85  GLU 85  1149 1149 GLU GLU A . n 
A 1 86  PRO 86  1150 1150 PRO PRO A . n 
A 1 87  TRP 87  1151 1151 TRP TRP A . n 
A 1 88  GLN 88  1152 1152 GLN GLN A . n 
A 1 89  TYR 89  1153 1153 TYR TYR A . n 
A 1 90  VAL 90  1154 1154 VAL VAL A . n 
A 1 91  ASP 91  1155 1155 ASP ASP A . n 
A 1 92  ASP 92  1156 1156 ASP ASP A . n 
A 1 93  VAL 93  1157 1157 VAL VAL A . n 
A 1 94  TRP 94  1158 1158 TRP TRP A . n 
A 1 95  LEU 95  1159 1159 LEU LEU A . n 
A 1 96  MET 96  1160 1160 MET MET A . n 
A 1 97  PHE 97  1161 1161 PHE PHE A . n 
A 1 98  ASN 98  1162 1162 ASN ASN A . n 
A 1 99  ASN 99  1163 1163 ASN ASN A . n 
A 1 100 ALA 100 1164 1164 ALA ALA A . n 
A 1 101 TRP 101 1165 1165 TRP TRP A . n 
A 1 102 LEU 102 1166 1166 LEU LEU A . n 
A 1 103 TYR 103 1167 1167 TYR TYR A . n 
A 1 104 ASN 104 1168 1168 ASN ASN A . n 
A 1 105 ARG 105 1169 1169 ARG ARG A . n 
A 1 106 LYS 106 1170 1170 LYS LYS A . n 
A 1 107 THR 107 1171 1171 THR THR A . n 
A 1 108 SER 108 1172 1172 SER SER A . n 
A 1 109 ARG 109 1173 1173 ARG ARG A . n 
A 1 110 VAL 110 1174 1174 VAL VAL A . n 
A 1 111 TYR 111 1175 1175 TYR TYR A . n 
A 1 112 LYS 112 1176 1176 LYS LYS A . n 
A 1 113 PHE 113 1177 1177 PHE PHE A . n 
A 1 114 CYS 114 1178 1178 CYS CYS A . n 
A 1 115 SER 115 1179 1179 SER SER A . n 
A 1 116 LYS 116 1180 1180 LYS LYS A . n 
A 1 117 LEU 117 1181 1181 LEU LEU A . n 
A 1 118 ALA 118 1182 1182 ALA ALA A . n 
A 1 119 GLU 119 1183 1183 GLU GLU A . n 
A 1 120 VAL 120 1184 1184 VAL VAL A . n 
A 1 121 PHE 121 1185 1185 PHE PHE A . n 
A 1 122 GLU 122 1186 1186 GLU GLU A . n 
A 1 123 GLN 123 1187 1187 GLN GLN A . n 
A 1 124 GLU 124 1188 1188 GLU GLU A . n 
A 1 125 ILE 125 1189 1189 ILE ILE A . n 
A 1 126 ASP 126 1190 1190 ASP ASP A . n 
A 1 127 PRO 127 1191 1191 PRO PRO A . n 
A 1 128 VAL 128 1192 1192 VAL VAL A . n 
A 1 129 MET 129 1193 1193 MET MET A . n 
A 1 130 GLN 130 1194 1194 GLN GLN A . n 
A 1 131 SER 131 1195 1195 SER SER A . n 
A 1 132 LEU 132 1196 1196 LEU LEU A . n 
A 1 133 GLY 133 1197 1197 GLY GLY A . n 
# 
_pdbx_entity_instance_feature.ordinal        1 
_pdbx_entity_instance_feature.comp_id        A1EDO 
_pdbx_entity_instance_feature.asym_id        ? 
_pdbx_entity_instance_feature.seq_num        ? 
_pdbx_entity_instance_feature.auth_comp_id   A1EDO 
_pdbx_entity_instance_feature.auth_asym_id   ? 
_pdbx_entity_instance_feature.auth_seq_num   ? 
_pdbx_entity_instance_feature.feature_type   'SUBJECT OF INVESTIGATION' 
_pdbx_entity_instance_feature.details        ? 
# 
loop_
_pdbx_nonpoly_scheme.asym_id 
_pdbx_nonpoly_scheme.entity_id 
_pdbx_nonpoly_scheme.mon_id 
_pdbx_nonpoly_scheme.ndb_seq_num 
_pdbx_nonpoly_scheme.pdb_seq_num 
_pdbx_nonpoly_scheme.auth_seq_num 
_pdbx_nonpoly_scheme.pdb_mon_id 
_pdbx_nonpoly_scheme.auth_mon_id 
_pdbx_nonpoly_scheme.pdb_strand_id 
_pdbx_nonpoly_scheme.pdb_ins_code 
B 2 A1EDO 1  1201 1201 A1EDO DRG A . 
C 3 DMS   1  1202 1    DMS   DMS A . 
D 4 HOH   1  1301 14   HOH   HOH A . 
D 4 HOH   2  1302 48   HOH   HOH A . 
D 4 HOH   3  1303 22   HOH   HOH A . 
D 4 HOH   4  1304 44   HOH   HOH A . 
D 4 HOH   5  1305 73   HOH   HOH A . 
D 4 HOH   6  1306 3    HOH   HOH A . 
D 4 HOH   7  1307 16   HOH   HOH A . 
D 4 HOH   8  1308 13   HOH   HOH A . 
D 4 HOH   9  1309 32   HOH   HOH A . 
D 4 HOH   10 1310 47   HOH   HOH A . 
D 4 HOH   11 1311 82   HOH   HOH A . 
D 4 HOH   12 1312 81   HOH   HOH A . 
D 4 HOH   13 1313 30   HOH   HOH A . 
D 4 HOH   14 1314 28   HOH   HOH A . 
D 4 HOH   15 1315 10   HOH   HOH A . 
D 4 HOH   16 1316 2    HOH   HOH A . 
D 4 HOH   17 1317 26   HOH   HOH A . 
D 4 HOH   18 1318 27   HOH   HOH A . 
D 4 HOH   19 1319 65   HOH   HOH A . 
D 4 HOH   20 1320 77   HOH   HOH A . 
D 4 HOH   21 1321 35   HOH   HOH A . 
D 4 HOH   22 1322 54   HOH   HOH A . 
D 4 HOH   23 1323 66   HOH   HOH A . 
D 4 HOH   24 1324 40   HOH   HOH A . 
D 4 HOH   25 1325 70   HOH   HOH A . 
D 4 HOH   26 1326 8    HOH   HOH A . 
D 4 HOH   27 1327 36   HOH   HOH A . 
D 4 HOH   28 1328 5    HOH   HOH A . 
D 4 HOH   29 1329 29   HOH   HOH A . 
D 4 HOH   30 1330 62   HOH   HOH A . 
D 4 HOH   31 1331 50   HOH   HOH A . 
D 4 HOH   32 1332 20   HOH   HOH A . 
D 4 HOH   33 1333 72   HOH   HOH A . 
D 4 HOH   34 1334 39   HOH   HOH A . 
D 4 HOH   35 1335 60   HOH   HOH A . 
D 4 HOH   36 1336 12   HOH   HOH A . 
D 4 HOH   37 1337 9    HOH   HOH A . 
D 4 HOH   38 1338 1    HOH   HOH A . 
D 4 HOH   39 1339 57   HOH   HOH A . 
D 4 HOH   40 1340 58   HOH   HOH A . 
D 4 HOH   41 1341 24   HOH   HOH A . 
D 4 HOH   42 1342 74   HOH   HOH A . 
D 4 HOH   43 1343 38   HOH   HOH A . 
D 4 HOH   44 1344 4    HOH   HOH A . 
D 4 HOH   45 1345 7    HOH   HOH A . 
D 4 HOH   46 1346 33   HOH   HOH A . 
D 4 HOH   47 1347 80   HOH   HOH A . 
D 4 HOH   48 1348 17   HOH   HOH A . 
D 4 HOH   49 1349 15   HOH   HOH A . 
D 4 HOH   50 1350 37   HOH   HOH A . 
D 4 HOH   51 1351 42   HOH   HOH A . 
D 4 HOH   52 1352 51   HOH   HOH A . 
D 4 HOH   53 1353 55   HOH   HOH A . 
D 4 HOH   54 1354 19   HOH   HOH A . 
D 4 HOH   55 1355 23   HOH   HOH A . 
D 4 HOH   56 1356 83   HOH   HOH A . 
D 4 HOH   57 1357 18   HOH   HOH A . 
D 4 HOH   58 1358 25   HOH   HOH A . 
D 4 HOH   59 1359 52   HOH   HOH A . 
D 4 HOH   60 1360 59   HOH   HOH A . 
D 4 HOH   61 1361 56   HOH   HOH A . 
D 4 HOH   62 1362 75   HOH   HOH A . 
D 4 HOH   63 1363 6    HOH   HOH A . 
D 4 HOH   64 1364 49   HOH   HOH A . 
D 4 HOH   65 1365 45   HOH   HOH A . 
D 4 HOH   66 1366 11   HOH   HOH A . 
D 4 HOH   67 1367 69   HOH   HOH A . 
D 4 HOH   68 1368 41   HOH   HOH A . 
D 4 HOH   69 1369 21   HOH   HOH A . 
D 4 HOH   70 1370 67   HOH   HOH A . 
D 4 HOH   71 1371 61   HOH   HOH A . 
D 4 HOH   72 1372 71   HOH   HOH A . 
D 4 HOH   73 1373 84   HOH   HOH A . 
D 4 HOH   74 1374 76   HOH   HOH A . 
D 4 HOH   75 1375 46   HOH   HOH A . 
D 4 HOH   76 1376 43   HOH   HOH A . 
D 4 HOH   77 1377 63   HOH   HOH A . 
D 4 HOH   78 1378 78   HOH   HOH A . 
D 4 HOH   79 1379 79   HOH   HOH A . 
D 4 HOH   80 1380 68   HOH   HOH A . 
D 4 HOH   81 1381 34   HOH   HOH A . 
D 4 HOH   82 1382 53   HOH   HOH A . 
D 4 HOH   83 1383 64   HOH   HOH A . 
D 4 HOH   84 1384 31   HOH   HOH A . 
# 
loop_
_pdbx_unobs_or_zero_occ_atoms.id 
_pdbx_unobs_or_zero_occ_atoms.PDB_model_num 
_pdbx_unobs_or_zero_occ_atoms.polymer_flag 
_pdbx_unobs_or_zero_occ_atoms.occupancy_flag 
_pdbx_unobs_or_zero_occ_atoms.auth_asym_id 
_pdbx_unobs_or_zero_occ_atoms.auth_comp_id 
_pdbx_unobs_or_zero_occ_atoms.auth_seq_id 
_pdbx_unobs_or_zero_occ_atoms.PDB_ins_code 
_pdbx_unobs_or_zero_occ_atoms.auth_atom_id 
_pdbx_unobs_or_zero_occ_atoms.label_alt_id 
_pdbx_unobs_or_zero_occ_atoms.label_asym_id 
_pdbx_unobs_or_zero_occ_atoms.label_comp_id 
_pdbx_unobs_or_zero_occ_atoms.label_seq_id 
_pdbx_unobs_or_zero_occ_atoms.label_atom_id 
1 1 Y 1 A ARG 1091 ? CZ  ? A ARG 27  CZ  
2 1 Y 1 A ARG 1091 ? NH1 ? A ARG 27  NH1 
3 1 Y 1 A ARG 1091 ? NH2 ? A ARG 27  NH2 
4 1 Y 1 A LYS 1170 ? NZ  ? A LYS 106 NZ  
# 
loop_
_software.citation_id 
_software.classification 
_software.compiler_name 
_software.compiler_version 
_software.contact_author 
_software.contact_author_email 
_software.date 
_software.description 
_software.dependencies 
_software.hardware 
_software.language 
_software.location 
_software.mods 
_software.name 
_software.os 
_software.os_version 
_software.type 
_software.version 
_software.pdbx_ordinal 
? refinement       ? ? ? ? ? ? ? ? ? ? ? REFMAC  ? ? ? 5.8.0258 1 
? 'data scaling'   ? ? ? ? ? ? ? ? ? ? ? Aimless ? ? ? .        2 
? 'data reduction' ? ? ? ? ? ? ? ? ? ? ? iMOSFLM ? ? ? .        3 
? phasing          ? ? ? ? ? ? ? ? ? ? ? MOLREP  ? ? ? .        4 
# 
_cell.angle_alpha                  90.00 
_cell.angle_alpha_esd              ? 
_cell.angle_beta                   90.00 
_cell.angle_beta_esd               ? 
_cell.angle_gamma                  90.00 
_cell.angle_gamma_esd              ? 
_cell.entry_id                     9JUY 
_cell.details                      ? 
_cell.formula_units_Z              ? 
_cell.length_a                     48.450 
_cell.length_a_esd                 ? 
_cell.length_b                     56.350 
_cell.length_b_esd                 ? 
_cell.length_c                     114.644 
_cell.length_c_esd                 ? 
_cell.volume                       ? 
_cell.volume_esd                   ? 
_cell.Z_PDB                        8 
_cell.reciprocal_angle_alpha       ? 
_cell.reciprocal_angle_beta        ? 
_cell.reciprocal_angle_gamma       ? 
_cell.reciprocal_angle_alpha_esd   ? 
_cell.reciprocal_angle_beta_esd    ? 
_cell.reciprocal_angle_gamma_esd   ? 
_cell.reciprocal_length_a          ? 
_cell.reciprocal_length_b          ? 
_cell.reciprocal_length_c          ? 
_cell.reciprocal_length_a_esd      ? 
_cell.reciprocal_length_b_esd      ? 
_cell.reciprocal_length_c_esd      ? 
_cell.pdbx_unique_axis             ? 
_cell.pdbx_esd_method              ? 
# 
_symmetry.entry_id                         9JUY 
_symmetry.cell_setting                     ? 
_symmetry.Int_Tables_number                23 
_symmetry.space_group_name_Hall            ? 
_symmetry.space_group_name_H-M             'I 2 2 2' 
_symmetry.pdbx_full_space_group_name_H-M   ? 
# 
_exptl.absorpt_coefficient_mu     ? 
_exptl.absorpt_correction_T_max   ? 
_exptl.absorpt_correction_T_min   ? 
_exptl.absorpt_correction_type    ? 
_exptl.absorpt_process_details    ? 
_exptl.entry_id                   9JUY 
_exptl.crystals_number            1 
_exptl.details                    ? 
_exptl.method                     'X-RAY DIFFRACTION' 
_exptl.method_details             ? 
# 
_exptl_crystal.colour                       ? 
_exptl_crystal.density_diffrn               ? 
_exptl_crystal.density_Matthews             2.46 
_exptl_crystal.density_method               ? 
_exptl_crystal.density_percent_sol          50.04 
_exptl_crystal.description                  ? 
_exptl_crystal.F_000                        ? 
_exptl_crystal.id                           1 
_exptl_crystal.preparation                  ? 
_exptl_crystal.size_max                     ? 
_exptl_crystal.size_mid                     ? 
_exptl_crystal.size_min                     ? 
_exptl_crystal.size_rad                     ? 
_exptl_crystal.colour_lustre                ? 
_exptl_crystal.colour_modifier              ? 
_exptl_crystal.colour_primary               ? 
_exptl_crystal.density_meas                 ? 
_exptl_crystal.density_meas_esd             ? 
_exptl_crystal.density_meas_gt              ? 
_exptl_crystal.density_meas_lt              ? 
_exptl_crystal.density_meas_temp            ? 
_exptl_crystal.density_meas_temp_esd        ? 
_exptl_crystal.density_meas_temp_gt         ? 
_exptl_crystal.density_meas_temp_lt         ? 
_exptl_crystal.pdbx_crystal_image_url       ? 
_exptl_crystal.pdbx_crystal_image_format    ? 
_exptl_crystal.pdbx_mosaicity               ? 
_exptl_crystal.pdbx_mosaicity_esd           ? 
_exptl_crystal.pdbx_mosaic_method           ? 
_exptl_crystal.pdbx_mosaic_block_size       ? 
_exptl_crystal.pdbx_mosaic_block_size_esd   ? 
# 
_exptl_crystal_grow.apparatus       ? 
_exptl_crystal_grow.atmosphere      ? 
_exptl_crystal_grow.crystal_id      1 
_exptl_crystal_grow.details         ? 
_exptl_crystal_grow.method          'VAPOR DIFFUSION, SITTING DROP' 
_exptl_crystal_grow.method_ref      ? 
_exptl_crystal_grow.pH              ? 
_exptl_crystal_grow.pressure        ? 
_exptl_crystal_grow.pressure_esd    ? 
_exptl_crystal_grow.seeding         ? 
_exptl_crystal_grow.seeding_ref     ? 
_exptl_crystal_grow.temp_details    ? 
_exptl_crystal_grow.temp_esd        ? 
_exptl_crystal_grow.time            ? 
_exptl_crystal_grow.pdbx_details    '0.2 M Sodium citrate tribasic dihydrate, 20% w/v Polyethylene glycol 3,350' 
_exptl_crystal_grow.pdbx_pH_range   ? 
_exptl_crystal_grow.temp            277 
# 
_diffrn.ambient_environment              ? 
_diffrn.ambient_temp                     80 
_diffrn.ambient_temp_details             ? 
_diffrn.ambient_temp_esd                 ? 
_diffrn.crystal_id                       1 
_diffrn.crystal_support                  ? 
_diffrn.crystal_treatment                ? 
_diffrn.details                          ? 
_diffrn.id                               1 
_diffrn.ambient_pressure                 ? 
_diffrn.ambient_pressure_esd             ? 
_diffrn.ambient_pressure_gt              ? 
_diffrn.ambient_pressure_lt              ? 
_diffrn.ambient_temp_gt                  ? 
_diffrn.ambient_temp_lt                  ? 
_diffrn.pdbx_serial_crystal_experiment   N 
# 
_diffrn_detector.details                      ? 
_diffrn_detector.detector                     PIXEL 
_diffrn_detector.diffrn_id                    1 
_diffrn_detector.type                         'DECTRIS PILATUS3 6M' 
_diffrn_detector.area_resol_mean              ? 
_diffrn_detector.dtime                        ? 
_diffrn_detector.pdbx_frames_total            ? 
_diffrn_detector.pdbx_collection_time_total   ? 
_diffrn_detector.pdbx_collection_date         2020-04-23 
_diffrn_detector.pdbx_frequency               ? 
_diffrn_detector.id                           ? 
_diffrn_detector.number_of_axes               ? 
# 
_diffrn_radiation.collimation                      ? 
_diffrn_radiation.diffrn_id                        1 
_diffrn_radiation.filter_edge                      ? 
_diffrn_radiation.inhomogeneity                    ? 
_diffrn_radiation.monochromator                    ? 
_diffrn_radiation.polarisn_norm                    ? 
_diffrn_radiation.polarisn_ratio                   ? 
_diffrn_radiation.probe                            ? 
_diffrn_radiation.type                             ? 
_diffrn_radiation.xray_symbol                      ? 
_diffrn_radiation.wavelength_id                    1 
_diffrn_radiation.pdbx_monochromatic_or_laue_m_l   M 
_diffrn_radiation.pdbx_wavelength_list             ? 
_diffrn_radiation.pdbx_wavelength                  ? 
_diffrn_radiation.pdbx_diffrn_protocol             'SINGLE WAVELENGTH' 
_diffrn_radiation.pdbx_analyzer                    ? 
_diffrn_radiation.pdbx_scattering_type             x-ray 
# 
_diffrn_radiation_wavelength.id           1 
_diffrn_radiation_wavelength.wavelength   0.97852 
_diffrn_radiation_wavelength.wt           1.0 
# 
_diffrn_source.current                     ? 
_diffrn_source.details                     ? 
_diffrn_source.diffrn_id                   1 
_diffrn_source.power                       ? 
_diffrn_source.size                        ? 
_diffrn_source.source                      SYNCHROTRON 
_diffrn_source.target                      ? 
_diffrn_source.type                        'SSRF BEAMLINE BL19U1' 
_diffrn_source.voltage                     ? 
_diffrn_source.take-off_angle              ? 
_diffrn_source.pdbx_wavelength_list        0.97852 
_diffrn_source.pdbx_wavelength             ? 
_diffrn_source.pdbx_synchrotron_beamline   BL19U1 
_diffrn_source.pdbx_synchrotron_site       SSRF 
# 
_reflns.B_iso_Wilson_estimate                          ? 
_reflns.entry_id                                       9JUY 
_reflns.data_reduction_details                         ? 
_reflns.data_reduction_method                          ? 
_reflns.d_resolution_high                              1.42 
_reflns.d_resolution_low                               57.32 
_reflns.details                                        ? 
_reflns.limit_h_max                                    ? 
_reflns.limit_h_min                                    ? 
_reflns.limit_k_max                                    ? 
_reflns.limit_k_min                                    ? 
_reflns.limit_l_max                                    ? 
_reflns.limit_l_min                                    ? 
_reflns.number_all                                     ? 
_reflns.number_obs                                     29862 
_reflns.observed_criterion                             ? 
_reflns.observed_criterion_F_max                       ? 
_reflns.observed_criterion_F_min                       ? 
_reflns.observed_criterion_I_max                       ? 
_reflns.observed_criterion_I_min                       ? 
_reflns.observed_criterion_sigma_F                     ? 
_reflns.observed_criterion_sigma_I                     ? 
_reflns.percent_possible_obs                           99.6 
_reflns.R_free_details                                 ? 
_reflns.Rmerge_F_all                                   ? 
_reflns.Rmerge_F_obs                                   ? 
_reflns.Friedel_coverage                               ? 
_reflns.number_gt                                      ? 
_reflns.threshold_expression                           ? 
_reflns.pdbx_redundancy                                11.5 
_reflns.pdbx_netI_over_av_sigmaI                       ? 
_reflns.pdbx_netI_over_sigmaI                          14.3 
_reflns.pdbx_res_netI_over_av_sigmaI_2                 ? 
_reflns.pdbx_res_netI_over_sigmaI_2                    ? 
_reflns.pdbx_chi_squared                               ? 
_reflns.pdbx_scaling_rejects                           ? 
_reflns.pdbx_d_res_high_opt                            ? 
_reflns.pdbx_d_res_low_opt                             ? 
_reflns.pdbx_d_res_opt_method                          ? 
_reflns.phase_calculation_details                      ? 
_reflns.pdbx_Rrim_I_all                                0.084 
_reflns.pdbx_Rpim_I_all                                0.024 
_reflns.pdbx_d_opt                                     ? 
_reflns.pdbx_number_measured_all                       344567 
_reflns.pdbx_diffrn_id                                 1 
_reflns.pdbx_ordinal                                   1 
_reflns.pdbx_CC_half                                   0.998 
_reflns.pdbx_CC_star                                   ? 
_reflns.pdbx_R_split                                   ? 
_reflns.pdbx_Rmerge_I_obs                              0.080 
_reflns.pdbx_Rmerge_I_all                              ? 
_reflns.pdbx_Rsym_value                                ? 
_reflns.pdbx_CC_split_method                           ? 
_reflns.pdbx_aniso_diffraction_limit_axis_1_ortho[1]   ? 
_reflns.pdbx_aniso_diffraction_limit_axis_1_ortho[2]   ? 
_reflns.pdbx_aniso_diffraction_limit_axis_1_ortho[3]   ? 
_reflns.pdbx_aniso_diffraction_limit_axis_2_ortho[1]   ? 
_reflns.pdbx_aniso_diffraction_limit_axis_2_ortho[2]   ? 
_reflns.pdbx_aniso_diffraction_limit_axis_2_ortho[3]   ? 
_reflns.pdbx_aniso_diffraction_limit_axis_3_ortho[1]   ? 
_reflns.pdbx_aniso_diffraction_limit_axis_3_ortho[2]   ? 
_reflns.pdbx_aniso_diffraction_limit_axis_3_ortho[3]   ? 
_reflns.pdbx_aniso_diffraction_limit_1                 ? 
_reflns.pdbx_aniso_diffraction_limit_2                 ? 
_reflns.pdbx_aniso_diffraction_limit_3                 ? 
_reflns.pdbx_aniso_B_tensor_eigenvector_1_ortho[1]     ? 
_reflns.pdbx_aniso_B_tensor_eigenvector_1_ortho[2]     ? 
_reflns.pdbx_aniso_B_tensor_eigenvector_1_ortho[3]     ? 
_reflns.pdbx_aniso_B_tensor_eigenvector_2_ortho[1]     ? 
_reflns.pdbx_aniso_B_tensor_eigenvector_2_ortho[2]     ? 
_reflns.pdbx_aniso_B_tensor_eigenvector_2_ortho[3]     ? 
_reflns.pdbx_aniso_B_tensor_eigenvector_3_ortho[1]     ? 
_reflns.pdbx_aniso_B_tensor_eigenvector_3_ortho[2]     ? 
_reflns.pdbx_aniso_B_tensor_eigenvector_3_ortho[3]     ? 
_reflns.pdbx_aniso_B_tensor_eigenvalue_1               ? 
_reflns.pdbx_aniso_B_tensor_eigenvalue_2               ? 
_reflns.pdbx_aniso_B_tensor_eigenvalue_3               ? 
_reflns.pdbx_orthogonalization_convention              ? 
_reflns.pdbx_percent_possible_ellipsoidal              ? 
_reflns.pdbx_percent_possible_spherical                ? 
_reflns.pdbx_percent_possible_ellipsoidal_anomalous    ? 
_reflns.pdbx_percent_possible_spherical_anomalous      ? 
_reflns.pdbx_redundancy_anomalous                      ? 
_reflns.pdbx_CC_half_anomalous                         ? 
_reflns.pdbx_absDiff_over_sigma_anomalous              ? 
_reflns.pdbx_percent_possible_anomalous                ? 
_reflns.pdbx_observed_signal_threshold                 ? 
_reflns.pdbx_signal_type                               ? 
_reflns.pdbx_signal_details                            ? 
_reflns.pdbx_signal_software_id                        ? 
# 
_reflns_shell.d_res_high                                    1.42 
_reflns_shell.d_res_low                                     1.45 
_reflns_shell.meanI_over_sigI_all                           ? 
_reflns_shell.meanI_over_sigI_obs                           ? 
_reflns_shell.number_measured_all                           17036 
_reflns_shell.number_measured_obs                           ? 
_reflns_shell.number_possible                               ? 
_reflns_shell.number_unique_all                             ? 
_reflns_shell.number_unique_obs                             1451 
_reflns_shell.percent_possible_obs                          99.9 
_reflns_shell.Rmerge_F_all                                  ? 
_reflns_shell.Rmerge_F_obs                                  ? 
_reflns_shell.meanI_over_sigI_gt                            ? 
_reflns_shell.meanI_over_uI_all                             ? 
_reflns_shell.meanI_over_uI_gt                              ? 
_reflns_shell.number_measured_gt                            ? 
_reflns_shell.number_unique_gt                              ? 
_reflns_shell.percent_possible_gt                           ? 
_reflns_shell.Rmerge_F_gt                                   ? 
_reflns_shell.Rmerge_I_gt                                   ? 
_reflns_shell.pdbx_redundancy                               11.7 
_reflns_shell.pdbx_chi_squared                              ? 
_reflns_shell.pdbx_netI_over_sigmaI_all                     ? 
_reflns_shell.pdbx_netI_over_sigmaI_obs                     2.5 
_reflns_shell.pdbx_Rrim_I_all                               0.912 
_reflns_shell.pdbx_Rpim_I_all                               0.262 
_reflns_shell.pdbx_rejects                                  ? 
_reflns_shell.pdbx_ordinal                                  1 
_reflns_shell.pdbx_diffrn_id                                1 
_reflns_shell.pdbx_CC_half                                  0.850 
_reflns_shell.pdbx_CC_star                                  ? 
_reflns_shell.pdbx_R_split                                  ? 
_reflns_shell.percent_possible_all                          ? 
_reflns_shell.Rmerge_I_all                                  ? 
_reflns_shell.Rmerge_I_obs                                  0.872 
_reflns_shell.pdbx_Rsym_value                               ? 
_reflns_shell.pdbx_percent_possible_ellipsoidal             ? 
_reflns_shell.pdbx_percent_possible_spherical               ? 
_reflns_shell.pdbx_percent_possible_ellipsoidal_anomalous   ? 
_reflns_shell.pdbx_percent_possible_spherical_anomalous     ? 
_reflns_shell.pdbx_redundancy_anomalous                     ? 
_reflns_shell.pdbx_CC_half_anomalous                        ? 
_reflns_shell.pdbx_absDiff_over_sigma_anomalous             ? 
_reflns_shell.pdbx_percent_possible_anomalous               ? 
# 
_refine.aniso_B[1][1]                            -1.15 
_refine.aniso_B[1][2]                            -0.00 
_refine.aniso_B[1][3]                            0.00 
_refine.aniso_B[2][2]                            2.15 
_refine.aniso_B[2][3]                            0.00 
_refine.aniso_B[3][3]                            -1.00 
_refine.B_iso_max                                ? 
_refine.B_iso_mean                               22.299 
_refine.B_iso_min                                ? 
_refine.correlation_coeff_Fo_to_Fc               0.965 
_refine.correlation_coeff_Fo_to_Fc_free          0.957 
_refine.details                                  'HYDROGENS HAVE BEEN ADDED IN THE RIDING POSITIONS' 
_refine.diff_density_max                         ? 
_refine.diff_density_max_esd                     ? 
_refine.diff_density_min                         ? 
_refine.diff_density_min_esd                     ? 
_refine.diff_density_rms                         ? 
_refine.diff_density_rms_esd                     ? 
_refine.entry_id                                 9JUY 
_refine.pdbx_refine_id                           'X-RAY DIFFRACTION' 
_refine.ls_abs_structure_details                 ? 
_refine.ls_abs_structure_Flack                   ? 
_refine.ls_abs_structure_Flack_esd               ? 
_refine.ls_abs_structure_Rogers                  ? 
_refine.ls_abs_structure_Rogers_esd              ? 
_refine.ls_d_res_high                            1.42 
_refine.ls_d_res_low                             50.62 
_refine.ls_extinction_coef                       ? 
_refine.ls_extinction_coef_esd                   ? 
_refine.ls_extinction_expression                 ? 
_refine.ls_extinction_method                     ? 
_refine.ls_goodness_of_fit_all                   ? 
_refine.ls_goodness_of_fit_all_esd               ? 
_refine.ls_goodness_of_fit_obs                   ? 
_refine.ls_goodness_of_fit_obs_esd               ? 
_refine.ls_hydrogen_treatment                    ? 
_refine.ls_matrix_type                           ? 
_refine.ls_number_constraints                    ? 
_refine.ls_number_parameters                     ? 
_refine.ls_number_reflns_all                     ? 
_refine.ls_number_reflns_obs                     28292 
_refine.ls_number_reflns_R_free                  1557 
_refine.ls_number_reflns_R_work                  ? 
_refine.ls_number_restraints                     ? 
_refine.ls_percent_reflns_obs                    99.47 
_refine.ls_percent_reflns_R_free                 5.2 
_refine.ls_R_factor_all                          ? 
_refine.ls_R_factor_obs                          0.20103 
_refine.ls_R_factor_R_free                       0.22655 
_refine.ls_R_factor_R_free_error                 ? 
_refine.ls_R_factor_R_free_error_details         ? 
_refine.ls_R_factor_R_work                       0.19964 
_refine.ls_R_Fsqd_factor_obs                     ? 
_refine.ls_R_I_factor_obs                        ? 
_refine.ls_redundancy_reflns_all                 ? 
_refine.ls_redundancy_reflns_obs                 ? 
_refine.ls_restrained_S_all                      ? 
_refine.ls_restrained_S_obs                      ? 
_refine.ls_shift_over_esd_max                    ? 
_refine.ls_shift_over_esd_mean                   ? 
_refine.ls_structure_factor_coef                 ? 
_refine.ls_weighting_details                     ? 
_refine.ls_weighting_scheme                      ? 
_refine.ls_wR_factor_all                         ? 
_refine.ls_wR_factor_obs                         ? 
_refine.ls_wR_factor_R_free                      ? 
_refine.ls_wR_factor_R_work                      ? 
_refine.occupancy_max                            ? 
_refine.occupancy_min                            ? 
_refine.solvent_model_details                    MASK 
_refine.solvent_model_param_bsol                 ? 
_refine.solvent_model_param_ksol                 ? 
_refine.pdbx_R_complete                          ? 
_refine.ls_R_factor_gt                           ? 
_refine.ls_goodness_of_fit_gt                    ? 
_refine.ls_goodness_of_fit_ref                   ? 
_refine.ls_shift_over_su_max                     ? 
_refine.ls_shift_over_su_max_lt                  ? 
_refine.ls_shift_over_su_mean                    ? 
_refine.ls_shift_over_su_mean_lt                 ? 
_refine.pdbx_ls_sigma_I                          ? 
_refine.pdbx_ls_sigma_F                          ? 
_refine.pdbx_ls_sigma_Fsqd                       ? 
_refine.pdbx_data_cutoff_high_absF               ? 
_refine.pdbx_data_cutoff_high_rms_absF           ? 
_refine.pdbx_data_cutoff_low_absF                ? 
_refine.pdbx_isotropic_thermal_model             ? 
_refine.pdbx_ls_cross_valid_method               THROUGHOUT 
_refine.pdbx_method_to_determine_struct          'MOLECULAR REPLACEMENT' 
_refine.pdbx_starting_model                      5XXH 
_refine.pdbx_stereochemistry_target_values       'MAXIMUM LIKELIHOOD' 
_refine.pdbx_R_Free_selection_details            RANDOM 
_refine.pdbx_stereochem_target_val_spec_case     ? 
_refine.pdbx_overall_ESU_R                       0.063 
_refine.pdbx_overall_ESU_R_Free                  0.066 
_refine.pdbx_solvent_vdw_probe_radii             1.20 
_refine.pdbx_solvent_ion_probe_radii             0.80 
_refine.pdbx_solvent_shrinkage_radii             0.80 
_refine.pdbx_real_space_R                        ? 
_refine.pdbx_density_correlation                 ? 
_refine.pdbx_pd_number_of_powder_patterns        ? 
_refine.pdbx_pd_number_of_points                 ? 
_refine.pdbx_pd_meas_number_of_points            ? 
_refine.pdbx_pd_proc_ls_prof_R_factor            ? 
_refine.pdbx_pd_proc_ls_prof_wR_factor           ? 
_refine.pdbx_pd_Marquardt_correlation_coeff      ? 
_refine.pdbx_pd_Fsqrd_R_factor                   ? 
_refine.pdbx_pd_ls_matrix_band_width             ? 
_refine.pdbx_overall_phase_error                 ? 
_refine.pdbx_overall_SU_R_free_Cruickshank_DPI   ? 
_refine.pdbx_overall_SU_R_free_Blow_DPI          ? 
_refine.pdbx_overall_SU_R_Blow_DPI               ? 
_refine.pdbx_TLS_residual_ADP_flag               ? 
_refine.pdbx_diffrn_id                           1 
_refine.overall_SU_B                             1.357 
_refine.overall_SU_ML                            0.052 
_refine.overall_SU_R_Cruickshank_DPI             ? 
_refine.overall_SU_R_free                        ? 
_refine.overall_FOM_free_R_set                   ? 
_refine.overall_FOM_work_R_set                   ? 
_refine.pdbx_average_fsc_overall                 ? 
_refine.pdbx_average_fsc_work                    ? 
_refine.pdbx_average_fsc_free                    ? 
# 
_refine_hist.pdbx_refine_id                   'X-RAY DIFFRACTION' 
_refine_hist.cycle_id                         1 
_refine_hist.details                          ? 
_refine_hist.d_res_high                       1.42 
_refine_hist.d_res_low                        50.62 
_refine_hist.number_atoms_solvent             84 
_refine_hist.number_atoms_total               1109 
_refine_hist.number_reflns_all                ? 
_refine_hist.number_reflns_obs                ? 
_refine_hist.number_reflns_R_free             ? 
_refine_hist.number_reflns_R_work             ? 
_refine_hist.R_factor_all                     ? 
_refine_hist.R_factor_obs                     ? 
_refine_hist.R_factor_R_free                  ? 
_refine_hist.R_factor_R_work                  ? 
_refine_hist.pdbx_number_residues_total       ? 
_refine_hist.pdbx_B_iso_mean_ligand           ? 
_refine_hist.pdbx_B_iso_mean_solvent          ? 
_refine_hist.pdbx_number_atoms_protein        982 
_refine_hist.pdbx_number_atoms_nucleic_acid   0 
_refine_hist.pdbx_number_atoms_ligand         43 
_refine_hist.pdbx_number_atoms_lipid          ? 
_refine_hist.pdbx_number_atoms_carb           ? 
_refine_hist.pdbx_pseudo_atom_details         ? 
# 
loop_
_refine_ls_restr.pdbx_refine_id 
_refine_ls_restr.criterion 
_refine_ls_restr.dev_ideal 
_refine_ls_restr.dev_ideal_target 
_refine_ls_restr.number 
_refine_ls_restr.rejects 
_refine_ls_restr.type 
_refine_ls_restr.weight 
_refine_ls_restr.pdbx_restraint_function 
'X-RAY DIFFRACTION' ? 0.012  0.013  1088 ? r_bond_refined_d             ? ? 
'X-RAY DIFFRACTION' ? 0.003  0.018  996  ? r_bond_other_d               ? ? 
'X-RAY DIFFRACTION' ? 1.627  1.723  1482 ? r_angle_refined_deg          ? ? 
'X-RAY DIFFRACTION' ? 1.525  1.639  2325 ? r_angle_other_deg            ? ? 
'X-RAY DIFFRACTION' ? 5.579  5.000  122  ? r_dihedral_angle_1_deg       ? ? 
'X-RAY DIFFRACTION' ? 40.101 22.951 61   ? r_dihedral_angle_2_deg       ? ? 
'X-RAY DIFFRACTION' ? 12.689 15.000 187  ? r_dihedral_angle_3_deg       ? ? 
'X-RAY DIFFRACTION' ? 9.039  15.000 7    ? r_dihedral_angle_4_deg       ? ? 
'X-RAY DIFFRACTION' ? 0.084  0.200  128  ? r_chiral_restr               ? ? 
'X-RAY DIFFRACTION' ? 0.009  0.020  1188 ? r_gen_planes_refined         ? ? 
'X-RAY DIFFRACTION' ? 0.002  0.020  226  ? r_gen_planes_other           ? ? 
'X-RAY DIFFRACTION' ? ?      ?      ?    ? r_nbd_refined                ? ? 
'X-RAY DIFFRACTION' ? ?      ?      ?    ? r_nbd_other                  ? ? 
'X-RAY DIFFRACTION' ? ?      ?      ?    ? r_nbtor_refined              ? ? 
'X-RAY DIFFRACTION' ? ?      ?      ?    ? r_nbtor_other                ? ? 
'X-RAY DIFFRACTION' ? ?      ?      ?    ? r_xyhbond_nbd_refined        ? ? 
'X-RAY DIFFRACTION' ? ?      ?      ?    ? r_xyhbond_nbd_other          ? ? 
'X-RAY DIFFRACTION' ? ?      ?      ?    ? r_metal_ion_refined          ? ? 
'X-RAY DIFFRACTION' ? ?      ?      ?    ? r_metal_ion_other            ? ? 
'X-RAY DIFFRACTION' ? ?      ?      ?    ? r_symmetry_vdw_refined       ? ? 
'X-RAY DIFFRACTION' ? ?      ?      ?    ? r_symmetry_vdw_other         ? ? 
'X-RAY DIFFRACTION' ? ?      ?      ?    ? r_symmetry_hbond_refined     ? ? 
'X-RAY DIFFRACTION' ? ?      ?      ?    ? r_symmetry_hbond_other       ? ? 
'X-RAY DIFFRACTION' ? ?      ?      ?    ? r_symmetry_metal_ion_refined ? ? 
'X-RAY DIFFRACTION' ? ?      ?      ?    ? r_symmetry_metal_ion_other   ? ? 
'X-RAY DIFFRACTION' ? 1.620  2.137  482  ? r_mcbond_it                  ? ? 
'X-RAY DIFFRACTION' ? 1.593  2.125  480  ? r_mcbond_other               ? ? 
'X-RAY DIFFRACTION' ? 2.415  3.196  606  ? r_mcangle_it                 ? ? 
'X-RAY DIFFRACTION' ? 2.400  3.195  606  ? r_mcangle_other              ? ? 
'X-RAY DIFFRACTION' ? 2.488  2.429  604  ? r_scbond_it                  ? ? 
'X-RAY DIFFRACTION' ? 2.489  2.433  605  ? r_scbond_other               ? ? 
'X-RAY DIFFRACTION' ? ?      ?      ?    ? r_scangle_it                 ? ? 
'X-RAY DIFFRACTION' ? 3.863  3.537  876  ? r_scangle_other              ? ? 
'X-RAY DIFFRACTION' ? 5.101  24.962 1288 ? r_long_range_B_refined       ? ? 
'X-RAY DIFFRACTION' ? 5.100  24.991 1289 ? r_long_range_B_other         ? ? 
'X-RAY DIFFRACTION' ? ?      ?      ?    ? r_rigid_bond_restr           ? ? 
'X-RAY DIFFRACTION' ? ?      ?      ?    ? r_sphericity_free            ? ? 
'X-RAY DIFFRACTION' ? ?      ?      ?    ? r_sphericity_bonded          ? ? 
# 
_refine_ls_shell.pdbx_refine_id                   'X-RAY DIFFRACTION' 
_refine_ls_shell.d_res_high                       1.421 
_refine_ls_shell.d_res_low                        1.458 
_refine_ls_shell.number_reflns_all                ? 
_refine_ls_shell.number_reflns_obs                ? 
_refine_ls_shell.number_reflns_R_free             124 
_refine_ls_shell.number_reflns_R_work             2062 
_refine_ls_shell.percent_reflns_obs               99.77 
_refine_ls_shell.percent_reflns_R_free            ? 
_refine_ls_shell.R_factor_all                     ? 
_refine_ls_shell.R_factor_obs                     ? 
_refine_ls_shell.R_factor_R_free_error            ? 
_refine_ls_shell.R_factor_R_work                  0.300 
_refine_ls_shell.redundancy_reflns_all            ? 
_refine_ls_shell.redundancy_reflns_obs            ? 
_refine_ls_shell.wR_factor_all                    ? 
_refine_ls_shell.wR_factor_obs                    ? 
_refine_ls_shell.wR_factor_R_free                 ? 
_refine_ls_shell.wR_factor_R_work                 ? 
_refine_ls_shell.pdbx_R_complete                  ? 
_refine_ls_shell.pdbx_total_number_of_bins_used   20 
_refine_ls_shell.pdbx_phase_error                 ? 
_refine_ls_shell.pdbx_fsc_work                    ? 
_refine_ls_shell.pdbx_fsc_free                    ? 
_refine_ls_shell.R_factor_R_free                  0.276 
# 
_struct.entry_id                     9JUY 
_struct.title                        'X-ray crystal structure of Y16513 in CBP' 
_struct.pdbx_model_details           ? 
_struct.pdbx_formula_weight          ? 
_struct.pdbx_formula_weight_method   ? 
_struct.pdbx_model_type_details      ? 
_struct.pdbx_CASP_flag               N 
# 
_struct_keywords.entry_id        9JUY 
_struct_keywords.text            'CBP, Bromodomain, PROTEIN BINDING' 
_struct_keywords.pdbx_keywords   'PROTEIN BINDING' 
# 
loop_
_struct_asym.id 
_struct_asym.pdbx_blank_PDB_chainid_flag 
_struct_asym.pdbx_modified 
_struct_asym.entity_id 
_struct_asym.details 
A N N 1 ? 
B N N 2 ? 
C N N 3 ? 
D N N 4 ? 
# 
_struct_ref.id                         1 
_struct_ref.db_name                    UNP 
_struct_ref.db_code                    CBP_HUMAN 
_struct_ref.pdbx_db_accession          Q92793 
_struct_ref.pdbx_db_isoform            ? 
_struct_ref.entity_id                  1 
_struct_ref.pdbx_seq_one_letter_code   
;RKKIFKPEELRQALMPTLEALYRQDPESLPFRQPVDPQLLGIPDYFDIVKNPMDLSTIKRKLDTGQYQEPWQYVDDVWLM
FNNAWLYNRKTSRVYKFCSKLAEVFEQEIDPVMQSLG
;
_struct_ref.pdbx_align_begin           1081 
# 
_struct_ref_seq.align_id                      1 
_struct_ref_seq.ref_id                        1 
_struct_ref_seq.pdbx_PDB_id_code              9JUY 
_struct_ref_seq.pdbx_strand_id                A 
_struct_ref_seq.seq_align_beg                 17 
_struct_ref_seq.pdbx_seq_align_beg_ins_code   ? 
_struct_ref_seq.seq_align_end                 133 
_struct_ref_seq.pdbx_seq_align_end_ins_code   ? 
_struct_ref_seq.pdbx_db_accession             Q92793 
_struct_ref_seq.db_align_beg                  1081 
_struct_ref_seq.pdbx_db_align_beg_ins_code    ? 
_struct_ref_seq.db_align_end                  1197 
_struct_ref_seq.pdbx_db_align_end_ins_code    ? 
_struct_ref_seq.pdbx_auth_seq_align_beg       1081 
_struct_ref_seq.pdbx_auth_seq_align_end       1197 
# 
loop_
_struct_ref_seq_dif.align_id 
_struct_ref_seq_dif.pdbx_pdb_id_code 
_struct_ref_seq_dif.mon_id 
_struct_ref_seq_dif.pdbx_pdb_strand_id 
_struct_ref_seq_dif.seq_num 
_struct_ref_seq_dif.pdbx_pdb_ins_code 
_struct_ref_seq_dif.pdbx_seq_db_name 
_struct_ref_seq_dif.pdbx_seq_db_accession_code 
_struct_ref_seq_dif.db_mon_id 
_struct_ref_seq_dif.pdbx_seq_db_seq_num 
_struct_ref_seq_dif.details 
_struct_ref_seq_dif.pdbx_auth_seq_num 
_struct_ref_seq_dif.pdbx_ordinal 
1 9JUY MET A 1  ? UNP Q92793 ? ? 'initiating methionine' 1065 1  
1 9JUY LYS A 2  ? UNP Q92793 ? ? 'expression tag'        1066 2  
1 9JUY LYS A 3  ? UNP Q92793 ? ? 'expression tag'        1067 3  
1 9JUY GLY A 4  ? UNP Q92793 ? ? 'expression tag'        1068 4  
1 9JUY HIS A 5  ? UNP Q92793 ? ? 'expression tag'        1069 5  
1 9JUY HIS A 6  ? UNP Q92793 ? ? 'expression tag'        1070 6  
1 9JUY HIS A 7  ? UNP Q92793 ? ? 'expression tag'        1071 7  
1 9JUY HIS A 8  ? UNP Q92793 ? ? 'expression tag'        1072 8  
1 9JUY HIS A 9  ? UNP Q92793 ? ? 'expression tag'        1073 9  
1 9JUY HIS A 10 ? UNP Q92793 ? ? 'expression tag'        1074 10 
1 9JUY LEU A 11 ? UNP Q92793 ? ? 'expression tag'        1075 11 
1 9JUY VAL A 12 ? UNP Q92793 ? ? 'expression tag'        1076 12 
1 9JUY PRO A 13 ? UNP Q92793 ? ? 'expression tag'        1077 13 
1 9JUY ARG A 14 ? UNP Q92793 ? ? 'expression tag'        1078 14 
1 9JUY GLY A 15 ? UNP Q92793 ? ? 'expression tag'        1079 15 
1 9JUY SER A 16 ? UNP Q92793 ? ? 'expression tag'        1080 16 
# 
_pdbx_struct_assembly.id                   1 
_pdbx_struct_assembly.details              author_defined_assembly 
_pdbx_struct_assembly.method_details       ? 
_pdbx_struct_assembly.oligomeric_details   monomeric 
_pdbx_struct_assembly.oligomeric_count     1 
# 
_pdbx_struct_assembly_gen.assembly_id       1 
_pdbx_struct_assembly_gen.oper_expression   1 
_pdbx_struct_assembly_gen.asym_id_list      A,B,C,D 
# 
_pdbx_struct_assembly_auth_evidence.id                     1 
_pdbx_struct_assembly_auth_evidence.assembly_id            1 
_pdbx_struct_assembly_auth_evidence.experimental_support   none 
_pdbx_struct_assembly_auth_evidence.details                ? 
# 
_pdbx_struct_oper_list.id                   1 
_pdbx_struct_oper_list.type                 'identity operation' 
_pdbx_struct_oper_list.name                 1_555 
_pdbx_struct_oper_list.symmetry_operation   x,y,z 
_pdbx_struct_oper_list.matrix[1][1]         1.0000000000 
_pdbx_struct_oper_list.matrix[1][2]         0.0000000000 
_pdbx_struct_oper_list.matrix[1][3]         0.0000000000 
_pdbx_struct_oper_list.vector[1]            0.0000000000 
_pdbx_struct_oper_list.matrix[2][1]         0.0000000000 
_pdbx_struct_oper_list.matrix[2][2]         1.0000000000 
_pdbx_struct_oper_list.matrix[2][3]         0.0000000000 
_pdbx_struct_oper_list.vector[2]            0.0000000000 
_pdbx_struct_oper_list.matrix[3][1]         0.0000000000 
_pdbx_struct_oper_list.matrix[3][2]         0.0000000000 
_pdbx_struct_oper_list.matrix[3][3]         1.0000000000 
_pdbx_struct_oper_list.vector[3]            0.0000000000 
# 
loop_
_struct_conf.conf_type_id 
_struct_conf.id 
_struct_conf.pdbx_PDB_helix_id 
_struct_conf.beg_label_comp_id 
_struct_conf.beg_label_asym_id 
_struct_conf.beg_label_seq_id 
_struct_conf.pdbx_beg_PDB_ins_code 
_struct_conf.end_label_comp_id 
_struct_conf.end_label_asym_id 
_struct_conf.end_label_seq_id 
_struct_conf.pdbx_end_PDB_ins_code 
_struct_conf.beg_auth_comp_id 
_struct_conf.beg_auth_asym_id 
_struct_conf.beg_auth_seq_id 
_struct_conf.end_auth_comp_id 
_struct_conf.end_auth_asym_id 
_struct_conf.end_auth_seq_id 
_struct_conf.pdbx_PDB_helix_class 
_struct_conf.details 
_struct_conf.pdbx_PDB_helix_length 
HELX_P HELX_P1 AA1 LYS A 22  ? ARG A 39  ? LYS A 1086 ARG A 1103 1 ? 18 
HELX_P HELX_P2 AA2 SER A 44  ? ARG A 48  ? SER A 1108 ARG A 1112 5 ? 5  
HELX_P HELX_P3 AA3 ASP A 52  ? GLY A 57  ? ASP A 1116 GLY A 1121 1 ? 6  
HELX_P HELX_P4 AA4 ASP A 60  ? VAL A 65  ? ASP A 1124 VAL A 1129 1 ? 6  
HELX_P HELX_P5 AA5 ASP A 70  ? THR A 80  ? ASP A 1134 THR A 1144 1 ? 11 
HELX_P HELX_P6 AA6 GLU A 85  ? ASN A 104 ? GLU A 1149 ASN A 1168 1 ? 20 
HELX_P HELX_P7 AA7 SER A 108 ? GLY A 133 ? SER A 1172 GLY A 1197 1 ? 26 
# 
_struct_conf_type.id          HELX_P 
_struct_conf_type.criteria    ? 
_struct_conf_type.reference   ? 
# 
_struct_mon_prot_cis.pdbx_id                1 
_struct_mon_prot_cis.label_comp_id          ASP 
_struct_mon_prot_cis.label_seq_id           41 
_struct_mon_prot_cis.label_asym_id          A 
_struct_mon_prot_cis.label_alt_id           . 
_struct_mon_prot_cis.pdbx_PDB_ins_code      ? 
_struct_mon_prot_cis.auth_comp_id           ASP 
_struct_mon_prot_cis.auth_seq_id            1105 
_struct_mon_prot_cis.auth_asym_id           A 
_struct_mon_prot_cis.pdbx_label_comp_id_2   PRO 
_struct_mon_prot_cis.pdbx_label_seq_id_2    42 
_struct_mon_prot_cis.pdbx_label_asym_id_2   A 
_struct_mon_prot_cis.pdbx_PDB_ins_code_2    ? 
_struct_mon_prot_cis.pdbx_auth_comp_id_2    PRO 
_struct_mon_prot_cis.pdbx_auth_seq_id_2     1106 
_struct_mon_prot_cis.pdbx_auth_asym_id_2    A 
_struct_mon_prot_cis.pdbx_PDB_model_num     1 
_struct_mon_prot_cis.pdbx_omega_angle       12.03 
# 
_pdbx_entry_details.entry_id                   9JUY 
_pdbx_entry_details.nonpolymer_details         ? 
_pdbx_entry_details.sequence_details           ? 
_pdbx_entry_details.compound_details           ? 
_pdbx_entry_details.source_details             ? 
_pdbx_entry_details.has_ligand_of_interest     Y 
_pdbx_entry_details.has_protein_modification   N 
# 
loop_
_pdbx_struct_special_symmetry.id 
_pdbx_struct_special_symmetry.PDB_model_num 
_pdbx_struct_special_symmetry.auth_asym_id 
_pdbx_struct_special_symmetry.auth_comp_id 
_pdbx_struct_special_symmetry.auth_seq_id 
_pdbx_struct_special_symmetry.PDB_ins_code 
_pdbx_struct_special_symmetry.label_asym_id 
_pdbx_struct_special_symmetry.label_comp_id 
_pdbx_struct_special_symmetry.label_seq_id 
1 1 A HOH 1377 ? D HOH . 
2 1 A HOH 1382 ? D HOH . 
# 
loop_
_pdbx_unobs_or_zero_occ_residues.id 
_pdbx_unobs_or_zero_occ_residues.PDB_model_num 
_pdbx_unobs_or_zero_occ_residues.polymer_flag 
_pdbx_unobs_or_zero_occ_residues.occupancy_flag 
_pdbx_unobs_or_zero_occ_residues.auth_asym_id 
_pdbx_unobs_or_zero_occ_residues.auth_comp_id 
_pdbx_unobs_or_zero_occ_residues.auth_seq_id 
_pdbx_unobs_or_zero_occ_residues.PDB_ins_code 
_pdbx_unobs_or_zero_occ_residues.label_asym_id 
_pdbx_unobs_or_zero_occ_residues.label_comp_id 
_pdbx_unobs_or_zero_occ_residues.label_seq_id 
1  1 Y 1 A MET 1065 ? A MET 1  
2  1 Y 1 A LYS 1066 ? A LYS 2  
3  1 Y 1 A LYS 1067 ? A LYS 3  
4  1 Y 1 A GLY 1068 ? A GLY 4  
5  1 Y 1 A HIS 1069 ? A HIS 5  
6  1 Y 1 A HIS 1070 ? A HIS 6  
7  1 Y 1 A HIS 1071 ? A HIS 7  
8  1 Y 1 A HIS 1072 ? A HIS 8  
9  1 Y 1 A HIS 1073 ? A HIS 9  
10 1 Y 1 A HIS 1074 ? A HIS 10 
11 1 Y 1 A LEU 1075 ? A LEU 11 
12 1 Y 1 A VAL 1076 ? A VAL 12 
13 1 Y 1 A PRO 1077 ? A PRO 13 
14 1 Y 1 A ARG 1078 ? A ARG 14 
15 1 Y 1 A GLY 1079 ? A GLY 15 
16 1 Y 1 A SER 1080 ? A SER 16 
# 
loop_
_chem_comp_atom.comp_id 
_chem_comp_atom.atom_id 
_chem_comp_atom.type_symbol 
_chem_comp_atom.pdbx_aromatic_flag 
_chem_comp_atom.pdbx_stereo_config 
_chem_comp_atom.pdbx_ordinal 
A1EDO CAS  C  N N 1   
A1EDO CAT  C  N N 2   
A1EDO OAU  O  N N 3   
A1EDO CAV  C  N N 4   
A1EDO CAW  C  N N 5   
A1EDO NAR  N  N N 6   
A1EDO CAQ  C  N S 7   
A1EDO CAX  C  N N 8   
A1EDO CAP  C  N N 9   
A1EDO NAM  N  Y N 10  
A1EDO CAL  C  Y N 11  
A1EDO CAK  C  Y N 12  
A1EDO CAF  C  Y N 13  
A1EDO CAA  C  Y N 14  
A1EDO CAB  C  Y N 15  
A1EDO CAI  C  Y N 16  
A1EDO CAJ  C  N N 17  
A1EDO NAH  N  Y N 18  
A1EDO OAG  O  Y N 19  
A1EDO CAC  C  Y N 20  
A1EDO CAD  C  Y N 21  
A1EDO CAE  C  Y N 22  
A1EDO NAO  N  Y N 23  
A1EDO CAN  C  Y N 24  
A1EDO CAY  C  N S 25  
A1EDO CAZ  C  N N 26  
A1EDO CBA  C  N N 27  
A1EDO CBB  C  N N 28  
A1EDO OBD  O  N N 29  
A1EDO NBC  N  N N 30  
A1EDO CBE  C  Y N 31  
A1EDO CBJ  C  Y N 32  
A1EDO CBI  C  Y N 33  
A1EDO CLBM CL N N 34  
A1EDO CBH  C  Y N 35  
A1EDO OBK  O  N N 36  
A1EDO CBL  C  N N 37  
A1EDO CBG  C  Y N 38  
A1EDO CBF  C  Y N 39  
A1EDO H1   H  N N 40  
A1EDO H2   H  N N 41  
A1EDO H3   H  N N 42  
A1EDO H4   H  N N 43  
A1EDO H5   H  N N 44  
A1EDO H6   H  N N 45  
A1EDO H7   H  N N 46  
A1EDO H8   H  N N 47  
A1EDO H10  H  N N 48  
A1EDO H11  H  N N 49  
A1EDO H12  H  N N 50  
A1EDO H13  H  N N 51  
A1EDO H14  H  N N 52  
A1EDO H15  H  N N 53  
A1EDO H16  H  N N 54  
A1EDO H17  H  N N 55  
A1EDO H18  H  N N 56  
A1EDO H19  H  N N 57  
A1EDO H20  H  N N 58  
A1EDO H21  H  N N 59  
A1EDO H22  H  N N 60  
A1EDO H23  H  N N 61  
A1EDO H24  H  N N 62  
A1EDO H25  H  N N 63  
A1EDO H26  H  N N 64  
A1EDO H27  H  N N 65  
A1EDO H28  H  N N 66  
A1EDO H29  H  N N 67  
A1EDO H30  H  N N 68  
A1EDO H31  H  N N 69  
A1EDO H32  H  N N 70  
A1EDO H33  H  N N 71  
ALA   N    N  N N 72  
ALA   CA   C  N S 73  
ALA   C    C  N N 74  
ALA   O    O  N N 75  
ALA   CB   C  N N 76  
ALA   OXT  O  N N 77  
ALA   H    H  N N 78  
ALA   H2   H  N N 79  
ALA   HA   H  N N 80  
ALA   HB1  H  N N 81  
ALA   HB2  H  N N 82  
ALA   HB3  H  N N 83  
ALA   HXT  H  N N 84  
ARG   N    N  N N 85  
ARG   CA   C  N S 86  
ARG   C    C  N N 87  
ARG   O    O  N N 88  
ARG   CB   C  N N 89  
ARG   CG   C  N N 90  
ARG   CD   C  N N 91  
ARG   NE   N  N N 92  
ARG   CZ   C  N N 93  
ARG   NH1  N  N N 94  
ARG   NH2  N  N N 95  
ARG   OXT  O  N N 96  
ARG   H    H  N N 97  
ARG   H2   H  N N 98  
ARG   HA   H  N N 99  
ARG   HB2  H  N N 100 
ARG   HB3  H  N N 101 
ARG   HG2  H  N N 102 
ARG   HG3  H  N N 103 
ARG   HD2  H  N N 104 
ARG   HD3  H  N N 105 
ARG   HE   H  N N 106 
ARG   HH11 H  N N 107 
ARG   HH12 H  N N 108 
ARG   HH21 H  N N 109 
ARG   HH22 H  N N 110 
ARG   HXT  H  N N 111 
ASN   N    N  N N 112 
ASN   CA   C  N S 113 
ASN   C    C  N N 114 
ASN   O    O  N N 115 
ASN   CB   C  N N 116 
ASN   CG   C  N N 117 
ASN   OD1  O  N N 118 
ASN   ND2  N  N N 119 
ASN   OXT  O  N N 120 
ASN   H    H  N N 121 
ASN   H2   H  N N 122 
ASN   HA   H  N N 123 
ASN   HB2  H  N N 124 
ASN   HB3  H  N N 125 
ASN   HD21 H  N N 126 
ASN   HD22 H  N N 127 
ASN   HXT  H  N N 128 
ASP   N    N  N N 129 
ASP   CA   C  N S 130 
ASP   C    C  N N 131 
ASP   O    O  N N 132 
ASP   CB   C  N N 133 
ASP   CG   C  N N 134 
ASP   OD1  O  N N 135 
ASP   OD2  O  N N 136 
ASP   OXT  O  N N 137 
ASP   H    H  N N 138 
ASP   H2   H  N N 139 
ASP   HA   H  N N 140 
ASP   HB2  H  N N 141 
ASP   HB3  H  N N 142 
ASP   HD2  H  N N 143 
ASP   HXT  H  N N 144 
CYS   N    N  N N 145 
CYS   CA   C  N R 146 
CYS   C    C  N N 147 
CYS   O    O  N N 148 
CYS   CB   C  N N 149 
CYS   SG   S  N N 150 
CYS   OXT  O  N N 151 
CYS   H    H  N N 152 
CYS   H2   H  N N 153 
CYS   HA   H  N N 154 
CYS   HB2  H  N N 155 
CYS   HB3  H  N N 156 
CYS   HG   H  N N 157 
CYS   HXT  H  N N 158 
DMS   S    S  N N 159 
DMS   O    O  N N 160 
DMS   C1   C  N N 161 
DMS   C2   C  N N 162 
DMS   H11  H  N N 163 
DMS   H12  H  N N 164 
DMS   H13  H  N N 165 
DMS   H21  H  N N 166 
DMS   H22  H  N N 167 
DMS   H23  H  N N 168 
GLN   N    N  N N 169 
GLN   CA   C  N S 170 
GLN   C    C  N N 171 
GLN   O    O  N N 172 
GLN   CB   C  N N 173 
GLN   CG   C  N N 174 
GLN   CD   C  N N 175 
GLN   OE1  O  N N 176 
GLN   NE2  N  N N 177 
GLN   OXT  O  N N 178 
GLN   H    H  N N 179 
GLN   H2   H  N N 180 
GLN   HA   H  N N 181 
GLN   HB2  H  N N 182 
GLN   HB3  H  N N 183 
GLN   HG2  H  N N 184 
GLN   HG3  H  N N 185 
GLN   HE21 H  N N 186 
GLN   HE22 H  N N 187 
GLN   HXT  H  N N 188 
GLU   N    N  N N 189 
GLU   CA   C  N S 190 
GLU   C    C  N N 191 
GLU   O    O  N N 192 
GLU   CB   C  N N 193 
GLU   CG   C  N N 194 
GLU   CD   C  N N 195 
GLU   OE1  O  N N 196 
GLU   OE2  O  N N 197 
GLU   OXT  O  N N 198 
GLU   H    H  N N 199 
GLU   H2   H  N N 200 
GLU   HA   H  N N 201 
GLU   HB2  H  N N 202 
GLU   HB3  H  N N 203 
GLU   HG2  H  N N 204 
GLU   HG3  H  N N 205 
GLU   HE2  H  N N 206 
GLU   HXT  H  N N 207 
GLY   N    N  N N 208 
GLY   CA   C  N N 209 
GLY   C    C  N N 210 
GLY   O    O  N N 211 
GLY   OXT  O  N N 212 
GLY   H    H  N N 213 
GLY   H2   H  N N 214 
GLY   HA2  H  N N 215 
GLY   HA3  H  N N 216 
GLY   HXT  H  N N 217 
HIS   N    N  N N 218 
HIS   CA   C  N S 219 
HIS   C    C  N N 220 
HIS   O    O  N N 221 
HIS   CB   C  N N 222 
HIS   CG   C  Y N 223 
HIS   ND1  N  Y N 224 
HIS   CD2  C  Y N 225 
HIS   CE1  C  Y N 226 
HIS   NE2  N  Y N 227 
HIS   OXT  O  N N 228 
HIS   H    H  N N 229 
HIS   H2   H  N N 230 
HIS   HA   H  N N 231 
HIS   HB2  H  N N 232 
HIS   HB3  H  N N 233 
HIS   HD1  H  N N 234 
HIS   HD2  H  N N 235 
HIS   HE1  H  N N 236 
HIS   HE2  H  N N 237 
HIS   HXT  H  N N 238 
HOH   O    O  N N 239 
HOH   H1   H  N N 240 
HOH   H2   H  N N 241 
ILE   N    N  N N 242 
ILE   CA   C  N S 243 
ILE   C    C  N N 244 
ILE   O    O  N N 245 
ILE   CB   C  N S 246 
ILE   CG1  C  N N 247 
ILE   CG2  C  N N 248 
ILE   CD1  C  N N 249 
ILE   OXT  O  N N 250 
ILE   H    H  N N 251 
ILE   H2   H  N N 252 
ILE   HA   H  N N 253 
ILE   HB   H  N N 254 
ILE   HG12 H  N N 255 
ILE   HG13 H  N N 256 
ILE   HG21 H  N N 257 
ILE   HG22 H  N N 258 
ILE   HG23 H  N N 259 
ILE   HD11 H  N N 260 
ILE   HD12 H  N N 261 
ILE   HD13 H  N N 262 
ILE   HXT  H  N N 263 
LEU   N    N  N N 264 
LEU   CA   C  N S 265 
LEU   C    C  N N 266 
LEU   O    O  N N 267 
LEU   CB   C  N N 268 
LEU   CG   C  N N 269 
LEU   CD1  C  N N 270 
LEU   CD2  C  N N 271 
LEU   OXT  O  N N 272 
LEU   H    H  N N 273 
LEU   H2   H  N N 274 
LEU   HA   H  N N 275 
LEU   HB2  H  N N 276 
LEU   HB3  H  N N 277 
LEU   HG   H  N N 278 
LEU   HD11 H  N N 279 
LEU   HD12 H  N N 280 
LEU   HD13 H  N N 281 
LEU   HD21 H  N N 282 
LEU   HD22 H  N N 283 
LEU   HD23 H  N N 284 
LEU   HXT  H  N N 285 
LYS   N    N  N N 286 
LYS   CA   C  N S 287 
LYS   C    C  N N 288 
LYS   O    O  N N 289 
LYS   CB   C  N N 290 
LYS   CG   C  N N 291 
LYS   CD   C  N N 292 
LYS   CE   C  N N 293 
LYS   NZ   N  N N 294 
LYS   OXT  O  N N 295 
LYS   H    H  N N 296 
LYS   H2   H  N N 297 
LYS   HA   H  N N 298 
LYS   HB2  H  N N 299 
LYS   HB3  H  N N 300 
LYS   HG2  H  N N 301 
LYS   HG3  H  N N 302 
LYS   HD2  H  N N 303 
LYS   HD3  H  N N 304 
LYS   HE2  H  N N 305 
LYS   HE3  H  N N 306 
LYS   HZ1  H  N N 307 
LYS   HZ2  H  N N 308 
LYS   HZ3  H  N N 309 
LYS   HXT  H  N N 310 
MET   N    N  N N 311 
MET   CA   C  N S 312 
MET   C    C  N N 313 
MET   O    O  N N 314 
MET   CB   C  N N 315 
MET   CG   C  N N 316 
MET   SD   S  N N 317 
MET   CE   C  N N 318 
MET   OXT  O  N N 319 
MET   H    H  N N 320 
MET   H2   H  N N 321 
MET   HA   H  N N 322 
MET   HB2  H  N N 323 
MET   HB3  H  N N 324 
MET   HG2  H  N N 325 
MET   HG3  H  N N 326 
MET   HE1  H  N N 327 
MET   HE2  H  N N 328 
MET   HE3  H  N N 329 
MET   HXT  H  N N 330 
PHE   N    N  N N 331 
PHE   CA   C  N S 332 
PHE   C    C  N N 333 
PHE   O    O  N N 334 
PHE   CB   C  N N 335 
PHE   CG   C  Y N 336 
PHE   CD1  C  Y N 337 
PHE   CD2  C  Y N 338 
PHE   CE1  C  Y N 339 
PHE   CE2  C  Y N 340 
PHE   CZ   C  Y N 341 
PHE   OXT  O  N N 342 
PHE   H    H  N N 343 
PHE   H2   H  N N 344 
PHE   HA   H  N N 345 
PHE   HB2  H  N N 346 
PHE   HB3  H  N N 347 
PHE   HD1  H  N N 348 
PHE   HD2  H  N N 349 
PHE   HE1  H  N N 350 
PHE   HE2  H  N N 351 
PHE   HZ   H  N N 352 
PHE   HXT  H  N N 353 
PRO   N    N  N N 354 
PRO   CA   C  N S 355 
PRO   C    C  N N 356 
PRO   O    O  N N 357 
PRO   CB   C  N N 358 
PRO   CG   C  N N 359 
PRO   CD   C  N N 360 
PRO   OXT  O  N N 361 
PRO   H    H  N N 362 
PRO   HA   H  N N 363 
PRO   HB2  H  N N 364 
PRO   HB3  H  N N 365 
PRO   HG2  H  N N 366 
PRO   HG3  H  N N 367 
PRO   HD2  H  N N 368 
PRO   HD3  H  N N 369 
PRO   HXT  H  N N 370 
SER   N    N  N N 371 
SER   CA   C  N S 372 
SER   C    C  N N 373 
SER   O    O  N N 374 
SER   CB   C  N N 375 
SER   OG   O  N N 376 
SER   OXT  O  N N 377 
SER   H    H  N N 378 
SER   H2   H  N N 379 
SER   HA   H  N N 380 
SER   HB2  H  N N 381 
SER   HB3  H  N N 382 
SER   HG   H  N N 383 
SER   HXT  H  N N 384 
THR   N    N  N N 385 
THR   CA   C  N S 386 
THR   C    C  N N 387 
THR   O    O  N N 388 
THR   CB   C  N R 389 
THR   OG1  O  N N 390 
THR   CG2  C  N N 391 
THR   OXT  O  N N 392 
THR   H    H  N N 393 
THR   H2   H  N N 394 
THR   HA   H  N N 395 
THR   HB   H  N N 396 
THR   HG1  H  N N 397 
THR   HG21 H  N N 398 
THR   HG22 H  N N 399 
THR   HG23 H  N N 400 
THR   HXT  H  N N 401 
TRP   N    N  N N 402 
TRP   CA   C  N S 403 
TRP   C    C  N N 404 
TRP   O    O  N N 405 
TRP   CB   C  N N 406 
TRP   CG   C  Y N 407 
TRP   CD1  C  Y N 408 
TRP   CD2  C  Y N 409 
TRP   NE1  N  Y N 410 
TRP   CE2  C  Y N 411 
TRP   CE3  C  Y N 412 
TRP   CZ2  C  Y N 413 
TRP   CZ3  C  Y N 414 
TRP   CH2  C  Y N 415 
TRP   OXT  O  N N 416 
TRP   H    H  N N 417 
TRP   H2   H  N N 418 
TRP   HA   H  N N 419 
TRP   HB2  H  N N 420 
TRP   HB3  H  N N 421 
TRP   HD1  H  N N 422 
TRP   HE1  H  N N 423 
TRP   HE3  H  N N 424 
TRP   HZ2  H  N N 425 
TRP   HZ3  H  N N 426 
TRP   HH2  H  N N 427 
TRP   HXT  H  N N 428 
TYR   N    N  N N 429 
TYR   CA   C  N S 430 
TYR   C    C  N N 431 
TYR   O    O  N N 432 
TYR   CB   C  N N 433 
TYR   CG   C  Y N 434 
TYR   CD1  C  Y N 435 
TYR   CD2  C  Y N 436 
TYR   CE1  C  Y N 437 
TYR   CE2  C  Y N 438 
TYR   CZ   C  Y N 439 
TYR   OH   O  N N 440 
TYR   OXT  O  N N 441 
TYR   H    H  N N 442 
TYR   H2   H  N N 443 
TYR   HA   H  N N 444 
TYR   HB2  H  N N 445 
TYR   HB3  H  N N 446 
TYR   HD1  H  N N 447 
TYR   HD2  H  N N 448 
TYR   HE1  H  N N 449 
TYR   HE2  H  N N 450 
TYR   HH   H  N N 451 
TYR   HXT  H  N N 452 
VAL   N    N  N N 453 
VAL   CA   C  N S 454 
VAL   C    C  N N 455 
VAL   O    O  N N 456 
VAL   CB   C  N N 457 
VAL   CG1  C  N N 458 
VAL   CG2  C  N N 459 
VAL   OXT  O  N N 460 
VAL   H    H  N N 461 
VAL   H2   H  N N 462 
VAL   HA   H  N N 463 
VAL   HB   H  N N 464 
VAL   HG11 H  N N 465 
VAL   HG12 H  N N 466 
VAL   HG13 H  N N 467 
VAL   HG21 H  N N 468 
VAL   HG22 H  N N 469 
VAL   HG23 H  N N 470 
VAL   HXT  H  N N 471 
# 
loop_
_chem_comp_bond.comp_id 
_chem_comp_bond.atom_id_1 
_chem_comp_bond.atom_id_2 
_chem_comp_bond.value_order 
_chem_comp_bond.pdbx_aromatic_flag 
_chem_comp_bond.pdbx_stereo_config 
_chem_comp_bond.pdbx_ordinal 
A1EDO CAV OAU  sing N N 1   
A1EDO CAV CAW  sing N N 2   
A1EDO OAU CAT  sing N N 3   
A1EDO CBF CBG  doub Y N 4   
A1EDO CBF CBE  sing Y N 5   
A1EDO CBG CBH  sing Y N 6   
A1EDO CAW NAR  sing N N 7   
A1EDO CBL OBK  sing N N 8   
A1EDO OBD CBB  doub N N 9   
A1EDO CBB CBA  sing N N 10  
A1EDO CBB NBC  sing N N 11  
A1EDO CBA CAZ  sing N N 12  
A1EDO CAT CAS  sing N N 13  
A1EDO NAR CAS  sing N N 14  
A1EDO NAR CAQ  sing N N 15  
A1EDO NBC CBE  sing N N 16  
A1EDO NBC CAY  sing N N 17  
A1EDO CBE CBJ  doub Y N 18  
A1EDO CBH OBK  sing N N 19  
A1EDO CBH CBI  doub Y N 20  
A1EDO CAZ CAY  sing N N 21  
A1EDO CAY CAN  sing N N 22  
A1EDO CAQ CAP  sing N N 23  
A1EDO CAQ CAX  sing N N 24  
A1EDO CBI CBJ  sing Y N 25  
A1EDO CBI CLBM sing N N 26  
A1EDO CAP NAM  sing N N 27  
A1EDO CAN NAM  sing Y N 28  
A1EDO CAN NAO  doub Y N 29  
A1EDO NAM CAL  sing Y N 30  
A1EDO NAO CAK  sing Y N 31  
A1EDO CAL CAK  doub Y N 32  
A1EDO CAK CAF  sing N N 33  
A1EDO CAF CAE  doub Y N 34  
A1EDO CAF CAA  sing Y N 35  
A1EDO CAE CAD  sing Y N 36  
A1EDO CAA CAB  doub Y N 37  
A1EDO CAD CAC  doub Y N 38  
A1EDO CAB CAC  sing Y N 39  
A1EDO CAB CAI  sing Y N 40  
A1EDO CAC OAG  sing Y N 41  
A1EDO CAI CAJ  sing N N 42  
A1EDO CAI NAH  doub Y N 43  
A1EDO OAG NAH  sing Y N 44  
A1EDO CAS H1   sing N N 45  
A1EDO CAS H2   sing N N 46  
A1EDO CAT H3   sing N N 47  
A1EDO CAT H4   sing N N 48  
A1EDO CAV H5   sing N N 49  
A1EDO CAV H6   sing N N 50  
A1EDO CAW H7   sing N N 51  
A1EDO CAW H8   sing N N 52  
A1EDO CAQ H10  sing N N 53  
A1EDO CAX H11  sing N N 54  
A1EDO CAX H12  sing N N 55  
A1EDO CAX H13  sing N N 56  
A1EDO CAP H14  sing N N 57  
A1EDO CAP H15  sing N N 58  
A1EDO CAL H16  sing N N 59  
A1EDO CAA H17  sing N N 60  
A1EDO CAJ H18  sing N N 61  
A1EDO CAJ H19  sing N N 62  
A1EDO CAJ H20  sing N N 63  
A1EDO CAD H21  sing N N 64  
A1EDO CAE H22  sing N N 65  
A1EDO CAY H23  sing N N 66  
A1EDO CAZ H24  sing N N 67  
A1EDO CAZ H25  sing N N 68  
A1EDO CBA H26  sing N N 69  
A1EDO CBA H27  sing N N 70  
A1EDO CBJ H28  sing N N 71  
A1EDO CBL H29  sing N N 72  
A1EDO CBL H30  sing N N 73  
A1EDO CBL H31  sing N N 74  
A1EDO CBG H32  sing N N 75  
A1EDO CBF H33  sing N N 76  
ALA   N   CA   sing N N 77  
ALA   N   H    sing N N 78  
ALA   N   H2   sing N N 79  
ALA   CA  C    sing N N 80  
ALA   CA  CB   sing N N 81  
ALA   CA  HA   sing N N 82  
ALA   C   O    doub N N 83  
ALA   C   OXT  sing N N 84  
ALA   CB  HB1  sing N N 85  
ALA   CB  HB2  sing N N 86  
ALA   CB  HB3  sing N N 87  
ALA   OXT HXT  sing N N 88  
ARG   N   CA   sing N N 89  
ARG   N   H    sing N N 90  
ARG   N   H2   sing N N 91  
ARG   CA  C    sing N N 92  
ARG   CA  CB   sing N N 93  
ARG   CA  HA   sing N N 94  
ARG   C   O    doub N N 95  
ARG   C   OXT  sing N N 96  
ARG   CB  CG   sing N N 97  
ARG   CB  HB2  sing N N 98  
ARG   CB  HB3  sing N N 99  
ARG   CG  CD   sing N N 100 
ARG   CG  HG2  sing N N 101 
ARG   CG  HG3  sing N N 102 
ARG   CD  NE   sing N N 103 
ARG   CD  HD2  sing N N 104 
ARG   CD  HD3  sing N N 105 
ARG   NE  CZ   sing N N 106 
ARG   NE  HE   sing N N 107 
ARG   CZ  NH1  sing N N 108 
ARG   CZ  NH2  doub N N 109 
ARG   NH1 HH11 sing N N 110 
ARG   NH1 HH12 sing N N 111 
ARG   NH2 HH21 sing N N 112 
ARG   NH2 HH22 sing N N 113 
ARG   OXT HXT  sing N N 114 
ASN   N   CA   sing N N 115 
ASN   N   H    sing N N 116 
ASN   N   H2   sing N N 117 
ASN   CA  C    sing N N 118 
ASN   CA  CB   sing N N 119 
ASN   CA  HA   sing N N 120 
ASN   C   O    doub N N 121 
ASN   C   OXT  sing N N 122 
ASN   CB  CG   sing N N 123 
ASN   CB  HB2  sing N N 124 
ASN   CB  HB3  sing N N 125 
ASN   CG  OD1  doub N N 126 
ASN   CG  ND2  sing N N 127 
ASN   ND2 HD21 sing N N 128 
ASN   ND2 HD22 sing N N 129 
ASN   OXT HXT  sing N N 130 
ASP   N   CA   sing N N 131 
ASP   N   H    sing N N 132 
ASP   N   H2   sing N N 133 
ASP   CA  C    sing N N 134 
ASP   CA  CB   sing N N 135 
ASP   CA  HA   sing N N 136 
ASP   C   O    doub N N 137 
ASP   C   OXT  sing N N 138 
ASP   CB  CG   sing N N 139 
ASP   CB  HB2  sing N N 140 
ASP   CB  HB3  sing N N 141 
ASP   CG  OD1  doub N N 142 
ASP   CG  OD2  sing N N 143 
ASP   OD2 HD2  sing N N 144 
ASP   OXT HXT  sing N N 145 
CYS   N   CA   sing N N 146 
CYS   N   H    sing N N 147 
CYS   N   H2   sing N N 148 
CYS   CA  C    sing N N 149 
CYS   CA  CB   sing N N 150 
CYS   CA  HA   sing N N 151 
CYS   C   O    doub N N 152 
CYS   C   OXT  sing N N 153 
CYS   CB  SG   sing N N 154 
CYS   CB  HB2  sing N N 155 
CYS   CB  HB3  sing N N 156 
CYS   SG  HG   sing N N 157 
CYS   OXT HXT  sing N N 158 
DMS   S   O    doub N N 159 
DMS   S   C1   sing N N 160 
DMS   S   C2   sing N N 161 
DMS   C1  H11  sing N N 162 
DMS   C1  H12  sing N N 163 
DMS   C1  H13  sing N N 164 
DMS   C2  H21  sing N N 165 
DMS   C2  H22  sing N N 166 
DMS   C2  H23  sing N N 167 
GLN   N   CA   sing N N 168 
GLN   N   H    sing N N 169 
GLN   N   H2   sing N N 170 
GLN   CA  C    sing N N 171 
GLN   CA  CB   sing N N 172 
GLN   CA  HA   sing N N 173 
GLN   C   O    doub N N 174 
GLN   C   OXT  sing N N 175 
GLN   CB  CG   sing N N 176 
GLN   CB  HB2  sing N N 177 
GLN   CB  HB3  sing N N 178 
GLN   CG  CD   sing N N 179 
GLN   CG  HG2  sing N N 180 
GLN   CG  HG3  sing N N 181 
GLN   CD  OE1  doub N N 182 
GLN   CD  NE2  sing N N 183 
GLN   NE2 HE21 sing N N 184 
GLN   NE2 HE22 sing N N 185 
GLN   OXT HXT  sing N N 186 
GLU   N   CA   sing N N 187 
GLU   N   H    sing N N 188 
GLU   N   H2   sing N N 189 
GLU   CA  C    sing N N 190 
GLU   CA  CB   sing N N 191 
GLU   CA  HA   sing N N 192 
GLU   C   O    doub N N 193 
GLU   C   OXT  sing N N 194 
GLU   CB  CG   sing N N 195 
GLU   CB  HB2  sing N N 196 
GLU   CB  HB3  sing N N 197 
GLU   CG  CD   sing N N 198 
GLU   CG  HG2  sing N N 199 
GLU   CG  HG3  sing N N 200 
GLU   CD  OE1  doub N N 201 
GLU   CD  OE2  sing N N 202 
GLU   OE2 HE2  sing N N 203 
GLU   OXT HXT  sing N N 204 
GLY   N   CA   sing N N 205 
GLY   N   H    sing N N 206 
GLY   N   H2   sing N N 207 
GLY   CA  C    sing N N 208 
GLY   CA  HA2  sing N N 209 
GLY   CA  HA3  sing N N 210 
GLY   C   O    doub N N 211 
GLY   C   OXT  sing N N 212 
GLY   OXT HXT  sing N N 213 
HIS   N   CA   sing N N 214 
HIS   N   H    sing N N 215 
HIS   N   H2   sing N N 216 
HIS   CA  C    sing N N 217 
HIS   CA  CB   sing N N 218 
HIS   CA  HA   sing N N 219 
HIS   C   O    doub N N 220 
HIS   C   OXT  sing N N 221 
HIS   CB  CG   sing N N 222 
HIS   CB  HB2  sing N N 223 
HIS   CB  HB3  sing N N 224 
HIS   CG  ND1  sing Y N 225 
HIS   CG  CD2  doub Y N 226 
HIS   ND1 CE1  doub Y N 227 
HIS   ND1 HD1  sing N N 228 
HIS   CD2 NE2  sing Y N 229 
HIS   CD2 HD2  sing N N 230 
HIS   CE1 NE2  sing Y N 231 
HIS   CE1 HE1  sing N N 232 
HIS   NE2 HE2  sing N N 233 
HIS   OXT HXT  sing N N 234 
HOH   O   H1   sing N N 235 
HOH   O   H2   sing N N 236 
ILE   N   CA   sing N N 237 
ILE   N   H    sing N N 238 
ILE   N   H2   sing N N 239 
ILE   CA  C    sing N N 240 
ILE   CA  CB   sing N N 241 
ILE   CA  HA   sing N N 242 
ILE   C   O    doub N N 243 
ILE   C   OXT  sing N N 244 
ILE   CB  CG1  sing N N 245 
ILE   CB  CG2  sing N N 246 
ILE   CB  HB   sing N N 247 
ILE   CG1 CD1  sing N N 248 
ILE   CG1 HG12 sing N N 249 
ILE   CG1 HG13 sing N N 250 
ILE   CG2 HG21 sing N N 251 
ILE   CG2 HG22 sing N N 252 
ILE   CG2 HG23 sing N N 253 
ILE   CD1 HD11 sing N N 254 
ILE   CD1 HD12 sing N N 255 
ILE   CD1 HD13 sing N N 256 
ILE   OXT HXT  sing N N 257 
LEU   N   CA   sing N N 258 
LEU   N   H    sing N N 259 
LEU   N   H2   sing N N 260 
LEU   CA  C    sing N N 261 
LEU   CA  CB   sing N N 262 
LEU   CA  HA   sing N N 263 
LEU   C   O    doub N N 264 
LEU   C   OXT  sing N N 265 
LEU   CB  CG   sing N N 266 
LEU   CB  HB2  sing N N 267 
LEU   CB  HB3  sing N N 268 
LEU   CG  CD1  sing N N 269 
LEU   CG  CD2  sing N N 270 
LEU   CG  HG   sing N N 271 
LEU   CD1 HD11 sing N N 272 
LEU   CD1 HD12 sing N N 273 
LEU   CD1 HD13 sing N N 274 
LEU   CD2 HD21 sing N N 275 
LEU   CD2 HD22 sing N N 276 
LEU   CD2 HD23 sing N N 277 
LEU   OXT HXT  sing N N 278 
LYS   N   CA   sing N N 279 
LYS   N   H    sing N N 280 
LYS   N   H2   sing N N 281 
LYS   CA  C    sing N N 282 
LYS   CA  CB   sing N N 283 
LYS   CA  HA   sing N N 284 
LYS   C   O    doub N N 285 
LYS   C   OXT  sing N N 286 
LYS   CB  CG   sing N N 287 
LYS   CB  HB2  sing N N 288 
LYS   CB  HB3  sing N N 289 
LYS   CG  CD   sing N N 290 
LYS   CG  HG2  sing N N 291 
LYS   CG  HG3  sing N N 292 
LYS   CD  CE   sing N N 293 
LYS   CD  HD2  sing N N 294 
LYS   CD  HD3  sing N N 295 
LYS   CE  NZ   sing N N 296 
LYS   CE  HE2  sing N N 297 
LYS   CE  HE3  sing N N 298 
LYS   NZ  HZ1  sing N N 299 
LYS   NZ  HZ2  sing N N 300 
LYS   NZ  HZ3  sing N N 301 
LYS   OXT HXT  sing N N 302 
MET   N   CA   sing N N 303 
MET   N   H    sing N N 304 
MET   N   H2   sing N N 305 
MET   CA  C    sing N N 306 
MET   CA  CB   sing N N 307 
MET   CA  HA   sing N N 308 
MET   C   O    doub N N 309 
MET   C   OXT  sing N N 310 
MET   CB  CG   sing N N 311 
MET   CB  HB2  sing N N 312 
MET   CB  HB3  sing N N 313 
MET   CG  SD   sing N N 314 
MET   CG  HG2  sing N N 315 
MET   CG  HG3  sing N N 316 
MET   SD  CE   sing N N 317 
MET   CE  HE1  sing N N 318 
MET   CE  HE2  sing N N 319 
MET   CE  HE3  sing N N 320 
MET   OXT HXT  sing N N 321 
PHE   N   CA   sing N N 322 
PHE   N   H    sing N N 323 
PHE   N   H2   sing N N 324 
PHE   CA  C    sing N N 325 
PHE   CA  CB   sing N N 326 
PHE   CA  HA   sing N N 327 
PHE   C   O    doub N N 328 
PHE   C   OXT  sing N N 329 
PHE   CB  CG   sing N N 330 
PHE   CB  HB2  sing N N 331 
PHE   CB  HB3  sing N N 332 
PHE   CG  CD1  doub Y N 333 
PHE   CG  CD2  sing Y N 334 
PHE   CD1 CE1  sing Y N 335 
PHE   CD1 HD1  sing N N 336 
PHE   CD2 CE2  doub Y N 337 
PHE   CD2 HD2  sing N N 338 
PHE   CE1 CZ   doub Y N 339 
PHE   CE1 HE1  sing N N 340 
PHE   CE2 CZ   sing Y N 341 
PHE   CE2 HE2  sing N N 342 
PHE   CZ  HZ   sing N N 343 
PHE   OXT HXT  sing N N 344 
PRO   N   CA   sing N N 345 
PRO   N   CD   sing N N 346 
PRO   N   H    sing N N 347 
PRO   CA  C    sing N N 348 
PRO   CA  CB   sing N N 349 
PRO   CA  HA   sing N N 350 
PRO   C   O    doub N N 351 
PRO   C   OXT  sing N N 352 
PRO   CB  CG   sing N N 353 
PRO   CB  HB2  sing N N 354 
PRO   CB  HB3  sing N N 355 
PRO   CG  CD   sing N N 356 
PRO   CG  HG2  sing N N 357 
PRO   CG  HG3  sing N N 358 
PRO   CD  HD2  sing N N 359 
PRO   CD  HD3  sing N N 360 
PRO   OXT HXT  sing N N 361 
SER   N   CA   sing N N 362 
SER   N   H    sing N N 363 
SER   N   H2   sing N N 364 
SER   CA  C    sing N N 365 
SER   CA  CB   sing N N 366 
SER   CA  HA   sing N N 367 
SER   C   O    doub N N 368 
SER   C   OXT  sing N N 369 
SER   CB  OG   sing N N 370 
SER   CB  HB2  sing N N 371 
SER   CB  HB3  sing N N 372 
SER   OG  HG   sing N N 373 
SER   OXT HXT  sing N N 374 
THR   N   CA   sing N N 375 
THR   N   H    sing N N 376 
THR   N   H2   sing N N 377 
THR   CA  C    sing N N 378 
THR   CA  CB   sing N N 379 
THR   CA  HA   sing N N 380 
THR   C   O    doub N N 381 
THR   C   OXT  sing N N 382 
THR   CB  OG1  sing N N 383 
THR   CB  CG2  sing N N 384 
THR   CB  HB   sing N N 385 
THR   OG1 HG1  sing N N 386 
THR   CG2 HG21 sing N N 387 
THR   CG2 HG22 sing N N 388 
THR   CG2 HG23 sing N N 389 
THR   OXT HXT  sing N N 390 
TRP   N   CA   sing N N 391 
TRP   N   H    sing N N 392 
TRP   N   H2   sing N N 393 
TRP   CA  C    sing N N 394 
TRP   CA  CB   sing N N 395 
TRP   CA  HA   sing N N 396 
TRP   C   O    doub N N 397 
TRP   C   OXT  sing N N 398 
TRP   CB  CG   sing N N 399 
TRP   CB  HB2  sing N N 400 
TRP   CB  HB3  sing N N 401 
TRP   CG  CD1  doub Y N 402 
TRP   CG  CD2  sing Y N 403 
TRP   CD1 NE1  sing Y N 404 
TRP   CD1 HD1  sing N N 405 
TRP   CD2 CE2  doub Y N 406 
TRP   CD2 CE3  sing Y N 407 
TRP   NE1 CE2  sing Y N 408 
TRP   NE1 HE1  sing N N 409 
TRP   CE2 CZ2  sing Y N 410 
TRP   CE3 CZ3  doub Y N 411 
TRP   CE3 HE3  sing N N 412 
TRP   CZ2 CH2  doub Y N 413 
TRP   CZ2 HZ2  sing N N 414 
TRP   CZ3 CH2  sing Y N 415 
TRP   CZ3 HZ3  sing N N 416 
TRP   CH2 HH2  sing N N 417 
TRP   OXT HXT  sing N N 418 
TYR   N   CA   sing N N 419 
TYR   N   H    sing N N 420 
TYR   N   H2   sing N N 421 
TYR   CA  C    sing N N 422 
TYR   CA  CB   sing N N 423 
TYR   CA  HA   sing N N 424 
TYR   C   O    doub N N 425 
TYR   C   OXT  sing N N 426 
TYR   CB  CG   sing N N 427 
TYR   CB  HB2  sing N N 428 
TYR   CB  HB3  sing N N 429 
TYR   CG  CD1  doub Y N 430 
TYR   CG  CD2  sing Y N 431 
TYR   CD1 CE1  sing Y N 432 
TYR   CD1 HD1  sing N N 433 
TYR   CD2 CE2  doub Y N 434 
TYR   CD2 HD2  sing N N 435 
TYR   CE1 CZ   doub Y N 436 
TYR   CE1 HE1  sing N N 437 
TYR   CE2 CZ   sing Y N 438 
TYR   CE2 HE2  sing N N 439 
TYR   CZ  OH   sing N N 440 
TYR   OH  HH   sing N N 441 
TYR   OXT HXT  sing N N 442 
VAL   N   CA   sing N N 443 
VAL   N   H    sing N N 444 
VAL   N   H2   sing N N 445 
VAL   CA  C    sing N N 446 
VAL   CA  CB   sing N N 447 
VAL   CA  HA   sing N N 448 
VAL   C   O    doub N N 449 
VAL   C   OXT  sing N N 450 
VAL   CB  CG1  sing N N 451 
VAL   CB  CG2  sing N N 452 
VAL   CB  HB   sing N N 453 
VAL   CG1 HG11 sing N N 454 
VAL   CG1 HG12 sing N N 455 
VAL   CG1 HG13 sing N N 456 
VAL   CG2 HG21 sing N N 457 
VAL   CG2 HG22 sing N N 458 
VAL   CG2 HG23 sing N N 459 
VAL   OXT HXT  sing N N 460 
# 
_pdbx_audit_support.funding_organization   'Ministry of Science and Technology (MoST, China)' 
_pdbx_audit_support.country                China 
_pdbx_audit_support.grant_number           2022YFE0210600 
_pdbx_audit_support.ordinal                1 
# 
_pdbx_initial_refinement_model.id               1 
_pdbx_initial_refinement_model.entity_id_list   ? 
_pdbx_initial_refinement_model.type             'experimental model' 
_pdbx_initial_refinement_model.source_name      PDB 
_pdbx_initial_refinement_model.accession_code   5XXH 
_pdbx_initial_refinement_model.details          ? 
# 
_atom_sites.entry_id                    9JUY 
_atom_sites.Cartn_transf_matrix[1][1]   ? 
_atom_sites.Cartn_transf_matrix[1][2]   ? 
_atom_sites.Cartn_transf_matrix[1][3]   ? 
_atom_sites.Cartn_transf_matrix[2][1]   ? 
_atom_sites.Cartn_transf_matrix[2][2]   ? 
_atom_sites.Cartn_transf_matrix[2][3]   ? 
_atom_sites.Cartn_transf_matrix[3][1]   ? 
_atom_sites.Cartn_transf_matrix[3][2]   ? 
_atom_sites.Cartn_transf_matrix[3][3]   ? 
_atom_sites.Cartn_transf_vector[1]      ? 
_atom_sites.Cartn_transf_vector[2]      ? 
_atom_sites.Cartn_transf_vector[3]      ? 
_atom_sites.Cartn_transform_axes        ? 
_atom_sites.fract_transf_matrix[1][1]   -0.00062668 
_atom_sites.fract_transf_matrix[1][2]   -0.01912633 
_atom_sites.fract_transf_matrix[1][3]   0.00773307 
_atom_sites.fract_transf_matrix[2][1]   -0.00415606 
_atom_sites.fract_transf_matrix[2][2]   0.00658373 
_atom_sites.fract_transf_matrix[2][3]   0.01594685 
_atom_sites.fract_transf_matrix[3][1]   -0.00847627 
_atom_sites.fract_transf_matrix[3][2]   -0.00052740 
_atom_sites.fract_transf_matrix[3][3]   -0.00199134 
_atom_sites.fract_transf_vector[1]      0.123050 
_atom_sites.fract_transf_vector[2]      0.195497 
_atom_sites.fract_transf_vector[3]      0.145363 
_atom_sites.solution_primary            ? 
_atom_sites.solution_secondary          ? 
_atom_sites.solution_hydrogens          ? 
_atom_sites.special_details             ? 
# 
loop_
_atom_type.symbol 
C  
CL 
N  
O  
S  
# 
loop_
_atom_site.group_PDB 
_atom_site.id 
_atom_site.type_symbol 
_atom_site.label_atom_id 
_atom_site.label_alt_id 
_atom_site.label_comp_id 
_atom_site.label_asym_id 
_atom_site.label_entity_id 
_atom_site.label_seq_id 
_atom_site.pdbx_PDB_ins_code 
_atom_site.Cartn_x 
_atom_site.Cartn_y 
_atom_site.Cartn_z 
_atom_site.occupancy 
_atom_site.B_iso_or_equiv 
_atom_site.pdbx_formal_charge 
_atom_site.auth_seq_id 
_atom_site.auth_comp_id 
_atom_site.auth_asym_id 
_atom_site.auth_atom_id 
_atom_site.pdbx_PDB_model_num 
ATOM   1    N  N    . ARG   A 1 17  ? -24.075 7.650   -0.172  1.00 45.66 ? 1081 ARG   A N    1 
ATOM   2    C  CA   . ARG   A 1 17  ? -22.671 7.742   0.323   1.00 42.90 ? 1081 ARG   A CA   1 
ATOM   3    C  C    . ARG   A 1 17  ? -21.734 8.283   -0.765  1.00 36.71 ? 1081 ARG   A C    1 
ATOM   4    O  O    . ARG   A 1 17  ? -20.539 8.404   -0.457  1.00 37.50 ? 1081 ARG   A O    1 
ATOM   5    C  CB   . ARG   A 1 17  ? -22.164 6.373   0.790   1.00 48.07 ? 1081 ARG   A CB   1 
ATOM   6    C  CG   . ARG   A 1 17  ? -21.763 5.417   -0.327  1.00 51.57 ? 1081 ARG   A CG   1 
ATOM   7    C  CD   . ARG   A 1 17  ? -21.213 4.095   0.184   1.00 58.89 ? 1081 ARG   A CD   1 
ATOM   8    N  NE   . ARG   A 1 17  ? -22.232 3.370   0.928   1.00 63.39 ? 1081 ARG   A NE   1 
ATOM   9    C  CZ   . ARG   A 1 17  ? -22.506 3.529   2.223   1.00 67.73 ? 1081 ARG   A CZ   1 
ATOM   10   N  NH1  . ARG   A 1 17  ? -21.832 4.389   2.970   1.00 66.67 ? 1081 ARG   A NH1  1 
ATOM   11   N  NH2  . ARG   A 1 17  ? -23.475 2.817   2.768   1.00 72.32 ? 1081 ARG   A NH2  1 
ATOM   12   N  N    . LYS   A 1 18  ? -22.233 8.522   -1.986  1.00 30.46 ? 1082 LYS   A N    1 
ATOM   13   C  CA   . LYS   A 1 18  ? -21.465 9.193   -3.060  1.00 26.77 ? 1082 LYS   A CA   1 
ATOM   14   C  C    . LYS   A 1 18  ? -20.959 10.546  -2.550  1.00 24.89 ? 1082 LYS   A C    1 
ATOM   15   O  O    . LYS   A 1 18  ? -21.683 11.283  -1.853  1.00 21.90 ? 1082 LYS   A O    1 
ATOM   16   C  CB   . LYS   A 1 18  ? -22.294 9.414   -4.326  1.00 27.32 ? 1082 LYS   A CB   1 
ATOM   17   C  CG   . LYS   A 1 18  ? -22.549 8.185   -5.181  1.00 31.26 ? 1082 LYS   A CG   1 
ATOM   18   C  CD   . LYS   A 1 18  ? -23.056 8.540   -6.557  1.00 34.93 ? 1082 LYS   A CD   1 
ATOM   19   C  CE   . LYS   A 1 18  ? -23.169 7.347   -7.478  1.00 39.28 ? 1082 LYS   A CE   1 
ATOM   20   N  NZ   . LYS   A 1 18  ? -24.423 6.600   -7.233  1.00 42.01 ? 1082 LYS   A NZ   1 
ATOM   21   N  N    . LYS   A 1 19  ? -19.720 10.874  -2.881  1.00 21.64 ? 1083 LYS   A N    1 
ATOM   22   C  CA   . LYS   A 1 19  ? -19.118 12.173  -2.556  1.00 21.02 ? 1083 LYS   A CA   1 
ATOM   23   C  C    . LYS   A 1 19  ? -18.006 12.430  -3.566  1.00 20.98 ? 1083 LYS   A C    1 
ATOM   24   O  O    . LYS   A 1 19  ? -17.220 11.493  -3.818  1.00 22.08 ? 1083 LYS   A O    1 
ATOM   25   C  CB   . LYS   A 1 19  ? -18.574 12.188  -1.131  1.00 22.76 ? 1083 LYS   A CB   1 
ATOM   26   C  CG   . LYS   A 1 19  ? -17.832 13.461  -0.781  1.00 26.01 ? 1083 LYS   A CG   1 
ATOM   27   C  CD   . LYS   A 1 19  ? -17.563 13.640  0.682   1.00 31.45 ? 1083 LYS   A CD   1 
ATOM   28   C  CE   . LYS   A 1 19  ? -16.866 14.954  0.944   1.00 35.10 ? 1083 LYS   A CE   1 
ATOM   29   N  NZ   . LYS   A 1 19  ? -16.832 15.270  2.389   1.00 39.85 ? 1083 LYS   A NZ   1 
ATOM   30   N  N    . ILE   A 1 20  ? -17.921 13.638  -4.094  1.00 19.62 ? 1084 ILE   A N    1 
ATOM   31   C  CA   . ILE   A 1 20  ? -16.799 14.035  -4.980  1.00 19.23 ? 1084 ILE   A CA   1 
ATOM   32   C  C    . ILE   A 1 20  ? -15.751 14.684  -4.093  1.00 21.41 ? 1084 ILE   A C    1 
ATOM   33   O  O    . ILE   A 1 20  ? -16.058 15.681  -3.455  1.00 22.18 ? 1084 ILE   A O    1 
ATOM   34   C  CB   . ILE   A 1 20  ? -17.260 14.978  -6.099  1.00 19.98 ? 1084 ILE   A CB   1 
ATOM   35   C  CG1  . ILE   A 1 20  ? -18.223 14.284  -7.056  1.00 20.55 ? 1084 ILE   A CG1  1 
ATOM   36   C  CG2  . ILE   A 1 20  ? -16.062 15.568  -6.837  1.00 20.88 ? 1084 ILE   A CG2  1 
ATOM   37   C  CD1  . ILE   A 1 20  ? -19.122 15.245  -7.809  1.00 20.56 ? 1084 ILE   A CD1  1 
ATOM   38   N  N    . PHE   A 1 21  ? -14.517 14.183  -4.161  1.00 22.33 ? 1085 PHE   A N    1 
ATOM   39   C  CA   . PHE   A 1 21  ? -13.350 14.700  -3.417  1.00 25.42 ? 1085 PHE   A CA   1 
ATOM   40   C  C    . PHE   A 1 21  ? -12.409 15.436  -4.371  1.00 28.81 ? 1085 PHE   A C    1 
ATOM   41   O  O    . PHE   A 1 21  ? -12.257 14.969  -5.521  1.00 32.80 ? 1085 PHE   A O    1 
ATOM   42   C  CB   . PHE   A 1 21  ? -12.586 13.533  -2.800  1.00 23.61 ? 1085 PHE   A CB   1 
ATOM   43   C  CG   . PHE   A 1 21  ? -13.321 12.808  -1.705  1.00 22.37 ? 1085 PHE   A CG   1 
ATOM   44   C  CD1  . PHE   A 1 21  ? -13.184 13.233  -0.396  1.00 23.41 ? 1085 PHE   A CD1  1 
ATOM   45   C  CD2  . PHE   A 1 21  ? -14.131 11.719  -1.968  1.00 21.33 ? 1085 PHE   A CD2  1 
ATOM   46   C  CE1  . PHE   A 1 21  ? -13.830 12.562  0.629   1.00 24.16 ? 1085 PHE   A CE1  1 
ATOM   47   C  CE2  . PHE   A 1 21  ? -14.782 11.049  -0.937  1.00 22.34 ? 1085 PHE   A CE2  1 
ATOM   48   C  CZ   . PHE   A 1 21  ? -14.608 11.470  0.359   1.00 23.43 ? 1085 PHE   A CZ   1 
ATOM   49   N  N    . LYS   A 1 22  ? -11.785 16.519  -3.908  1.00 32.17 ? 1086 LYS   A N    1 
ATOM   50   C  CA   . LYS   A 1 22  ? -10.632 17.149  -4.617  1.00 33.00 ? 1086 LYS   A CA   1 
ATOM   51   C  C    . LYS   A 1 22  ? -9.394  16.276  -4.395  1.00 32.26 ? 1086 LYS   A C    1 
ATOM   52   O  O    . LYS   A 1 22  ? -9.199  15.745  -3.308  1.00 29.66 ? 1086 LYS   A O    1 
ATOM   53   C  CB   . LYS   A 1 22  ? -10.406 18.576  -4.111  1.00 37.47 ? 1086 LYS   A CB   1 
ATOM   54   C  CG   . LYS   A 1 22  ? -11.582 19.535  -4.271  1.00 42.08 ? 1086 LYS   A CG   1 
ATOM   55   C  CD   . LYS   A 1 22  ? -11.738 20.508  -3.105  1.00 46.89 ? 1086 LYS   A CD   1 
ATOM   56   C  CE   . LYS   A 1 22  ? -10.696 21.606  -3.073  1.00 50.48 ? 1086 LYS   A CE   1 
ATOM   57   N  NZ   . LYS   A 1 22  ? -11.034 22.718  -3.993  1.00 50.71 ? 1086 LYS   A NZ   1 
ATOM   58   N  N    . PRO   A 1 23  ? -8.537  16.026  -5.414  1.00 29.63 ? 1087 PRO   A N    1 
ATOM   59   C  CA   . PRO   A 1 23  ? -7.352  15.197  -5.204  1.00 32.03 ? 1087 PRO   A CA   1 
ATOM   60   C  C    . PRO   A 1 23  ? -6.468  15.738  -4.067  1.00 28.91 ? 1087 PRO   A C    1 
ATOM   61   O  O    . PRO   A 1 23  ? -5.924  14.956  -3.327  1.00 28.30 ? 1087 PRO   A O    1 
ATOM   62   C  CB   . PRO   A 1 23  ? -6.609  15.172  -6.551  1.00 31.84 ? 1087 PRO   A CB   1 
ATOM   63   C  CG   . PRO   A 1 23  ? -7.438  16.015  -7.520  1.00 32.52 ? 1087 PRO   A CG   1 
ATOM   64   C  CD   . PRO   A 1 23  ? -8.713  16.439  -6.813  1.00 31.65 ? 1087 PRO   A CD   1 
ATOM   65   N  N    . GLU   A 1 24  ? -6.331  17.061  -3.937  1.00 29.46 ? 1088 GLU   A N    1 
ATOM   66   C  CA   . GLU   A 1 24  ? -5.471  17.630  -2.871  1.00 30.06 ? 1088 GLU   A CA   1 
ATOM   67   C  C    . GLU   A 1 24  ? -6.087  17.337  -1.495  1.00 29.04 ? 1088 GLU   A C    1 
ATOM   68   O  O    . GLU   A 1 24  ? -5.332  17.079  -0.560  1.00 28.76 ? 1088 GLU   A O    1 
ATOM   69   C  CB   . GLU   A 1 24  ? -5.213  19.129  -3.055  1.00 34.48 ? 1088 GLU   A CB   1 
ATOM   70   C  CG   . GLU   A 1 24  ? -4.202  19.676  -2.053  1.00 36.76 ? 1088 GLU   A CG   1 
ATOM   71   C  CD   . GLU   A 1 24  ? -2.824  19.017  -2.062  1.00 40.39 ? 1088 GLU   A CD   1 
ATOM   72   O  OE1  . GLU   A 1 24  ? -2.472  18.343  -3.063  1.00 40.53 ? 1088 GLU   A OE1  1 
ATOM   73   O  OE2  . GLU   A 1 24  ? -2.096  19.178  -1.063  1.00 45.27 ? 1088 GLU   A OE2  1 
ATOM   74   N  N    . GLU   A 1 25  ? -7.410  17.303  -1.359  1.00 30.44 ? 1089 GLU   A N    1 
ATOM   75   C  CA   . GLU   A 1 25  ? -8.030  17.005  -0.041  1.00 30.36 ? 1089 GLU   A CA   1 
ATOM   76   C  C    . GLU   A 1 25  ? -7.794  15.519  0.284   1.00 29.81 ? 1089 GLU   A C    1 
ATOM   77   O  O    . GLU   A 1 25  ? -7.437  15.225  1.448   1.00 29.57 ? 1089 GLU   A O    1 
ATOM   78   C  CB   . GLU   A 1 25  ? -9.490  17.484  0.011   1.00 38.15 ? 1089 GLU   A CB   1 
ATOM   79   C  CG   . GLU   A 1 25  ? -10.527 16.380  -0.103  1.00 41.55 ? 1089 GLU   A CG   1 
ATOM   80   C  CD   . GLU   A 1 25  ? -11.980 16.847  -0.102  1.00 46.38 ? 1089 GLU   A CD   1 
ATOM   81   O  OE1  . GLU   A 1 25  ? -12.682 16.574  0.903   1.00 49.21 ? 1089 GLU   A OE1  1 
ATOM   82   O  OE2  . GLU   A 1 25  ? -12.414 17.463  -1.111  1.00 41.41 ? 1089 GLU   A OE2  1 
ATOM   83   N  N    . LEU   A 1 26  ? -7.902  14.608  -0.688  1.00 28.51 ? 1090 LEU   A N    1 
ATOM   84   C  CA   . LEU   A 1 26  ? -7.576  13.166  -0.480  1.00 28.70 ? 1090 LEU   A CA   1 
ATOM   85   C  C    . LEU   A 1 26  ? -6.107  13.010  -0.139  1.00 25.92 ? 1090 LEU   A C    1 
ATOM   86   O  O    . LEU   A 1 26  ? -5.807  12.220  0.755   1.00 24.73 ? 1090 LEU   A O    1 
ATOM   87   C  CB   . LEU   A 1 26  ? -7.855  12.329  -1.726  1.00 30.16 ? 1090 LEU   A CB   1 
ATOM   88   C  CG   . LEU   A 1 26  ? -9.306  11.939  -1.929  1.00 29.08 ? 1090 LEU   A CG   1 
ATOM   89   C  CD1  . LEU   A 1 26  ? -9.424  11.018  -3.127  1.00 31.19 ? 1090 LEU   A CD1  1 
ATOM   90   C  CD2  . LEU   A 1 26  ? -9.879  11.295  -0.681  1.00 29.97 ? 1090 LEU   A CD2  1 
ATOM   91   N  N    . ARG   A 1 27  ? -5.226  13.654  -0.910  1.00 24.48 ? 1091 ARG   A N    1 
ATOM   92   C  CA   . ARG   A 1 27  ? -3.774  13.542  -0.681  1.00 25.79 ? 1091 ARG   A CA   1 
ATOM   93   C  C    . ARG   A 1 27  ? -3.505  13.949  0.766   1.00 24.73 ? 1091 ARG   A C    1 
ATOM   94   O  O    . ARG   A 1 27  ? -2.833  13.216  1.490   1.00 26.40 ? 1091 ARG   A O    1 
ATOM   95   C  CB   . ARG   A 1 27  ? -3.019  14.396  -1.701  1.00 28.20 ? 1091 ARG   A CB   1 
ATOM   96   C  CG   . ARG   A 1 27  ? -1.523  14.150  -1.696  1.00 30.68 ? 1091 ARG   A CG   1 
ATOM   97   C  CD   . ARG   A 1 27  ? -0.810  15.073  -2.651  1.00 33.84 ? 1091 ARG   A CD   1 
ATOM   98   N  NE   . ARG   A 1 27  ? 0.613   14.775  -2.657  1.00 37.41 ? 1091 ARG   A NE   1 
ATOM   99   N  N    . GLN   A 1 28  ? -4.027  15.098  1.187   1.00 23.50 ? 1092 GLN   A N    1 
ATOM   100  C  CA   . GLN   A 1 28  ? -3.754  15.605  2.556   1.00 26.88 ? 1092 GLN   A CA   1 
ATOM   101  C  C    . GLN   A 1 28  ? -4.296  14.649  3.626   1.00 24.76 ? 1092 GLN   A C    1 
ATOM   102  O  O    . GLN   A 1 28  ? -3.613  14.499  4.653   1.00 26.96 ? 1092 GLN   A O    1 
ATOM   103  C  CB   . GLN   A 1 28  ? -4.297  17.026  2.737   1.00 30.44 ? 1092 GLN   A CB   1 
ATOM   104  C  CG   . GLN   A 1 28  ? -3.516  18.074  1.947   1.00 36.17 ? 1092 GLN   A CG   1 
ATOM   105  C  CD   . GLN   A 1 28  ? -2.021  17.990  2.149   1.00 42.09 ? 1092 GLN   A CD   1 
ATOM   106  O  OE1  . GLN   A 1 28  ? -1.250  17.873  1.198   1.00 50.68 ? 1092 GLN   A OE1  1 
ATOM   107  N  NE2  . GLN   A 1 28  ? -1.593  18.052  3.400   1.00 48.90 ? 1092 GLN   A NE2  1 
ATOM   108  N  N    . ALA   A 1 29  ? -5.458  14.018  3.434   1.00 23.40 ? 1093 ALA   A N    1 
ATOM   109  C  CA   . ALA   A 1 29  ? -6.057  13.101  4.431   1.00 24.01 ? 1093 ALA   A CA   1 
ATOM   110  C  C    . ALA   A 1 29  ? -5.322  11.757  4.424   1.00 22.16 ? 1093 ALA   A C    1 
ATOM   111  O  O    . ALA   A 1 29  ? -5.118  11.199  5.507   1.00 23.40 ? 1093 ALA   A O    1 
ATOM   112  C  CB   . ALA   A 1 29  ? -7.522  12.905  4.140   1.00 24.46 ? 1093 ALA   A CB   1 
ATOM   113  N  N    . LEU   A 1 30  ? -4.976  11.246  3.242   1.00 21.39 ? 1094 LEU   A N    1 
ATOM   114  C  CA   . LEU   A 1 30  ? -4.507  9.840   3.111   1.00 20.87 ? 1094 LEU   A CA   1 
ATOM   115  C  C    . LEU   A 1 30  ? -2.979  9.747   3.216   1.00 22.29 ? 1094 LEU   A C    1 
ATOM   116  O  O    . LEU   A 1 30  ? -2.515  8.723   3.758   1.00 21.65 ? 1094 LEU   A O    1 
ATOM   117  C  CB   . LEU   A 1 30  ? -5.001  9.283   1.781   1.00 20.21 ? 1094 LEU   A CB   1 
ATOM   118  C  CG   . LEU   A 1 30  ? -6.520  9.169   1.630   1.00 20.66 ? 1094 LEU   A CG   1 
ATOM   119  C  CD1  . LEU   A 1 30  ? -6.855  8.713   0.223   1.00 20.81 ? 1094 LEU   A CD1  1 
ATOM   120  C  CD2  . LEU   A 1 30  ? -7.119  8.263   2.699   1.00 20.75 ? 1094 LEU   A CD2  1 
ATOM   121  N  N    . MET   A 1 31  ? -2.225  10.747  2.750   1.00 22.29 ? 1095 MET   A N    1 
ATOM   122  C  CA   . MET   A 1 31  ? -0.738  10.628  2.704   1.00 23.68 ? 1095 MET   A CA   1 
ATOM   123  C  C    . MET   A 1 31  ? -0.191  10.312  4.101   1.00 24.32 ? 1095 MET   A C    1 
ATOM   124  O  O    . MET   A 1 31  ? 0.764   9.549   4.210   1.00 22.77 ? 1095 MET   A O    1 
ATOM   125  C  CB   . MET   A 1 31  ? -0.069  11.872  2.110   1.00 26.67 ? 1095 MET   A CB   1 
ATOM   126  C  CG   . MET   A 1 31  ? 1.428   11.687  1.851   1.00 27.65 ? 1095 MET   A CG   1 
ATOM   127  S  SD   . MET   A 1 31  ? 1.816   10.417  0.611   1.00 28.62 ? 1095 MET   A SD   1 
ATOM   128  C  CE   . MET   A 1 31  ? 1.499   11.363  -0.880  1.00 32.02 ? 1095 MET   A CE   1 
ATOM   129  N  N    . PRO   A 1 32  ? -0.677  10.893  5.219   1.00 24.27 ? 1096 PRO   A N    1 
ATOM   130  C  CA   . PRO   A 1 32  ? -0.166  10.518  6.544   1.00 24.97 ? 1096 PRO   A CA   1 
ATOM   131  C  C    . PRO   A 1 32  ? -0.260  9.014   6.866   1.00 23.43 ? 1096 PRO   A C    1 
ATOM   132  O  O    . PRO   A 1 32  ? 0.623   8.503   7.544   1.00 24.11 ? 1096 PRO   A O    1 
ATOM   133  C  CB   . PRO   A 1 32  ? -1.019  11.367  7.494   1.00 26.60 ? 1096 PRO   A CB   1 
ATOM   134  C  CG   . PRO   A 1 32  ? -1.303  12.610  6.680   1.00 25.68 ? 1096 PRO   A CG   1 
ATOM   135  C  CD   . PRO   A 1 32  ? -1.546  12.085  5.277   1.00 25.39 ? 1096 PRO   A CD   1 
ATOM   136  N  N    . THR   A 1 33  ? -1.290  8.327   6.375   1.00 21.36 ? 1097 THR   A N    1 
ATOM   137  C  CA   . THR   A 1 33  ? -1.455  6.867   6.599   1.00 22.22 ? 1097 THR   A CA   1 
ATOM   138  C  C    . THR   A 1 33  ? -0.338  6.155   5.832   1.00 22.09 ? 1097 THR   A C    1 
ATOM   139  O  O    . THR   A 1 33  ? 0.146   5.132   6.356   1.00 23.14 ? 1097 THR   A O    1 
ATOM   140  C  CB   . THR   A 1 33  ? -2.868  6.356   6.275   1.00 21.45 ? 1097 THR   A CB   1 
ATOM   141  O  OG1  . THR   A 1 33  ? -3.116  6.354   4.874   1.00 20.30 ? 1097 THR   A OG1  1 
ATOM   142  C  CG2  . THR   A 1 33  ? -3.940  7.185   6.955   1.00 23.07 ? 1097 THR   A CG2  1 
ATOM   143  N  N    . LEU   A 1 34  ? 0.045   6.649   4.653   1.00 22.24 ? 1098 LEU   A N    1 
ATOM   144  C  CA   . LEU   A 1 34  ? 1.130   6.027   3.838   1.00 22.04 ? 1098 LEU   A CA   1 
ATOM   145  C  C    . LEU   A 1 34  ? 2.473   6.316   4.528   1.00 22.49 ? 1098 LEU   A C    1 
ATOM   146  O  O    . LEU   A 1 34  ? 3.309   5.394   4.635   1.00 21.88 ? 1098 LEU   A O    1 
ATOM   147  C  CB   . LEU   A 1 34  ? 1.110   6.560   2.399   1.00 22.49 ? 1098 LEU   A CB   1 
ATOM   148  C  CG   . LEU   A 1 34  ? 1.874   5.708   1.371   1.00 22.29 ? 1098 LEU   A CG   1 
ATOM   149  C  CD1  . LEU   A 1 34  ? 1.168   4.374   1.162   1.00 23.69 ? 1098 LEU   A CD1  1 
ATOM   150  C  CD2  . LEU   A 1 34  ? 2.033   6.459   0.055   1.00 22.76 ? 1098 LEU   A CD2  1 
ATOM   151  N  N    . GLU   A 1 35  ? 2.658   7.541   5.013   1.00 22.98 ? 1099 GLU   A N    1 
ATOM   152  C  CA   . GLU   A 1 35  ? 3.869   7.955   5.779   1.00 24.05 ? 1099 GLU   A CA   1 
ATOM   153  C  C    . GLU   A 1 35  ? 4.032   7.067   7.010   1.00 21.98 ? 1099 GLU   A C    1 
ATOM   154  O  O    . GLU   A 1 35  ? 5.197   6.704   7.326   1.00 24.23 ? 1099 GLU   A O    1 
ATOM   155  C  CB   . GLU   A 1 35  ? 3.778   9.426   6.196   1.00 27.39 ? 1099 GLU   A CB   1 
ATOM   156  C  CG   . GLU   A 1 35  ? 4.040   10.378  5.047   1.00 31.61 ? 1099 GLU   A CG   1 
ATOM   157  C  CD   . GLU   A 1 35  ? 3.723   11.840  5.344   1.00 38.36 ? 1099 GLU   A CD   1 
ATOM   158  O  OE1  . GLU   A 1 35  ? 3.264   12.138  6.472   1.00 44.46 ? 1099 GLU   A OE1  1 
ATOM   159  O  OE2  . GLU   A 1 35  ? 3.930   12.682  4.434   1.00 41.75 ? 1099 GLU   A OE2  1 
ATOM   160  N  N    . ALA   A 1 36  ? 2.955   6.685   7.677   1.00 22.84 ? 1100 ALA   A N    1 
ATOM   161  C  CA   . ALA   A 1 36  ? 2.987   5.773   8.843   1.00 22.66 ? 1100 ALA   A CA   1 
ATOM   162  C  C    . ALA   A 1 36  ? 3.622   4.431   8.442   1.00 22.53 ? 1100 ALA   A C    1 
ATOM   163  O  O    . ALA   A 1 36  ? 4.359   3.830   9.268   1.00 25.02 ? 1100 ALA   A O    1 
ATOM   164  C  CB   . ALA   A 1 36  ? 1.604   5.555   9.388   1.00 24.43 ? 1100 ALA   A CB   1 
ATOM   165  N  N    . LEU   A 1 37  ? 3.342   3.945   7.237   1.00 21.57 ? 1101 LEU   A N    1 
ATOM   166  C  CA   . LEU   A 1 37  ? 3.938   2.672   6.768   1.00 21.43 ? 1101 LEU   A CA   1 
ATOM   167  C  C    . LEU   A 1 37  ? 5.428   2.906   6.486   1.00 21.58 ? 1101 LEU   A C    1 
ATOM   168  O  O    . LEU   A 1 37  ? 6.250   2.064   6.927   1.00 22.25 ? 1101 LEU   A O    1 
ATOM   169  C  CB   . LEU   A 1 37  ? 3.157   2.159   5.556   1.00 19.72 ? 1101 LEU   A CB   1 
ATOM   170  C  CG   . LEU   A 1 37  ? 1.665   1.905   5.825   1.00 19.69 ? 1101 LEU   A CG   1 
ATOM   171  C  CD1  . LEU   A 1 37  ? 1.024   1.212   4.634   1.00 20.23 ? 1101 LEU   A CD1  1 
ATOM   172  C  CD2  . LEU   A 1 37  ? 1.440   1.093   7.090   1.00 20.19 ? 1101 LEU   A CD2  1 
ATOM   173  N  N    . TYR   A 1 38  ? 5.791   3.997   5.820   1.00 21.98 ? 1102 TYR   A N    1 
ATOM   174  C  CA   . TYR   A 1 38  ? 7.197   4.263   5.418   1.00 23.86 ? 1102 TYR   A CA   1 
ATOM   175  C  C    . TYR   A 1 38  ? 8.067   4.366   6.672   1.00 25.79 ? 1102 TYR   A C    1 
ATOM   176  O  O    . TYR   A 1 38  ? 9.237   4.010   6.602   1.00 25.92 ? 1102 TYR   A O    1 
ATOM   177  C  CB   . TYR   A 1 38  ? 7.346   5.573   4.651   1.00 22.16 ? 1102 TYR   A CB   1 
ATOM   178  C  CG   . TYR   A 1 38  ? 7.196   5.501   3.156   1.00 23.50 ? 1102 TYR   A CG   1 
ATOM   179  C  CD1  . TYR   A 1 38  ? 8.256   5.129   2.349   1.00 22.11 ? 1102 TYR   A CD1  1 
ATOM   180  C  CD2  . TYR   A 1 38  ? 6.004   5.844   2.534   1.00 22.99 ? 1102 TYR   A CD2  1 
ATOM   181  C  CE1  . TYR   A 1 38  ? 8.149   5.094   0.969   1.00 23.89 ? 1102 TYR   A CE1  1 
ATOM   182  C  CE2  . TYR   A 1 38  ? 5.882   5.817   1.154   1.00 23.63 ? 1102 TYR   A CE2  1 
ATOM   183  C  CZ   . TYR   A 1 38  ? 6.950   5.445   0.363   1.00 21.02 ? 1102 TYR   A CZ   1 
ATOM   184  O  OH   . TYR   A 1 38  ? 6.825   5.423   -1.005  1.00 23.12 ? 1102 TYR   A OH   1 
ATOM   185  N  N    . ARG   A 1 39  ? 7.495   4.846   7.770   1.00 25.22 ? 1103 ARG   A N    1 
ATOM   186  C  CA   . ARG   A 1 39  ? 8.207   5.050   9.057   1.00 26.86 ? 1103 ARG   A CA   1 
ATOM   187  C  C    . ARG   A 1 39  ? 8.570   3.715   9.702   1.00 26.73 ? 1103 ARG   A C    1 
ATOM   188  O  O    . ARG   A 1 39  ? 9.499   3.724   10.528  1.00 29.21 ? 1103 ARG   A O    1 
ATOM   189  C  CB   . ARG   A 1 39  ? 7.352   5.884   10.011  1.00 30.29 ? 1103 ARG   A CB   1 
ATOM   190  C  CG   . ARG   A 1 39  ? 7.389   7.376   9.723   1.00 34.29 ? 1103 ARG   A CG   1 
ATOM   191  C  CD   . ARG   A 1 39  ? 7.072   8.193   10.964  1.00 37.06 ? 1103 ARG   A CD   1 
ATOM   192  N  NE   . ARG   A 1 39  ? 5.761   7.884   11.522  1.00 38.68 ? 1103 ARG   A NE   1 
ATOM   193  C  CZ   . ARG   A 1 39  ? 4.611   8.425   11.118  1.00 38.77 ? 1103 ARG   A CZ   1 
ATOM   194  N  NH1  . ARG   A 1 39  ? 4.594   9.313   10.137  1.00 39.57 ? 1103 ARG   A NH1  1 
ATOM   195  N  NH2  . ARG   A 1 39  ? 3.480   8.067   11.700  1.00 39.88 ? 1103 ARG   A NH2  1 
ATOM   196  N  N    . GLN   A 1 40  ? 7.862   2.627   9.389   1.00 25.56 ? 1104 GLN   A N    1 
ATOM   197  C  CA   . GLN   A 1 40  ? 8.161   1.282   9.955   1.00 25.23 ? 1104 GLN   A CA   1 
ATOM   198  C  C    . GLN   A 1 40  ? 9.490   0.802   9.359   1.00 27.20 ? 1104 GLN   A C    1 
ATOM   199  O  O    . GLN   A 1 40  ? 9.575   0.568   8.135   1.00 23.80 ? 1104 GLN   A O    1 
ATOM   200  C  CB   . GLN   A 1 40  ? 7.032   0.285   9.696   1.00 25.72 ? 1104 GLN   A CB   1 
ATOM   201  C  CG   . GLN   A 1 40  ? 5.677   0.754   10.197  1.00 27.27 ? 1104 GLN   A CG   1 
ATOM   202  C  CD   . GLN   A 1 40  ? 5.706   1.215   11.633  1.00 32.51 ? 1104 GLN   A CD   1 
ATOM   203  O  OE1  . GLN   A 1 40  ? 6.103   0.477   12.536  1.00 32.09 ? 1104 GLN   A OE1  1 
ATOM   204  N  NE2  . GLN   A 1 40  ? 5.248   2.442   11.844  1.00 33.16 ? 1104 GLN   A NE2  1 
ATOM   205  N  N    . ASP   A 1 41  ? 10.516  0.746   10.202  1.00 29.27 ? 1105 ASP   A N    1 
ATOM   206  C  CA   . ASP   A 1 41  ? 11.878  0.315   9.818   1.00 31.33 ? 1105 ASP   A CA   1 
ATOM   207  C  C    . ASP   A 1 41  ? 12.266  -0.805  10.769  1.00 29.58 ? 1105 ASP   A C    1 
ATOM   208  O  O    . ASP   A 1 41  ? 12.302  -0.576  11.973  1.00 32.81 ? 1105 ASP   A O    1 
ATOM   209  C  CB   . ASP   A 1 41  ? 12.849  1.489   9.906   1.00 33.38 ? 1105 ASP   A CB   1 
ATOM   210  C  CG   . ASP   A 1 41  ? 14.199  1.211   9.273   1.00 36.26 ? 1105 ASP   A CG   1 
ATOM   211  O  OD1  . ASP   A 1 41  ? 14.635  0.048   9.304   1.00 39.63 ? 1105 ASP   A OD1  1 
ATOM   212  O  OD2  . ASP   A 1 41  ? 14.799  2.162   8.750   1.00 41.09 ? 1105 ASP   A OD2  1 
ATOM   213  N  N    . PRO   A 1 42  ? 12.562  -2.039  10.306  1.00 27.44 ? 1106 PRO   A N    1 
ATOM   214  C  CA   . PRO   A 1 42  ? 12.792  -2.368  8.896   1.00 25.94 ? 1106 PRO   A CA   1 
ATOM   215  C  C    . PRO   A 1 42  ? 11.571  -2.846  8.085   1.00 23.27 ? 1106 PRO   A C    1 
ATOM   216  O  O    . PRO   A 1 42  ? 11.738  -3.179  6.917   1.00 22.87 ? 1106 PRO   A O    1 
ATOM   217  C  CB   . PRO   A 1 42  ? 13.786  -3.531  9.060   1.00 27.40 ? 1106 PRO   A CB   1 
ATOM   218  C  CG   . PRO   A 1 42  ? 13.273  -4.285  10.260  1.00 27.33 ? 1106 PRO   A CG   1 
ATOM   219  C  CD   . PRO   A 1 42  ? 12.758  -3.204  11.188  1.00 28.78 ? 1106 PRO   A CD   1 
ATOM   220  N  N    . GLU   A 1 43  ? 10.377  -2.871  8.691   1.00 23.03 ? 1107 GLU   A N    1 
ATOM   221  C  CA   . GLU   A 1 43  ? 9.239   -3.636  8.098   1.00 21.50 ? 1107 GLU   A CA   1 
ATOM   222  C  C    . GLU   A 1 43  ? 8.798   -3.034  6.760   1.00 20.10 ? 1107 GLU   A C    1 
ATOM   223  O  O    . GLU   A 1 43  ? 8.361   -3.830  5.890   1.00 18.60 ? 1107 GLU   A O    1 
ATOM   224  C  CB   . GLU   A 1 43  ? 8.071   -3.799  9.063   1.00 22.98 ? 1107 GLU   A CB   1 
ATOM   225  C  CG   . GLU   A 1 43  ? 8.421   -4.649  10.273  1.00 24.08 ? 1107 GLU   A CG   1 
ATOM   226  C  CD   . GLU   A 1 43  ? 8.997   -3.888  11.454  1.00 26.75 ? 1107 GLU   A CD   1 
ATOM   227  O  OE1  . GLU   A 1 43  ? 9.283   -2.672  11.331  1.00 26.36 ? 1107 GLU   A OE1  1 
ATOM   228  O  OE2  . GLU   A 1 43  ? 9.163   -4.533  12.496  1.00 31.97 ? 1107 GLU   A OE2  1 
ATOM   229  N  N    . SER   A 1 44  ? 8.963   -1.733  6.528   1.00 19.70 ? 1108 SER   A N    1 
ATOM   230  C  CA   . SER   A 1 44  ? 8.560   -1.147  5.225   1.00 19.35 ? 1108 SER   A CA   1 
ATOM   231  C  C    . SER   A 1 44  ? 9.613   -1.384  4.129   1.00 17.70 ? 1108 SER   A C    1 
ATOM   232  O  O    . SER   A 1 44  ? 9.318   -1.173  2.953   1.00 18.63 ? 1108 SER   A O    1 
ATOM   233  C  CB   . SER   A 1 44  ? 8.237   0.302   5.362   1.00 21.33 ? 1108 SER   A CB   1 
ATOM   234  O  OG   . SER   A 1 44  ? 9.419   1.074   5.419   1.00 21.71 ? 1108 SER   A OG   1 
ATOM   235  N  N    . LEU   A 1 45  ? 10.832  -1.800  4.486   1.00 19.57 ? 1109 LEU   A N    1 
ATOM   236  C  CA   . LEU   A 1 45  ? 11.951  -1.791  3.520   1.00 19.65 ? 1109 LEU   A CA   1 
ATOM   237  C  C    . LEU   A 1 45  ? 11.629  -2.612  2.279   1.00 18.15 ? 1109 LEU   A C    1 
ATOM   238  O  O    . LEU   A 1 45  ? 11.862  -2.155  1.175   1.00 19.85 ? 1109 LEU   A O    1 
ATOM   239  C  CB   . LEU   A 1 45  ? 13.252  -2.254  4.188   1.00 20.83 ? 1109 LEU   A CB   1 
ATOM   240  C  CG   . LEU   A 1 45  ? 13.892  -1.261  5.148   1.00 22.96 ? 1109 LEU   A CG   1 
ATOM   241  C  CD1  . LEU   A 1 45  ? 15.125  -1.874  5.812   1.00 24.10 ? 1109 LEU   A CD1  1 
ATOM   242  C  CD2  . LEU   A 1 45  ? 14.249  0.019   4.438   1.00 23.71 ? 1109 LEU   A CD2  1 
ATOM   243  N  N    . PRO   A 1 46  ? 11.061  -3.839  2.364   1.00 18.86 ? 1110 PRO   A N    1 
ATOM   244  C  CA   . PRO   A 1 46  ? 10.714  -4.575  1.153   1.00 16.86 ? 1110 PRO   A CA   1 
ATOM   245  C  C    . PRO   A 1 46  ? 9.631   -3.934  0.268   1.00 16.32 ? 1110 PRO   A C    1 
ATOM   246  O  O    . PRO   A 1 46  ? 9.452   -4.399  -0.837  1.00 17.68 ? 1110 PRO   A O    1 
ATOM   247  C  CB   . PRO   A 1 46  ? 10.198  -5.947  1.636   1.00 18.26 ? 1110 PRO   A CB   1 
ATOM   248  C  CG   . PRO   A 1 46  ? 10.534  -6.008  3.087   1.00 20.72 ? 1110 PRO   A CG   1 
ATOM   249  C  CD   . PRO   A 1 46  ? 10.795  -4.603  3.582   1.00 19.41 ? 1110 PRO   A CD   1 
ATOM   250  N  N    . PHE   A 1 47  ? 8.879   -2.984  0.835   1.00 17.82 ? 1111 PHE   A N    1 
ATOM   251  C  CA   . PHE   A 1 47  ? 7.632   -2.435  0.248   1.00 17.70 ? 1111 PHE   A CA   1 
ATOM   252  C  C    . PHE   A 1 47  ? 7.878   -1.068  -0.387  1.00 19.38 ? 1111 PHE   A C    1 
ATOM   253  O  O    . PHE   A 1 47  ? 6.951   -0.530  -1.018  1.00 18.87 ? 1111 PHE   A O    1 
ATOM   254  C  CB   . PHE   A 1 47  ? 6.548   -2.339  1.320   1.00 17.04 ? 1111 PHE   A CB   1 
ATOM   255  C  CG   . PHE   A 1 47  ? 6.124   -3.686  1.824   1.00 17.32 ? 1111 PHE   A CG   1 
ATOM   256  C  CD1  . PHE   A 1 47  ? 5.170   -4.403  1.125   1.00 18.57 ? 1111 PHE   A CD1  1 
ATOM   257  C  CD2  . PHE   A 1 47  ? 6.700   -4.235  2.962   1.00 17.35 ? 1111 PHE   A CD2  1 
ATOM   258  C  CE1  . PHE   A 1 47  ? 4.768   -5.649  1.572   1.00 20.14 ? 1111 PHE   A CE1  1 
ATOM   259  C  CE2  . PHE   A 1 47  ? 6.310   -5.493  3.394   1.00 19.77 ? 1111 PHE   A CE2  1 
ATOM   260  C  CZ   . PHE   A 1 47  ? 5.352   -6.193  2.688   1.00 21.34 ? 1111 PHE   A CZ   1 
ATOM   261  N  N    . ARG   A 1 48  ? 9.086   -0.517  -0.280  1.00 18.00 ? 1112 ARG   A N    1 
ATOM   262  C  CA   . ARG   A 1 48  ? 9.309   0.904   -0.668  1.00 19.40 ? 1112 ARG   A CA   1 
ATOM   263  C  C    . ARG   A 1 48  ? 9.417   1.061   -2.184  1.00 20.29 ? 1112 ARG   A C    1 
ATOM   264  O  O    . ARG   A 1 48  ? 9.120   2.174   -2.671  1.00 22.17 ? 1112 ARG   A O    1 
ATOM   265  C  CB   . ARG   A 1 48  ? 10.545  1.470   0.023   1.00 19.09 ? 1112 ARG   A CB   1 
ATOM   266  C  CG   . ARG   A 1 48  ? 10.357  1.651   1.514   1.00 20.56 ? 1112 ARG   A CG   1 
ATOM   267  C  CD   . ARG   A 1 48  ? 11.573  2.253   2.181   1.00 22.23 ? 1112 ARG   A CD   1 
ATOM   268  N  NE   . ARG   A 1 48  ? 11.321  2.528   3.573   1.00 22.70 ? 1112 ARG   A NE   1 
ATOM   269  C  CZ   . ARG   A 1 48  ? 12.143  3.162   4.414   1.00 26.11 ? 1112 ARG   A CZ   1 
ATOM   270  N  NH1  . ARG   A 1 48  ? 13.338  3.559   4.009   1.00 28.58 ? 1112 ARG   A NH1  1 
ATOM   271  N  NH2  . ARG   A 1 48  ? 11.782  3.346   5.670   1.00 27.30 ? 1112 ARG   A NH2  1 
ATOM   272  N  N    . GLN   A 1 49  ? 9.880   0.062   -2.915  1.00 17.65 ? 1113 GLN   A N    1 
ATOM   273  C  CA   . GLN   A 1 49  ? 10.015  0.100   -4.375  1.00 18.94 ? 1113 GLN   A CA   1 
ATOM   274  C  C    . GLN   A 1 49  ? 9.372   -1.137  -4.983  1.00 19.10 ? 1113 GLN   A C    1 
ATOM   275  O  O    . GLN   A 1 49  ? 9.208   -2.184  -4.314  1.00 18.17 ? 1113 GLN   A O    1 
ATOM   276  C  CB   . GLN   A 1 49  ? 11.502  0.209   -4.751  1.00 21.15 ? 1113 GLN   A CB   1 
ATOM   277  C  CG   . GLN   A 1 49  ? 12.166  1.497   -4.290  1.00 22.38 ? 1113 GLN   A CG   1 
ATOM   278  C  CD   . GLN   A 1 49  ? 11.725  2.700   -5.096  1.00 23.60 ? 1113 GLN   A CD   1 
ATOM   279  O  OE1  . GLN   A 1 49  ? 11.560  3.791   -4.569  1.00 33.69 ? 1113 GLN   A OE1  1 
ATOM   280  N  NE2  . GLN   A 1 49  ? 11.494  2.481   -6.374  1.00 26.54 ? 1113 GLN   A NE2  1 
ATOM   281  N  N    . PRO   A 1 50  ? 9.001   -1.108  -6.271  1.00 18.09 ? 1114 PRO   A N    1 
ATOM   282  C  CA   . PRO   A 1 50  ? 8.457   -2.281  -6.940  1.00 19.07 ? 1114 PRO   A CA   1 
ATOM   283  C  C    . PRO   A 1 50  ? 9.407   -3.473  -6.809  1.00 18.87 ? 1114 PRO   A C    1 
ATOM   284  O  O    . PRO   A 1 50  ? 10.610  -3.332  -6.868  1.00 19.54 ? 1114 PRO   A O    1 
ATOM   285  C  CB   . PRO   A 1 50  ? 8.291   -1.889  -8.404  1.00 20.25 ? 1114 PRO   A CB   1 
ATOM   286  C  CG   . PRO   A 1 50  ? 8.251   -0.377  -8.362  1.00 20.45 ? 1114 PRO   A CG   1 
ATOM   287  C  CD   . PRO   A 1 50  ? 9.086   0.059   -7.178  1.00 19.26 ? 1114 PRO   A CD   1 
ATOM   288  N  N    . VAL   A 1 51  ? 8.844   -4.606  -6.479  1.00 18.67 ? 1115 VAL   A N    1 
ATOM   289  C  CA   . VAL   A 1 51  ? 9.575   -5.891  -6.575  1.00 19.12 ? 1115 VAL   A CA   1 
ATOM   290  C  C    . VAL   A 1 51  ? 10.244  -5.982  -7.939  1.00 19.43 ? 1115 VAL   A C    1 
ATOM   291  O  O    . VAL   A 1 51  ? 9.571   -5.884  -8.967  1.00 20.90 ? 1115 VAL   A O    1 
ATOM   292  C  CB   . VAL   A 1 51  ? 8.625   -7.069  -6.346  1.00 19.92 ? 1115 VAL   A CB   1 
ATOM   293  C  CG1  . VAL   A 1 51  ? 9.331   -8.394  -6.640  1.00 19.63 ? 1115 VAL   A CG1  1 
ATOM   294  C  CG2  . VAL   A 1 51  ? 8.095   -6.991  -4.919  1.00 21.94 ? 1115 VAL   A CG2  1 
ATOM   295  N  N    . ASP   A 1 52  ? 11.556  -6.247  -7.936  1.00 20.07 ? 1116 ASP   A N    1 
ATOM   296  C  CA   . ASP   A 1 52  ? 12.363  -6.469  -9.158  1.00 20.63 ? 1116 ASP   A CA   1 
ATOM   297  C  C    . ASP   A 1 52  ? 12.775  -7.931  -9.124  1.00 18.98 ? 1116 ASP   A C    1 
ATOM   298  O  O    . ASP   A 1 52  ? 13.726  -8.265  -8.413  1.00 18.26 ? 1116 ASP   A O    1 
ATOM   299  C  CB   . ASP   A 1 52  ? 13.561  -5.527  -9.151  1.00 20.34 ? 1116 ASP   A CB   1 
ATOM   300  C  CG   . ASP   A 1 52  ? 14.481  -5.726  -10.337 1.00 19.75 ? 1116 ASP   A CG   1 
ATOM   301  O  OD1  . ASP   A 1 52  ? 14.379  -6.751  -11.031 1.00 20.15 ? 1116 ASP   A OD1  1 
ATOM   302  O  OD2  . ASP   A 1 52  ? 15.275  -4.789  -10.577 1.00 23.75 ? 1116 ASP   A OD2  1 
ATOM   303  N  N    . PRO   A 1 53  ? 12.027  -8.841  -9.764  1.00 18.41 ? 1117 PRO   A N    1 
ATOM   304  C  CA   . PRO   A 1 53  ? 12.277  -10.271 -9.613  1.00 18.84 ? 1117 PRO   A CA   1 
ATOM   305  C  C    . PRO   A 1 53  ? 13.691  -10.675 -10.049 1.00 19.80 ? 1117 PRO   A C    1 
ATOM   306  O  O    . PRO   A 1 53  ? 14.198  -11.603 -9.459  1.00 21.93 ? 1117 PRO   A O    1 
ATOM   307  C  CB   . PRO   A 1 53  ? 11.195  -10.944 -10.457 1.00 19.83 ? 1117 PRO   A CB   1 
ATOM   308  C  CG   . PRO   A 1 53  ? 10.075  -9.930  -10.426 1.00 19.22 ? 1117 PRO   A CG   1 
ATOM   309  C  CD   . PRO   A 1 53  ? 10.771  -8.584  -10.486 1.00 18.35 ? 1117 PRO   A CD   1 
ATOM   310  N  N    . GLN   A 1 54  ? 14.256  -9.957  -11.018 1.00 22.22 ? 1118 GLN   A N    1 
ATOM   311  C  CA   . GLN   A 1 54  ? 15.607  -10.261 -11.562 1.00 25.67 ? 1118 GLN   A CA   1 
ATOM   312  C  C    . GLN   A 1 54  ? 16.646  -9.943  -10.484 1.00 21.32 ? 1118 GLN   A C    1 
ATOM   313  O  O    . GLN   A 1 54  ? 17.473  -10.800 -10.139 1.00 23.44 ? 1118 GLN   A O    1 
ATOM   314  C  CB   . GLN   A 1 54  ? 15.876  -9.435  -12.822 1.00 28.90 ? 1118 GLN   A CB   1 
ATOM   315  C  CG   . GLN   A 1 54  ? 15.028  -9.827  -14.026 1.00 33.40 ? 1118 GLN   A CG   1 
ATOM   316  C  CD   . GLN   A 1 54  ? 15.103  -8.788  -15.120 1.00 39.70 ? 1118 GLN   A CD   1 
ATOM   317  O  OE1  . GLN   A 1 54  ? 16.121  -8.113  -15.305 1.00 44.13 ? 1118 GLN   A OE1  1 
ATOM   318  N  NE2  . GLN   A 1 54  ? 14.018  -8.653  -15.862 1.00 42.90 ? 1118 GLN   A NE2  1 
ATOM   319  N  N    . LEU   A 1 55  ? 16.632  -8.723  -9.990  1.00 19.38 ? 1119 LEU   A N    1 
ATOM   320  C  CA   . LEU   A 1 55  ? 17.544  -8.265  -8.920  1.00 19.58 ? 1119 LEU   A CA   1 
ATOM   321  C  C    . LEU   A 1 55  ? 17.453  -9.175  -7.701  1.00 20.59 ? 1119 LEU   A C    1 
ATOM   322  O  O    . LEU   A 1 55  ? 18.498  -9.455  -7.046  1.00 19.68 ? 1119 LEU   A O    1 
ATOM   323  C  CB   . LEU   A 1 55  ? 17.197  -6.823  -8.555  1.00 20.69 ? 1119 LEU   A CB   1 
ATOM   324  C  CG   . LEU   A 1 55  ? 17.954  -6.216  -7.376  1.00 22.45 ? 1119 LEU   A CG   1 
ATOM   325  C  CD1  . LEU   A 1 55  ? 19.405  -5.956  -7.708  1.00 22.09 ? 1119 LEU   A CD1  1 
ATOM   326  C  CD2  . LEU   A 1 55  ? 17.298  -4.919  -6.940  1.00 24.34 ? 1119 LEU   A CD2  1 
ATOM   327  N  N    . LEU   A 1 56  ? 16.239  -9.568  -7.316  1.00 17.69 ? 1120 LEU   A N    1 
ATOM   328  C  CA   . LEU   A 1 56  ? 16.043  -10.280 -6.031  1.00 19.25 ? 1120 LEU   A CA   1 
ATOM   329  C  C    . LEU   A 1 56  ? 16.165  -11.787 -6.234  1.00 20.29 ? 1120 LEU   A C    1 
ATOM   330  O  O    . LEU   A 1 56  ? 16.083  -12.483 -5.205  1.00 23.00 ? 1120 LEU   A O    1 
ATOM   331  C  CB   . LEU   A 1 56  ? 14.672  -9.893  -5.476  1.00 19.74 ? 1120 LEU   A CB   1 
ATOM   332  C  CG   . LEU   A 1 56  ? 14.457  -8.415  -5.205  1.00 21.93 ? 1120 LEU   A CG   1 
ATOM   333  C  CD1  . LEU   A 1 56  ? 13.012  -8.196  -4.746  1.00 21.59 ? 1120 LEU   A CD1  1 
ATOM   334  C  CD2  . LEU   A 1 56  ? 15.456  -7.860  -4.196  1.00 23.46 ? 1120 LEU   A CD2  1 
ATOM   335  N  N    . GLY   A 1 57  ? 16.358  -12.255 -7.472  1.00 21.36 ? 1121 GLY   A N    1 
ATOM   336  C  CA   . GLY   A 1 57  ? 16.476  -13.687 -7.807  1.00 24.19 ? 1121 GLY   A CA   1 
ATOM   337  C  C    . GLY   A 1 57  ? 15.225  -14.456 -7.416  1.00 24.12 ? 1121 GLY   A C    1 
ATOM   338  O  O    . GLY   A 1 57  ? 15.354  -15.581 -6.880  1.00 25.85 ? 1121 GLY   A O    1 
ATOM   339  N  N    . ILE   A 1 58  ? 14.050  -13.885 -7.684  1.00 22.12 ? 1122 ILE   A N    1 
ATOM   340  C  CA   . ILE   A 1 58  ? 12.738  -14.567 -7.446  1.00 21.37 ? 1122 ILE   A CA   1 
ATOM   341  C  C    . ILE   A 1 58  ? 11.973  -14.627 -8.770  1.00 21.33 ? 1122 ILE   A C    1 
ATOM   342  O  O    . ILE   A 1 58  ? 10.955  -13.959 -8.946  1.00 20.39 ? 1122 ILE   A O    1 
ATOM   343  C  CB   . ILE   A 1 58  ? 11.994  -13.900 -6.270  1.00 22.13 ? 1122 ILE   A CB   1 
ATOM   344  C  CG1  . ILE   A 1 58  ? 11.797  -12.389 -6.449  1.00 21.35 ? 1122 ILE   A CG1  1 
ATOM   345  C  CG2  . ILE   A 1 58  ? 12.695  -14.208 -4.957  1.00 23.50 ? 1122 ILE   A CG2  1 
ATOM   346  C  CD1  . ILE   A 1 58  ? 10.994  -11.722 -5.356  1.00 22.07 ? 1122 ILE   A CD1  1 
ATOM   347  N  N    . PRO   A 1 59  ? 12.462  -15.372 -9.791  1.00 21.50 ? 1123 PRO   A N    1 
ATOM   348  C  CA   . PRO   A 1 59  ? 11.898  -15.351 -11.137 1.00 24.15 ? 1123 PRO   A CA   1 
ATOM   349  C  C    . PRO   A 1 59  ? 10.437  -15.800 -11.260 1.00 21.60 ? 1123 PRO   A C    1 
ATOM   350  O  O    . PRO   A 1 59  ? 9.807   -15.514 -12.268 1.00 24.11 ? 1123 PRO   A O    1 
ATOM   351  C  CB   . PRO   A 1 59  ? 12.785  -16.288 -11.986 1.00 27.85 ? 1123 PRO   A CB   1 
ATOM   352  C  CG   . PRO   A 1 59  ? 13.766  -16.909 -11.030 1.00 26.54 ? 1123 PRO   A CG   1 
ATOM   353  C  CD   . PRO   A 1 59  ? 13.673  -16.207 -9.699  1.00 24.91 ? 1123 PRO   A CD   1 
ATOM   354  N  N    . ASP   A 1 60  ? 9.890   -16.473 -10.235 1.00 20.10 ? 1124 ASP   A N    1 
ATOM   355  C  CA   . ASP   A 1 60  ? 8.470   -16.907 -10.261 1.00 18.47 ? 1124 ASP   A CA   1 
ATOM   356  C  C    . ASP   A 1 60  ? 7.534   -15.783 -9.778  1.00 18.89 ? 1124 ASP   A C    1 
ATOM   357  O  O    . ASP   A 1 60  ? 6.323   -16.001 -9.796  1.00 19.97 ? 1124 ASP   A O    1 
ATOM   358  C  CB   . ASP   A 1 60  ? 8.246   -18.181 -9.456  1.00 19.08 ? 1124 ASP   A CB   1 
ATOM   359  C  CG   . ASP   A 1 60  ? 8.495   -18.032 -7.969  1.00 17.92 ? 1124 ASP   A CG   1 
ATOM   360  O  OD1  . ASP   A 1 60  ? 9.325   -17.186 -7.612  1.00 19.61 ? 1124 ASP   A OD1  1 
ATOM   361  O  OD2  . ASP   A 1 60  ? 7.871   -18.806 -7.184  1.00 19.76 ? 1124 ASP   A OD2  1 
ATOM   362  N  N    . TYR   A 1 61  ? 8.051   -14.633 -9.378  1.00 17.24 ? 1125 TYR   A N    1 
ATOM   363  C  CA   . TYR   A 1 61  ? 7.212   -13.583 -8.737  1.00 17.33 ? 1125 TYR   A CA   1 
ATOM   364  C  C    . TYR   A 1 61  ? 6.024   -13.239 -9.632  1.00 18.48 ? 1125 TYR   A C    1 
ATOM   365  O  O    . TYR   A 1 61  ? 4.873   -13.301 -9.159  1.00 17.25 ? 1125 TYR   A O    1 
ATOM   366  C  CB   . TYR   A 1 61  ? 8.013   -12.335 -8.412  1.00 16.38 ? 1125 TYR   A CB   1 
ATOM   367  C  CG   . TYR   A 1 61  ? 7.206   -11.334 -7.630  1.00 15.87 ? 1125 TYR   A CG   1 
ATOM   368  C  CD1  . TYR   A 1 61  ? 6.999   -11.537 -6.282  1.00 15.84 ? 1125 TYR   A CD1  1 
ATOM   369  C  CD2  . TYR   A 1 61  ? 6.631   -10.234 -8.233  1.00 15.94 ? 1125 TYR   A CD2  1 
ATOM   370  C  CE1  . TYR   A 1 61  ? 6.235   -10.662 -5.535  1.00 15.94 ? 1125 TYR   A CE1  1 
ATOM   371  C  CE2  . TYR   A 1 61  ? 5.882   -9.337  -7.493  1.00 16.80 ? 1125 TYR   A CE2  1 
ATOM   372  C  CZ   . TYR   A 1 61  ? 5.682   -9.547  -6.142  1.00 16.94 ? 1125 TYR   A CZ   1 
ATOM   373  O  OH   . TYR   A 1 61  ? 4.918   -8.667  -5.421  1.00 19.05 ? 1125 TYR   A OH   1 
ATOM   374  N  N    . PHE   A 1 62  ? 6.226   -12.939 -10.915 1.00 18.51 ? 1126 PHE   A N    1 
ATOM   375  C  CA   . PHE   A 1 62  ? 5.115   -12.497 -11.809 1.00 18.57 ? 1126 PHE   A CA   1 
ATOM   376  C  C    . PHE   A 1 62  ? 4.254   -13.656 -12.312 1.00 20.90 ? 1126 PHE   A C    1 
ATOM   377  O  O    . PHE   A 1 62  ? 3.203   -13.374 -12.912 1.00 22.43 ? 1126 PHE   A O    1 
ATOM   378  C  CB   . PHE   A 1 62  ? 5.620   -11.700 -13.011 1.00 19.73 ? 1126 PHE   A CB   1 
ATOM   379  C  CG   . PHE   A 1 62  ? 6.229   -10.368 -12.687 1.00 20.29 ? 1126 PHE   A CG   1 
ATOM   380  C  CD1  . PHE   A 1 62  ? 5.731   -9.566  -11.678 1.00 18.84 ? 1126 PHE   A CD1  1 
ATOM   381  C  CD2  . PHE   A 1 62  ? 7.310   -9.890  -13.420 1.00 22.67 ? 1126 PHE   A CD2  1 
ATOM   382  C  CE1  . PHE   A 1 62  ? 6.279   -8.323  -11.399 1.00 20.17 ? 1126 PHE   A CE1  1 
ATOM   383  C  CE2  . PHE   A 1 62  ? 7.861   -8.651  -13.130 1.00 22.32 ? 1126 PHE   A CE2  1 
ATOM   384  C  CZ   . PHE   A 1 62  ? 7.374   -7.883  -12.113 1.00 21.08 ? 1126 PHE   A CZ   1 
ATOM   385  N  N    . ASP   A 1 63  ? 4.636   -14.894 -12.062 1.00 20.19 ? 1127 ASP   A N    1 
ATOM   386  C  CA   . ASP   A 1 63  ? 3.750   -16.062 -12.273 1.00 23.96 ? 1127 ASP   A CA   1 
ATOM   387  C  C    . ASP   A 1 63  ? 2.630   -16.011 -11.231 1.00 21.22 ? 1127 ASP   A C    1 
ATOM   388  O  O    . ASP   A 1 63  ? 1.498   -16.459 -11.522 1.00 22.71 ? 1127 ASP   A O    1 
ATOM   389  C  CB   . ASP   A 1 63  ? 4.517   -17.372 -12.092 1.00 25.78 ? 1127 ASP   A CB   1 
ATOM   390  C  CG   . ASP   A 1 63  ? 5.443   -17.757 -13.233 1.00 32.79 ? 1127 ASP   A CG   1 
ATOM   391  O  OD1  . ASP   A 1 63  ? 5.612   -16.942 -14.160 1.00 38.55 ? 1127 ASP   A OD1  1 
ATOM   392  O  OD2  . ASP   A 1 63  ? 5.990   -18.882 -13.176 1.00 38.58 ? 1127 ASP   A OD2  1 
ATOM   393  N  N    . ILE   A 1 64  ? 2.961   -15.537 -10.032 1.00 19.08 ? 1128 ILE   A N    1 
ATOM   394  C  CA   . ILE   A 1 64  ? 2.064   -15.607 -8.842  1.00 18.72 ? 1128 ILE   A CA   1 
ATOM   395  C  C    . ILE   A 1 64  ? 1.345   -14.276 -8.655  1.00 18.82 ? 1128 ILE   A C    1 
ATOM   396  O  O    . ILE   A 1 64  ? 0.132   -14.271 -8.378  1.00 19.29 ? 1128 ILE   A O    1 
ATOM   397  C  CB   . ILE   A 1 64  ? 2.883   -16.015 -7.609  1.00 19.01 ? 1128 ILE   A CB   1 
ATOM   398  C  CG1  . ILE   A 1 64  ? 3.442   -17.435 -7.798  1.00 20.60 ? 1128 ILE   A CG1  1 
ATOM   399  C  CG2  . ILE   A 1 64  ? 2.068   -15.893 -6.323  1.00 18.91 ? 1128 ILE   A CG2  1 
ATOM   400  C  CD1  . ILE   A 1 64  ? 4.505   -17.819 -6.822  1.00 23.48 ? 1128 ILE   A CD1  1 
ATOM   401  N  N    . VAL   A 1 65  ? 2.076   -13.182 -8.791  1.00 17.49 ? 1129 VAL   A N    1 
ATOM   402  C  CA   . VAL   A 1 65  ? 1.576   -11.812 -8.523  1.00 17.36 ? 1129 VAL   A CA   1 
ATOM   403  C  C    . VAL   A 1 65  ? 1.287   -11.160 -9.878  1.00 18.37 ? 1129 VAL   A C    1 
ATOM   404  O  O    . VAL   A 1 65  ? 2.246   -10.749 -10.561 1.00 18.95 ? 1129 VAL   A O    1 
ATOM   405  C  CB   . VAL   A 1 65  ? 2.549   -11.007 -7.637  1.00 16.27 ? 1129 VAL   A CB   1 
ATOM   406  C  CG1  . VAL   A 1 65  ? 2.104   -9.576  -7.434  1.00 15.70 ? 1129 VAL   A CG1  1 
ATOM   407  C  CG2  . VAL   A 1 65  ? 2.763   -11.690 -6.284  1.00 16.45 ? 1129 VAL   A CG2  1 
ATOM   408  N  N    . LYS   A 1 66  ? 0.007   -11.079 -10.249 1.00 19.73 ? 1130 LYS   A N    1 
ATOM   409  C  CA   . LYS   A 1 66  ? -0.401  -10.531 -11.566 1.00 21.56 ? 1130 LYS   A CA   1 
ATOM   410  C  C    . LYS   A 1 66  ? -0.671  -9.036  -11.440 1.00 20.88 ? 1130 LYS   A C    1 
ATOM   411  O  O    . LYS   A 1 66  ? -0.690  -8.409  -12.497 1.00 24.23 ? 1130 LYS   A O    1 
ATOM   412  C  CB   . LYS   A 1 66  ? -1.588  -11.320 -12.135 1.00 23.34 ? 1130 LYS   A CB   1 
ATOM   413  C  CG   . LYS   A 1 66  ? -1.273  -12.763 -12.493 1.00 27.24 ? 1130 LYS   A CG   1 
ATOM   414  C  CD   . LYS   A 1 66  ? -0.108  -12.885 -13.469 1.00 28.27 ? 1130 LYS   A CD   1 
ATOM   415  C  CE   . LYS   A 1 66  ? 0.085   -14.296 -13.971 1.00 30.23 ? 1130 LYS   A CE   1 
ATOM   416  N  NZ   . LYS   A 1 66  ? 1.316   -14.398 -14.783 1.00 31.30 ? 1130 LYS   A NZ   1 
ATOM   417  N  N    . ASN   A 1 67  ? -0.863  -8.464  -10.228 1.00 17.85 ? 1131 ASN   A N    1 
ATOM   418  C  CA   . ASN   A 1 67  ? -1.085  -7.003  -10.068 1.00 16.71 ? 1131 ASN   A CA   1 
ATOM   419  C  C    . ASN   A 1 67  ? -0.171  -6.455  -8.988  1.00 15.79 ? 1131 ASN   A C    1 
ATOM   420  O  O    . ASN   A 1 67  ? -0.566  -6.183  -7.864  1.00 15.67 ? 1131 ASN   A O    1 
ATOM   421  C  CB   . ASN   A 1 67  ? -2.543  -6.642  -9.774  1.00 17.68 ? 1131 ASN   A CB   1 
ATOM   422  C  CG   . ASN   A 1 67  ? -3.439  -7.009  -10.926 1.00 21.36 ? 1131 ASN   A CG   1 
ATOM   423  O  OD1  . ASN   A 1 67  ? -3.404  -6.341  -11.961 1.00 23.91 ? 1131 ASN   A OD1  1 
ATOM   424  N  ND2  . ASN   A 1 67  ? -4.208  -8.062  -10.753 1.00 24.25 ? 1131 ASN   A ND2  1 
ATOM   425  N  N    . PRO   A 1 68  ? 1.127   -6.285  -9.297  1.00 16.59 ? 1132 PRO   A N    1 
ATOM   426  C  CA   . PRO   A 1 68  ? 2.073   -5.799  -8.315  1.00 16.38 ? 1132 PRO   A CA   1 
ATOM   427  C  C    . PRO   A 1 68  ? 1.715   -4.416  -7.789  1.00 15.79 ? 1132 PRO   A C    1 
ATOM   428  O  O    . PRO   A 1 68  ? 1.098   -3.603  -8.512  1.00 17.13 ? 1132 PRO   A O    1 
ATOM   429  C  CB   . PRO   A 1 68  ? 3.421   -5.789  -9.063  1.00 17.69 ? 1132 PRO   A CB   1 
ATOM   430  C  CG   . PRO   A 1 68  ? 3.199   -6.738  -10.222 1.00 21.23 ? 1132 PRO   A CG   1 
ATOM   431  C  CD   . PRO   A 1 68  ? 1.743   -6.607  -10.590 1.00 18.47 ? 1132 PRO   A CD   1 
ATOM   432  N  N    . MET   A 1 69  ? 2.093   -4.136  -6.561  1.00 15.70 ? 1133 MET   A N    1 
ATOM   433  C  CA   . MET   A 1 69  ? 1.844   -2.842  -5.937  1.00 14.86 ? 1133 MET   A CA   1 
ATOM   434  C  C    . MET   A 1 69  ? 2.857   -2.606  -4.835  1.00 15.58 ? 1133 MET   A C    1 
ATOM   435  O  O    . MET   A 1 69  ? 3.298   -3.555  -4.164  1.00 16.23 ? 1133 MET   A O    1 
ATOM   436  C  CB   . MET   A 1 69  ? 0.396   -2.796  -5.412  1.00 15.89 ? 1133 MET   A CB   1 
ATOM   437  C  CG   . MET   A 1 69  ? -0.002  -1.454  -4.917  1.00 15.81 ? 1133 MET   A CG   1 
ATOM   438  S  SD   . MET   A 1 69  ? 0.165   -0.044  -6.071  1.00 18.02 ? 1133 MET   A SD   1 
ATOM   439  C  CE   . MET   A 1 69  ? -0.725  -0.631  -7.504  1.00 19.94 ? 1133 MET   A CE   1 
ATOM   440  N  N    . ASP   A 1 70  ? 3.267   -1.371  -4.668  1.00 15.77 ? 1134 ASP   A N    1 
ATOM   441  C  CA   . ASP   A 1 70  ? 4.240   -1.013  -3.617  1.00 16.37 ? 1134 ASP   A CA   1 
ATOM   442  C  C    . ASP   A 1 70  ? 4.024   0.415   -3.162  1.00 17.44 ? 1134 ASP   A C    1 
ATOM   443  O  O    . ASP   A 1 70  ? 3.241   1.138   -3.822  1.00 17.45 ? 1134 ASP   A O    1 
ATOM   444  C  CB   . ASP   A 1 70  ? 5.657   -1.177  -4.173  1.00 17.46 ? 1134 ASP   A CB   1 
ATOM   445  C  CG   . ASP   A 1 70  ? 5.973   -0.045  -5.127  1.00 16.85 ? 1134 ASP   A CG   1 
ATOM   446  O  OD1  . ASP   A 1 70  ? 5.407   -0.067  -6.209  1.00 19.59 ? 1134 ASP   A OD1  1 
ATOM   447  O  OD2  . ASP   A 1 70  ? 6.794   0.804   -4.748  1.00 22.07 ? 1134 ASP   A OD2  1 
ATOM   448  N  N    . LEU   A 1 71  ? 4.712   0.840   -2.113  1.00 16.21 ? 1135 LEU   A N    1 
ATOM   449  C  CA   . LEU   A 1 71  ? 4.518   2.180   -1.517  1.00 17.12 ? 1135 LEU   A CA   1 
ATOM   450  C  C    . LEU   A 1 71  ? 4.844   3.253   -2.562  1.00 18.43 ? 1135 LEU   A C    1 
ATOM   451  O  O    . LEU   A 1 71  ? 4.129   4.255   -2.577  1.00 17.81 ? 1135 LEU   A O    1 
ATOM   452  C  CB   . LEU   A 1 71  ? 5.356   2.325   -0.257  1.00 18.17 ? 1135 LEU   A CB   1 
ATOM   453  C  CG   . LEU   A 1 71  ? 4.995   1.405   0.907   1.00 18.57 ? 1135 LEU   A CG   1 
ATOM   454  C  CD1  . LEU   A 1 71  ? 6.048   1.491   2.008   1.00 19.37 ? 1135 LEU   A CD1  1 
ATOM   455  C  CD2  . LEU   A 1 71  ? 3.622   1.763   1.469   1.00 18.58 ? 1135 LEU   A CD2  1 
ATOM   456  N  N    . SER   A 1 72  ? 5.892   3.084   -3.367  1.00 17.37 ? 1136 SER   A N    1 
ATOM   457  C  CA   . SER   A 1 72  ? 6.318   4.105   -4.370  1.00 18.62 ? 1136 SER   A CA   1 
ATOM   458  C  C    . SER   A 1 72  ? 5.171   4.391   -5.342  1.00 18.87 ? 1136 SER   A C    1 
ATOM   459  O  O    . SER   A 1 72  ? 4.944   5.564   -5.729  1.00 17.96 ? 1136 SER   A O    1 
ATOM   460  C  CB   . SER   A 1 72  ? 7.622   3.674   -5.085  1.00 17.34 ? 1136 SER   A CB   1 
ATOM   461  O  OG   . SER   A 1 72  ? 7.444   2.784   -6.165  1.00 22.62 ? 1136 SER   A OG   1 
ATOM   462  N  N    . THR   A 1 73  ? 4.509   3.353   -5.797  1.00 18.11 ? 1137 THR   A N    1 
ATOM   463  C  CA   . THR   A 1 73  ? 3.438   3.449   -6.811  1.00 18.27 ? 1137 THR   A CA   1 
ATOM   464  C  C    . THR   A 1 73  ? 2.220   4.105   -6.150  1.00 17.76 ? 1137 THR   A C    1 
ATOM   465  O  O    . THR   A 1 73  ? 1.603   4.974   -6.787  1.00 17.16 ? 1137 THR   A O    1 
ATOM   466  C  CB   . THR   A 1 73  ? 3.120   2.074   -7.398  1.00 19.36 ? 1137 THR   A CB   1 
ATOM   467  O  OG1  . THR   A 1 73  ? 4.322   1.554   -7.992  1.00 19.81 ? 1137 THR   A OG1  1 
ATOM   468  C  CG2  . THR   A 1 73  ? 2.006   2.104   -8.414  1.00 19.82 ? 1137 THR   A CG2  1 
ATOM   469  N  N    . ILE   A 1 74  ? 1.889   3.725   -4.922  1.00 16.75 ? 1138 ILE   A N    1 
ATOM   470  C  CA   . ILE   A 1 74  ? 0.716   4.322   -4.220  1.00 16.60 ? 1138 ILE   A CA   1 
ATOM   471  C  C    . ILE   A 1 74  ? 0.990   5.817   -4.031  1.00 16.39 ? 1138 ILE   A C    1 
ATOM   472  O  O    . ILE   A 1 74  ? 0.090   6.670   -4.245  1.00 17.46 ? 1138 ILE   A O    1 
ATOM   473  C  CB   . ILE   A 1 74  ? 0.433   3.590   -2.893  1.00 16.48 ? 1138 ILE   A CB   1 
ATOM   474  C  CG1  . ILE   A 1 74  ? 0.045   2.127   -3.146  1.00 18.20 ? 1138 ILE   A CG1  1 
ATOM   475  C  CG2  . ILE   A 1 74  ? -0.643  4.321   -2.085  1.00 17.70 ? 1138 ILE   A CG2  1 
ATOM   476  C  CD1  . ILE   A 1 74  ? 0.047   1.270   -1.876  1.00 18.02 ? 1138 ILE   A CD1  1 
ATOM   477  N  N    . LYS   A 1 75  ? 2.210   6.165   -3.651  1.00 16.77 ? 1139 LYS   A N    1 
ATOM   478  C  CA   . LYS   A 1 75  ? 2.593   7.574   -3.418  1.00 18.25 ? 1139 LYS   A CA   1 
ATOM   479  C  C    . LYS   A 1 75  ? 2.446   8.333   -4.728  1.00 17.25 ? 1139 LYS   A C    1 
ATOM   480  O  O    . LYS   A 1 75  ? 1.833   9.420   -4.715  1.00 17.91 ? 1139 LYS   A O    1 
ATOM   481  C  CB   . LYS   A 1 75  ? 4.016   7.666   -2.882  1.00 19.94 ? 1139 LYS   A CB   1 
ATOM   482  C  CG   . LYS   A 1 75  ? 4.405   9.092   -2.541  1.00 23.43 ? 1139 LYS   A CG   1 
ATOM   483  C  CD   . LYS   A 1 75  ? 5.766   9.242   -1.948  1.00 27.11 ? 1139 LYS   A CD   1 
ATOM   484  C  CE   . LYS   A 1 75  ? 5.926   10.567  -1.221  1.00 31.18 ? 1139 LYS   A CE   1 
ATOM   485  N  NZ   . LYS   A 1 75  ? 5.454   11.718  -2.029  1.00 36.03 ? 1139 LYS   A NZ   1 
ATOM   486  N  N    A ARG   A 1 76  ? 2.933   7.759   -5.834  0.50 16.34 ? 1140 ARG   A N    1 
ATOM   487  N  N    B ARG   A 1 76  ? 2.914   7.784   -5.839  0.50 17.03 ? 1140 ARG   A N    1 
ATOM   488  C  CA   A ARG   A 1 76  ? 2.845   8.387   -7.181  0.50 17.20 ? 1140 ARG   A CA   1 
ATOM   489  C  CA   B ARG   A 1 76  ? 2.814   8.523   -7.120  0.50 18.30 ? 1140 ARG   A CA   1 
ATOM   490  C  C    A ARG   A 1 76  ? 1.375   8.623   -7.549  0.50 17.35 ? 1140 ARG   A C    1 
ATOM   491  C  C    B ARG   A 1 76  ? 1.346   8.646   -7.555  0.50 17.93 ? 1140 ARG   A C    1 
ATOM   492  O  O    A ARG   A 1 76  ? 1.058   9.705   -8.078  0.50 15.81 ? 1140 ARG   A O    1 
ATOM   493  O  O    B ARG   A 1 76  ? 0.987   9.685   -8.134  0.50 15.90 ? 1140 ARG   A O    1 
ATOM   494  C  CB   A ARG   A 1 76  ? 3.537   7.546   -8.253  0.50 17.08 ? 1140 ARG   A CB   1 
ATOM   495  C  CB   B ARG   A 1 76  ? 3.684   7.856   -8.175  0.50 19.07 ? 1140 ARG   A CB   1 
ATOM   496  C  CG   A ARG   A 1 76  ? 3.677   8.294   -9.572  0.50 17.19 ? 1140 ARG   A CG   1 
ATOM   497  C  CG   B ARG   A 1 76  ? 3.560   8.536   -9.522  0.50 19.83 ? 1140 ARG   A CG   1 
ATOM   498  C  CD   A ARG   A 1 76  ? 4.501   7.613   -10.661 0.50 17.82 ? 1140 ARG   A CD   1 
ATOM   499  C  CD   B ARG   A 1 76  ? 2.561   7.749   -10.319 0.50 21.67 ? 1140 ARG   A CD   1 
ATOM   500  N  NE   A ARG   A 1 76  ? 5.855   7.251   -10.242 0.50 18.49 ? 1140 ARG   A NE   1 
ATOM   501  N  NE   B ARG   A 1 76  ? 3.150   6.460   -10.603 0.50 23.43 ? 1140 ARG   A NE   1 
ATOM   502  C  CZ   A ARG   A 1 76  ? 6.230   6.008   -9.934  0.50 17.85 ? 1140 ARG   A CZ   1 
ATOM   503  C  CZ   B ARG   A 1 76  ? 2.487   5.416   -11.080 0.50 23.33 ? 1140 ARG   A CZ   1 
ATOM   504  N  NH1  A ARG   A 1 76  ? 5.350   5.025   -9.983  0.50 19.12 ? 1140 ARG   A NH1  1 
ATOM   505  N  NH1  B ARG   A 1 76  ? 3.132   4.286   -11.306 0.50 24.59 ? 1140 ARG   A NH1  1 
ATOM   506  N  NH2  A ARG   A 1 76  ? 7.473   5.767   -9.573  0.50 19.32 ? 1140 ARG   A NH2  1 
ATOM   507  N  NH2  B ARG   A 1 76  ? 1.198   5.529   -11.351 0.50 22.56 ? 1140 ARG   A NH2  1 
ATOM   508  N  N    . LYS   A 1 77  ? 0.508   7.653   -7.263  1.00 16.49 ? 1141 LYS   A N    1 
ATOM   509  C  CA   . LYS   A 1 77  ? -0.939  7.733   -7.571  1.00 16.87 ? 1141 LYS   A CA   1 
ATOM   510  C  C    . LYS   A 1 77  ? -1.568  8.817   -6.705  1.00 17.75 ? 1141 LYS   A C    1 
ATOM   511  O  O    . LYS   A 1 77  ? -2.389  9.584   -7.255  1.00 17.74 ? 1141 LYS   A O    1 
ATOM   512  C  CB   . LYS   A 1 77  ? -1.575  6.355   -7.420  1.00 16.13 ? 1141 LYS   A CB   1 
ATOM   513  C  CG   . LYS   A 1 77  ? -1.101  5.429   -8.519  1.00 17.40 ? 1141 LYS   A CG   1 
ATOM   514  C  CD   . LYS   A 1 77  ? -1.698  4.052   -8.393  1.00 18.28 ? 1141 LYS   A CD   1 
ATOM   515  C  CE   . LYS   A 1 77  ? -3.145  4.036   -8.802  1.00 17.77 ? 1141 LYS   A CE   1 
ATOM   516  N  NZ   . LYS   A 1 77  ? -3.684  2.658   -8.830  1.00 18.93 ? 1141 LYS   A NZ   1 
ATOM   517  N  N    . LEU   A 1 78  ? -1.198  8.966   -5.436  1.00 17.08 ? 1142 LEU   A N    1 
ATOM   518  C  CA   . LEU   A 1 78  ? -1.720  10.105  -4.643  1.00 18.74 ? 1142 LEU   A CA   1 
ATOM   519  C  C    . LEU   A 1 78  ? -1.213  11.406  -5.258  1.00 17.93 ? 1142 LEU   A C    1 
ATOM   520  O  O    . LEU   A 1 78  ? -1.982  12.366  -5.350  1.00 20.93 ? 1142 LEU   A O    1 
ATOM   521  C  CB   . LEU   A 1 78  ? -1.291  10.045  -3.179  1.00 20.51 ? 1142 LEU   A CB   1 
ATOM   522  C  CG   . LEU   A 1 78  ? -2.064  9.081   -2.286  1.00 21.46 ? 1142 LEU   A CG   1 
ATOM   523  C  CD1  . LEU   A 1 78  ? -1.310  8.870   -0.980  1.00 23.42 ? 1142 LEU   A CD1  1 
ATOM   524  C  CD2  . LEU   A 1 78  ? -3.470  9.591   -2.006  1.00 22.63 ? 1142 LEU   A CD2  1 
ATOM   525  N  N    . ASP   A 1 79  ? 0.052   11.463  -5.648  1.00 17.41 ? 1143 ASP   A N    1 
ATOM   526  C  CA   . ASP   A 1 79  ? 0.665   12.726  -6.139  1.00 17.84 ? 1143 ASP   A CA   1 
ATOM   527  C  C    . ASP   A 1 79  ? 0.088   13.121  -7.506  1.00 18.57 ? 1143 ASP   A C    1 
ATOM   528  O  O    . ASP   A 1 79  ? 0.236   14.315  -7.855  1.00 22.83 ? 1143 ASP   A O    1 
ATOM   529  C  CB   . ASP   A 1 79  ? 2.188   12.593  -6.210  1.00 19.28 ? 1143 ASP   A CB   1 
ATOM   530  C  CG   . ASP   A 1 79  ? 2.877   12.581  -4.858  1.00 21.43 ? 1143 ASP   A CG   1 
ATOM   531  O  OD1  . ASP   A 1 79  ? 2.238   13.015  -3.874  1.00 22.05 ? 1143 ASP   A OD1  1 
ATOM   532  O  OD2  . ASP   A 1 79  ? 4.041   12.131  -4.801  1.00 25.33 ? 1143 ASP   A OD2  1 
ATOM   533  N  N    . THR   A 1 80  ? -0.530  12.210  -8.245  1.00 17.94 ? 1144 THR   A N    1 
ATOM   534  C  CA   . THR   A 1 80  ? -1.080  12.511  -9.593  1.00 17.59 ? 1144 THR   A CA   1 
ATOM   535  C  C    . THR   A 1 80  ? -2.610  12.438  -9.605  1.00 20.89 ? 1144 THR   A C    1 
ATOM   536  O  O    . THR   A 1 80  ? -3.203  12.369  -10.710 1.00 22.28 ? 1144 THR   A O    1 
ATOM   537  C  CB   . THR   A 1 80  ? -0.476  11.568  -10.630 1.00 17.72 ? 1144 THR   A CB   1 
ATOM   538  O  OG1  . THR   A 1 80  ? -0.678  10.232  -10.180 1.00 18.62 ? 1144 THR   A OG1  1 
ATOM   539  C  CG2  . THR   A 1 80  ? 0.993   11.845  -10.842 1.00 17.04 ? 1144 THR   A CG2  1 
ATOM   540  N  N    . GLY   A 1 81  ? -3.242  12.334  -8.433  1.00 20.41 ? 1145 GLY   A N    1 
ATOM   541  C  CA   . GLY   A 1 81  ? -4.712  12.406  -8.308  1.00 20.63 ? 1145 GLY   A CA   1 
ATOM   542  C  C    . GLY   A 1 81  ? -5.420  11.224  -8.929  1.00 21.35 ? 1145 GLY   A C    1 
ATOM   543  O  O    . GLY   A 1 81  ? -6.556  11.378  -9.424  1.00 24.55 ? 1145 GLY   A O    1 
ATOM   544  N  N    A GLN   A 1 82  ? -4.789  10.049  -8.931  0.50 18.98 ? 1146 GLN   A N    1 
ATOM   545  N  N    B GLN   A 1 82  ? -4.766  10.052  -8.940  0.50 20.90 ? 1146 GLN   A N    1 
ATOM   546  C  CA   A GLN   A 1 82  ? -5.363  8.866   -9.616  0.50 18.88 ? 1146 GLN   A CA   1 
ATOM   547  C  CA   B GLN   A 1 82  ? -5.324  8.803   -9.525  0.50 22.09 ? 1146 GLN   A CA   1 
ATOM   548  C  C    A GLN   A 1 82  ? -6.382  8.158   -8.693  0.50 19.30 ? 1146 GLN   A C    1 
ATOM   549  C  C    B GLN   A 1 82  ? -6.527  8.320   -8.724  0.50 21.37 ? 1146 GLN   A C    1 
ATOM   550  O  O    A GLN   A 1 82  ? -7.052  7.238   -9.177  0.50 21.77 ? 1146 GLN   A O    1 
ATOM   551  O  O    B GLN   A 1 82  ? -7.427  7.710   -9.327  0.50 25.00 ? 1146 GLN   A O    1 
ATOM   552  C  CB   A GLN   A 1 82  ? -4.226  7.966   -10.116 0.50 17.02 ? 1146 GLN   A CB   1 
ATOM   553  C  CB   B GLN   A 1 82  ? -4.323  7.651   -9.491  0.50 22.15 ? 1146 GLN   A CB   1 
ATOM   554  C  CG   A GLN   A 1 82  ? -3.331  8.571   -11.205 0.50 16.41 ? 1146 GLN   A CG   1 
ATOM   555  C  CG   B GLN   A 1 82  ? -3.252  7.781   -10.551 0.50 23.25 ? 1146 GLN   A CG   1 
ATOM   556  C  CD   A GLN   A 1 82  ? -2.312  7.552   -11.672 0.50 16.23 ? 1146 GLN   A CD   1 
ATOM   557  C  CD   B GLN   A 1 82  ? -3.883  8.209   -11.850 0.50 23.12 ? 1146 GLN   A CD   1 
ATOM   558  O  OE1  A GLN   A 1 82  ? -2.685  6.408   -11.958 0.50 17.85 ? 1146 GLN   A OE1  1 
ATOM   559  O  OE1  B GLN   A 1 82  ? -4.737  7.517   -12.405 0.50 23.83 ? 1146 GLN   A OE1  1 
ATOM   560  N  NE2  A GLN   A 1 82  ? -1.030  7.922   -11.693 0.50 15.80 ? 1146 GLN   A NE2  1 
ATOM   561  N  NE2  B GLN   A 1 82  ? -3.463  9.361   -12.336 0.50 26.08 ? 1146 GLN   A NE2  1 
ATOM   562  N  N    . TYR   A 1 83  ? -6.508  8.535   -7.411  1.00 20.43 ? 1147 TYR   A N    1 
ATOM   563  C  CA   . TYR   A 1 83  ? -7.572  8.027   -6.503  1.00 20.80 ? 1147 TYR   A CA   1 
ATOM   564  C  C    . TYR   A 1 83  ? -8.685  9.079   -6.496  1.00 21.93 ? 1147 TYR   A C    1 
ATOM   565  O  O    . TYR   A 1 83  ? -8.443  10.199  -6.034  1.00 26.47 ? 1147 TYR   A O    1 
ATOM   566  C  CB   . TYR   A 1 83  ? -7.044  7.746   -5.093  1.00 19.97 ? 1147 TYR   A CB   1 
ATOM   567  C  CG   . TYR   A 1 83  ? -5.931  6.731   -5.051  1.00 19.07 ? 1147 TYR   A CG   1 
ATOM   568  C  CD1  . TYR   A 1 83  ? -6.095  5.457   -5.571  1.00 18.41 ? 1147 TYR   A CD1  1 
ATOM   569  C  CD2  . TYR   A 1 83  ? -4.694  7.073   -4.562  1.00 18.27 ? 1147 TYR   A CD2  1 
ATOM   570  C  CE1  . TYR   A 1 83  ? -5.072  4.526   -5.557  1.00 17.83 ? 1147 TYR   A CE1  1 
ATOM   571  C  CE2  . TYR   A 1 83  ? -3.654  6.161   -4.539  1.00 18.36 ? 1147 TYR   A CE2  1 
ATOM   572  C  CZ   . TYR   A 1 83  ? -3.843  4.884   -5.035  1.00 18.26 ? 1147 TYR   A CZ   1 
ATOM   573  O  OH   . TYR   A 1 83  ? -2.799  4.010   -5.015  1.00 18.30 ? 1147 TYR   A OH   1 
ATOM   574  N  N    A GLN   A 1 84  ? -9.850  8.705   -7.024  0.50 23.35 ? 1148 GLN   A N    1 
ATOM   575  N  N    B GLN   A 1 84  ? -9.871  8.716   -6.968  0.50 22.92 ? 1148 GLN   A N    1 
ATOM   576  C  CA   A GLN   A 1 84  ? -11.079 9.546   -7.033  0.50 24.62 ? 1148 GLN   A CA   1 
ATOM   577  C  CA   B GLN   A 1 84  ? -11.043 9.634   -6.988  0.50 23.88 ? 1148 GLN   A CA   1 
ATOM   578  C  C    A GLN   A 1 84  ? -11.672 9.526   -5.625  0.50 23.13 ? 1148 GLN   A C    1 
ATOM   579  C  C    B GLN   A 1 84  ? -11.814 9.473   -5.676  0.50 22.85 ? 1148 GLN   A C    1 
ATOM   580  O  O    A GLN   A 1 84  ? -12.106 10.612  -5.144  0.50 23.43 ? 1148 GLN   A O    1 
ATOM   581  O  O    B GLN   A 1 84  ? -12.566 10.387  -5.307  0.50 22.98 ? 1148 GLN   A O    1 
ATOM   582  C  CB   A GLN   A 1 84  ? -12.101 9.033   -8.051  0.50 26.96 ? 1148 GLN   A CB   1 
ATOM   583  C  CB   B GLN   A 1 84  ? -11.914 9.362   -8.215  0.50 25.77 ? 1148 GLN   A CB   1 
ATOM   584  C  CG   A GLN   A 1 84  ? -11.688 9.258   -9.498  0.50 29.79 ? 1148 GLN   A CG   1 
ATOM   585  C  CG   B GLN   A 1 84  ? -11.178 9.561   -9.533  0.50 27.89 ? 1148 GLN   A CG   1 
ATOM   586  C  CD   A GLN   A 1 84  ? -10.845 10.500  -9.671  0.50 32.05 ? 1148 GLN   A CD   1 
ATOM   587  C  CD   B GLN   A 1 84  ? -10.612 8.267   -10.068 0.50 28.66 ? 1148 GLN   A CD   1 
ATOM   588  O  OE1  A GLN   A 1 84  ? -11.354 11.616  -9.764  0.50 34.09 ? 1148 GLN   A OE1  1 
ATOM   589  O  OE1  B GLN   A 1 84  ? -11.308 7.260   -10.157 0.50 30.95 ? 1148 GLN   A OE1  1 
ATOM   590  N  NE2  A GLN   A 1 84  ? -9.535  10.311  -9.736  0.50 34.50 ? 1148 GLN   A NE2  1 
ATOM   591  N  NE2  B GLN   A 1 84  ? -9.339  8.289   -10.428 0.50 32.34 ? 1148 GLN   A NE2  1 
ATOM   592  N  N    . GLU   A 1 85  ? -11.649 8.349   -4.989  1.00 23.44 ? 1149 GLU   A N    1 
ATOM   593  C  CA   . GLU   A 1 85  ? -12.341 8.089   -3.700  1.00 24.93 ? 1149 GLU   A CA   1 
ATOM   594  C  C    . GLU   A 1 85  ? -11.415 7.314   -2.780  1.00 21.87 ? 1149 GLU   A C    1 
ATOM   595  O  O    . GLU   A 1 85  ? -10.548 6.572   -3.222  1.00 19.43 ? 1149 GLU   A O    1 
ATOM   596  C  CB   . GLU   A 1 85  ? -13.630 7.304   -3.923  1.00 29.34 ? 1149 GLU   A CB   1 
ATOM   597  C  CG   . GLU   A 1 85  ? -14.666 8.096   -4.695  1.00 32.52 ? 1149 GLU   A CG   1 
ATOM   598  C  CD   . GLU   A 1 85  ? -15.877 7.299   -5.132  1.00 38.74 ? 1149 GLU   A CD   1 
ATOM   599  O  OE1  . GLU   A 1 85  ? -16.025 7.088   -6.350  1.00 44.04 ? 1149 GLU   A OE1  1 
ATOM   600  O  OE2  . GLU   A 1 85  ? -16.659 6.899   -4.256  1.00 42.15 ? 1149 GLU   A OE2  1 
ATOM   601  N  N    . PRO   A 1 86  ? -11.544 7.508   -1.460  1.00 19.77 ? 1150 PRO   A N    1 
ATOM   602  C  CA   . PRO   A 1 86  ? -10.608 6.934   -0.508  1.00 21.00 ? 1150 PRO   A CA   1 
ATOM   603  C  C    . PRO   A 1 86  ? -10.532 5.404   -0.576  1.00 18.60 ? 1150 PRO   A C    1 
ATOM   604  O  O    . PRO   A 1 86  ? -9.435  4.887   -0.382  1.00 18.22 ? 1150 PRO   A O    1 
ATOM   605  C  CB   . PRO   A 1 86  ? -11.101 7.395   0.871   1.00 21.95 ? 1150 PRO   A CB   1 
ATOM   606  C  CG   . PRO   A 1 86  ? -12.133 8.485   0.615   1.00 22.59 ? 1150 PRO   A CG   1 
ATOM   607  C  CD   . PRO   A 1 86  ? -12.526 8.410   -0.837  1.00 20.81 ? 1150 PRO   A CD   1 
ATOM   608  N  N    . TRP   A 1 87  ? -11.618 4.700   -0.870  1.00 18.72 ? 1151 TRP   A N    1 
ATOM   609  C  CA   . TRP   A 1 87  ? -11.610 3.213   -0.969  1.00 19.62 ? 1151 TRP   A CA   1 
ATOM   610  C  C    . TRP   A 1 87  ? -10.627 2.753   -2.045  1.00 19.15 ? 1151 TRP   A C    1 
ATOM   611  O  O    . TRP   A 1 87  ? -10.129 1.612   -1.907  1.00 18.42 ? 1151 TRP   A O    1 
ATOM   612  C  CB   . TRP   A 1 87  ? -13.029 2.626   -1.222  1.00 22.09 ? 1151 TRP   A CB   1 
ATOM   613  C  CG   . TRP   A 1 87  ? -13.646 2.964   -2.549  1.00 26.42 ? 1151 TRP   A CG   1 
ATOM   614  C  CD1  . TRP   A 1 87  ? -14.495 4.006   -2.800  1.00 33.06 ? 1151 TRP   A CD1  1 
ATOM   615  C  CD2  . TRP   A 1 87  ? -13.519 2.258   -3.802  1.00 30.28 ? 1151 TRP   A CD2  1 
ATOM   616  N  NE1  . TRP   A 1 87  ? -14.874 4.013   -4.115  1.00 32.16 ? 1151 TRP   A NE1  1 
ATOM   617  C  CE2  . TRP   A 1 87  ? -14.291 2.955   -4.758  1.00 33.19 ? 1151 TRP   A CE2  1 
ATOM   618  C  CE3  . TRP   A 1 87  ? -12.809 1.132   -4.224  1.00 30.52 ? 1151 TRP   A CE3  1 
ATOM   619  C  CZ2  . TRP   A 1 87  ? -14.387 2.551   -6.090  1.00 34.23 ? 1151 TRP   A CZ2  1 
ATOM   620  C  CZ3  . TRP   A 1 87  ? -12.894 0.735   -5.543  1.00 32.51 ? 1151 TRP   A CZ3  1 
ATOM   621  C  CH2  . TRP   A 1 87  ? -13.677 1.434   -6.463  1.00 34.55 ? 1151 TRP   A CH2  1 
ATOM   622  N  N    . GLN   A 1 88  ? -10.392 3.538   -3.096  1.00 16.75 ? 1152 GLN   A N    1 
ATOM   623  C  CA   . GLN   A 1 88  ? -9.437  3.135   -4.162  1.00 18.35 ? 1152 GLN   A CA   1 
ATOM   624  C  C    . GLN   A 1 88  ? -8.027  3.109   -3.595  1.00 18.04 ? 1152 GLN   A C    1 
ATOM   625  O  O    . GLN   A 1 88  ? -7.240  2.201   -3.957  1.00 17.01 ? 1152 GLN   A O    1 
ATOM   626  C  CB   . GLN   A 1 88  ? -9.564  4.081   -5.337  1.00 19.75 ? 1152 GLN   A CB   1 
ATOM   627  C  CG   . GLN   A 1 88  ? -10.875 3.902   -6.067  1.00 20.54 ? 1152 GLN   A CG   1 
ATOM   628  C  CD   . GLN   A 1 88  ? -11.032 4.956   -7.126  1.00 23.06 ? 1152 GLN   A CD   1 
ATOM   629  O  OE1  . GLN   A 1 88  ? -10.675 6.107   -6.932  1.00 26.18 ? 1152 GLN   A OE1  1 
ATOM   630  N  NE2  . GLN   A 1 88  ? -11.556 4.557   -8.271  1.00 31.09 ? 1152 GLN   A NE2  1 
ATOM   631  N  N    . TYR   A 1 89  ? -7.683  4.068   -2.744  1.00 15.80 ? 1153 TYR   A N    1 
ATOM   632  C  CA   . TYR   A 1 89  ? -6.367  4.098   -2.064  1.00 16.59 ? 1153 TYR   A CA   1 
ATOM   633  C  C    . TYR   A 1 89  ? -6.254  2.874   -1.159  1.00 16.84 ? 1153 TYR   A C    1 
ATOM   634  O  O    . TYR   A 1 89  ? -5.274  2.117   -1.241  1.00 16.93 ? 1153 TYR   A O    1 
ATOM   635  C  CB   . TYR   A 1 89  ? -6.235  5.394   -1.283  1.00 15.70 ? 1153 TYR   A CB   1 
ATOM   636  C  CG   . TYR   A 1 89  ? -5.146  5.361   -0.256  1.00 15.35 ? 1153 TYR   A CG   1 
ATOM   637  C  CD1  . TYR   A 1 89  ? -3.820  5.517   -0.631  1.00 15.61 ? 1153 TYR   A CD1  1 
ATOM   638  C  CD2  . TYR   A 1 89  ? -5.410  5.181   1.087   1.00 16.04 ? 1153 TYR   A CD2  1 
ATOM   639  C  CE1  . TYR   A 1 89  ? -2.805  5.515   0.309   1.00 16.24 ? 1153 TYR   A CE1  1 
ATOM   640  C  CE2  . TYR   A 1 89  ? -4.405  5.170   2.038   1.00 17.47 ? 1153 TYR   A CE2  1 
ATOM   641  C  CZ   . TYR   A 1 89  ? -3.087  5.346   1.652   1.00 16.34 ? 1153 TYR   A CZ   1 
ATOM   642  O  OH   . TYR   A 1 89  ? -2.080  5.317   2.596   1.00 18.23 ? 1153 TYR   A OH   1 
ATOM   643  N  N    . VAL   A 1 90  ? -7.258  2.644   -0.306  1.00 16.43 ? 1154 VAL   A N    1 
ATOM   644  C  CA   . VAL   A 1 90  ? -7.251  1.467   0.608   1.00 16.57 ? 1154 VAL   A CA   1 
ATOM   645  C  C    . VAL   A 1 90  ? -7.100  0.168   -0.197  1.00 15.79 ? 1154 VAL   A C    1 
ATOM   646  O  O    . VAL   A 1 90  ? -6.303  -0.707  0.224   1.00 15.46 ? 1154 VAL   A O    1 
ATOM   647  C  CB   . VAL   A 1 90  ? -8.519  1.437   1.485   1.00 17.32 ? 1154 VAL   A CB   1 
ATOM   648  C  CG1  . VAL   A 1 90  ? -8.548  0.196   2.355   1.00 17.89 ? 1154 VAL   A CG1  1 
ATOM   649  C  CG2  . VAL   A 1 90  ? -8.641  2.701   2.324   1.00 17.79 ? 1154 VAL   A CG2  1 
ATOM   650  N  N    . ASP   A 1 91  ? -7.771  0.028   -1.332  1.00 15.28 ? 1155 ASP   A N    1 
ATOM   651  C  CA   . ASP   A 1 91  ? -7.685  -1.189  -2.164  1.00 16.18 ? 1155 ASP   A CA   1 
ATOM   652  C  C    . ASP   A 1 91  ? -6.219  -1.396  -2.610  1.00 15.69 ? 1155 ASP   A C    1 
ATOM   653  O  O    . ASP   A 1 91  ? -5.805  -2.544  -2.643  1.00 15.44 ? 1155 ASP   A O    1 
ATOM   654  C  CB   . ASP   A 1 91  ? -8.631  -1.113  -3.356  1.00 18.16 ? 1155 ASP   A CB   1 
ATOM   655  C  CG   . ASP   A 1 91  ? -10.092 -1.418  -3.057  1.00 23.99 ? 1155 ASP   A CG   1 
ATOM   656  O  OD1  . ASP   A 1 91  ? -10.386 -1.879  -1.958  1.00 26.06 ? 1155 ASP   A OD1  1 
ATOM   657  O  OD2  . ASP   A 1 91  ? -10.898 -1.233  -3.983  1.00 29.20 ? 1155 ASP   A OD2  1 
ATOM   658  N  N    . ASP   A 1 92  ? -5.498  -0.346  -2.954  1.00 13.91 ? 1156 ASP   A N    1 
ATOM   659  C  CA   . ASP   A 1 92  ? -4.096  -0.522  -3.399  1.00 15.24 ? 1156 ASP   A CA   1 
ATOM   660  C  C    . ASP   A 1 92  ? -3.245  -0.923  -2.202  1.00 14.41 ? 1156 ASP   A C    1 
ATOM   661  O  O    . ASP   A 1 92  ? -2.327  -1.729  -2.378  1.00 15.14 ? 1156 ASP   A O    1 
ATOM   662  C  CB   . ASP   A 1 92  ? -3.556  0.725   -4.084  1.00 15.08 ? 1156 ASP   A CB   1 
ATOM   663  C  CG   . ASP   A 1 92  ? -3.800  0.741   -5.583  1.00 15.73 ? 1156 ASP   A CG   1 
ATOM   664  O  OD1  . ASP   A 1 92  ? -4.226  -0.284  -6.157  1.00 17.71 ? 1156 ASP   A OD1  1 
ATOM   665  O  OD2  . ASP   A 1 92  ? -3.488  1.794   -6.201  1.00 17.64 ? 1156 ASP   A OD2  1 
ATOM   666  N  N    . VAL   A 1 93  ? -3.423  -0.344  -1.023  1.00 14.16 ? 1157 VAL   A N    1 
ATOM   667  C  CA   . VAL   A 1 93  ? -2.632  -0.760  0.158   1.00 14.71 ? 1157 VAL   A CA   1 
ATOM   668  C  C    . VAL   A 1 93  ? -2.932  -2.236  0.429   1.00 14.04 ? 1157 VAL   A C    1 
ATOM   669  O  O    . VAL   A 1 93  ? -2.010  -3.021  0.654   1.00 14.89 ? 1157 VAL   A O    1 
ATOM   670  C  CB   . VAL   A 1 93  ? -2.911  0.122   1.375   1.00 15.55 ? 1157 VAL   A CB   1 
ATOM   671  C  CG1  . VAL   A 1 93  ? -2.191  -0.443  2.581   1.00 16.61 ? 1157 VAL   A CG1  1 
ATOM   672  C  CG2  . VAL   A 1 93  ? -2.544  1.577   1.099   1.00 16.35 ? 1157 VAL   A CG2  1 
ATOM   673  N  N    . TRP   A 1 94  ? -4.190  -2.641  0.412   1.00 13.93 ? 1158 TRP   A N    1 
ATOM   674  C  CA   . TRP   A 1 94  ? -4.562  -4.049  0.687   1.00 14.41 ? 1158 TRP   A CA   1 
ATOM   675  C  C    . TRP   A 1 94  ? -3.992  -4.989  -0.389  1.00 14.18 ? 1158 TRP   A C    1 
ATOM   676  O  O    . TRP   A 1 94  ? -3.598  -6.103  -0.053  1.00 14.61 ? 1158 TRP   A O    1 
ATOM   677  C  CB   . TRP   A 1 94  ? -6.080  -4.212  0.746   1.00 16.94 ? 1158 TRP   A CB   1 
ATOM   678  C  CG   . TRP   A 1 94  ? -6.744  -3.632  1.957   1.00 18.67 ? 1158 TRP   A CG   1 
ATOM   679  C  CD1  . TRP   A 1 94  ? -6.186  -3.116  3.083   1.00 20.62 ? 1158 TRP   A CD1  1 
ATOM   680  C  CD2  . TRP   A 1 94  ? -8.168  -3.539  2.133   1.00 21.01 ? 1158 TRP   A CD2  1 
ATOM   681  N  NE1  . TRP   A 1 94  ? -7.173  -2.719  3.965   1.00 21.55 ? 1158 TRP   A NE1  1 
ATOM   682  C  CE2  . TRP   A 1 94  ? -8.386  -3.004  3.414   1.00 21.96 ? 1158 TRP   A CE2  1 
ATOM   683  C  CE3  . TRP   A 1 94  ? -9.255  -3.929  1.344   1.00 23.33 ? 1158 TRP   A CE3  1 
ATOM   684  C  CZ2  . TRP   A 1 94  ? -9.675  -2.791  3.911   1.00 24.95 ? 1158 TRP   A CZ2  1 
ATOM   685  C  CZ3  . TRP   A 1 94  ? -10.527 -3.731  1.839   1.00 26.17 ? 1158 TRP   A CZ3  1 
ATOM   686  C  CH2  . TRP   A 1 94  ? -10.721 -3.156  3.098   1.00 26.35 ? 1158 TRP   A CH2  1 
ATOM   687  N  N    . LEU   A 1 95  ? -3.960  -4.537  -1.636  1.00 13.97 ? 1159 LEU   A N    1 
ATOM   688  C  CA   . LEU   A 1 95  ? -3.368  -5.300  -2.766  1.00 13.39 ? 1159 LEU   A CA   1 
ATOM   689  C  C    . LEU   A 1 95  ? -1.893  -5.562  -2.461  1.00 13.46 ? 1159 LEU   A C    1 
ATOM   690  O  O    . LEU   A 1 95  ? -1.396  -6.710  -2.625  1.00 13.76 ? 1159 LEU   A O    1 
ATOM   691  C  CB   . LEU   A 1 95  ? -3.537  -4.507  -4.064  1.00 14.49 ? 1159 LEU   A CB   1 
ATOM   692  C  CG   . LEU   A 1 95  ? -2.850  -5.100  -5.295  1.00 14.86 ? 1159 LEU   A CG   1 
ATOM   693  C  CD1  . LEU   A 1 95  ? -3.369  -6.491  -5.595  1.00 14.68 ? 1159 LEU   A CD1  1 
ATOM   694  C  CD2  . LEU   A 1 95  ? -3.060  -4.179  -6.486  1.00 15.94 ? 1159 LEU   A CD2  1 
ATOM   695  N  N    . MET   A 1 96  ? -1.181  -4.538  -2.029  1.00 12.40 ? 1160 MET   A N    1 
ATOM   696  C  CA   . MET   A 1 96  ? 0.263   -4.675  -1.716  1.00 12.57 ? 1160 MET   A CA   1 
ATOM   697  C  C    . MET   A 1 96  ? 0.412   -5.745  -0.630  1.00 13.31 ? 1160 MET   A C    1 
ATOM   698  O  O    . MET   A 1 96  ? 1.311   -6.610  -0.700  1.00 14.00 ? 1160 MET   A O    1 
ATOM   699  C  CB   . MET   A 1 96  ? 0.810   -3.326  -1.243  1.00 14.01 ? 1160 MET   A CB   1 
ATOM   700  C  CG   . MET   A 1 96  ? 2.246   -3.343  -0.796  1.00 15.11 ? 1160 MET   A CG   1 
ATOM   701  S  SD   . MET   A 1 96  ? 2.766   -1.700  -0.273  1.00 17.00 ? 1160 MET   A SD   1 
ATOM   702  C  CE   . MET   A 1 96  ? 1.851   -1.584  1.263   1.00 21.48 ? 1160 MET   A CE   1 
ATOM   703  N  N    . PHE   A 1 97  ? -0.381  -5.682  0.434   1.00 12.96 ? 1161 PHE   A N    1 
ATOM   704  C  CA   . PHE   A 1 97  ? -0.255  -6.670  1.527   1.00 14.13 ? 1161 PHE   A CA   1 
ATOM   705  C  C    . PHE   A 1 97  ? -0.670  -8.052  1.019   1.00 13.29 ? 1161 PHE   A C    1 
ATOM   706  O  O    . PHE   A 1 97  ? 0.030   -9.034  1.311   1.00 13.95 ? 1161 PHE   A O    1 
ATOM   707  C  CB   . PHE   A 1 97  ? -1.188  -6.324  2.684   1.00 14.00 ? 1161 PHE   A CB   1 
ATOM   708  C  CG   . PHE   A 1 97  ? -0.899  -5.039  3.397   1.00 15.34 ? 1161 PHE   A CG   1 
ATOM   709  C  CD1  . PHE   A 1 97  ? 0.364   -4.480  3.454   1.00 17.23 ? 1161 PHE   A CD1  1 
ATOM   710  C  CD2  . PHE   A 1 97  ? -1.953  -4.373  4.001   1.00 17.15 ? 1161 PHE   A CD2  1 
ATOM   711  C  CE1  . PHE   A 1 97  ? 0.578   -3.280  4.121   1.00 17.59 ? 1161 PHE   A CE1  1 
ATOM   712  C  CE2  . PHE   A 1 97  ? -1.735  -3.183  4.658   1.00 17.83 ? 1161 PHE   A CE2  1 
ATOM   713  C  CZ   . PHE   A 1 97  ? -0.475  -2.639  4.728   1.00 17.63 ? 1161 PHE   A CZ   1 
ATOM   714  N  N    . ASN   A 1 98  ? -1.765  -8.142  0.285   1.00 13.41 ? 1162 ASN   A N    1 
ATOM   715  C  CA   . ASN   A 1 98  ? -2.286  -9.442  -0.190  1.00 13.95 ? 1162 ASN   A CA   1 
ATOM   716  C  C    . ASN   A 1 98  ? -1.242  -10.094 -1.111  1.00 13.78 ? 1162 ASN   A C    1 
ATOM   717  O  O    . ASN   A 1 98  ? -1.037  -11.294 -1.011  1.00 14.50 ? 1162 ASN   A O    1 
ATOM   718  C  CB   . ASN   A 1 98  ? -3.627  -9.296  -0.895  1.00 13.99 ? 1162 ASN   A CB   1 
ATOM   719  C  CG   . ASN   A 1 98  ? -4.781  -9.095  0.067   1.00 15.93 ? 1162 ASN   A CG   1 
ATOM   720  O  OD1  . ASN   A 1 98  ? -4.637  -9.400  1.251   1.00 16.42 ? 1162 ASN   A OD1  1 
ATOM   721  N  ND2  . ASN   A 1 98  ? -5.887  -8.596  -0.454  1.00 18.23 ? 1162 ASN   A ND2  1 
ATOM   722  N  N    . ASN   A 1 99  ? -0.554  -9.307  -1.925  1.00 14.05 ? 1163 ASN   A N    1 
ATOM   723  C  CA   . ASN   A 1 99  ? 0.487   -9.864  -2.826  1.00 13.93 ? 1163 ASN   A CA   1 
ATOM   724  C  C    . ASN   A 1 99  ? 1.621   -10.442 -1.977  1.00 13.84 ? 1163 ASN   A C    1 
ATOM   725  O  O    . ASN   A 1 99  ? 2.139   -11.524 -2.336  1.00 13.74 ? 1163 ASN   A O    1 
ATOM   726  C  CB   . ASN   A 1 99  ? 1.039   -8.772  -3.722  1.00 14.54 ? 1163 ASN   A CB   1 
ATOM   727  C  CG   . ASN   A 1 99  ? 0.074   -8.343  -4.801  1.00 14.06 ? 1163 ASN   A CG   1 
ATOM   728  O  OD1  . ASN   A 1 99  ? -0.865  -9.053  -5.116  1.00 15.18 ? 1163 ASN   A OD1  1 
ATOM   729  N  ND2  . ASN   A 1 99  ? 0.405   -7.208  -5.408  1.00 14.72 ? 1163 ASN   A ND2  1 
ATOM   730  N  N    . ALA   A 1 100 ? 2.052   -9.755  -0.930  1.00 13.09 ? 1164 ALA   A N    1 
ATOM   731  C  CA   . ALA   A 1 100 ? 3.201   -10.209 -0.122  1.00 12.71 ? 1164 ALA   A CA   1 
ATOM   732  C  C    . ALA   A 1 100 ? 2.804   -11.501 0.593   1.00 13.73 ? 1164 ALA   A C    1 
ATOM   733  O  O    . ALA   A 1 100 ? 3.624   -12.421 0.715   1.00 14.98 ? 1164 ALA   A O    1 
ATOM   734  C  CB   . ALA   A 1 100 ? 3.680   -9.147  0.840   1.00 13.50 ? 1164 ALA   A CB   1 
ATOM   735  N  N    . TRP   A 1 101 ? 1.592   -11.552 1.145   1.00 13.65 ? 1165 TRP   A N    1 
ATOM   736  C  CA   . TRP   A 1 101 ? 1.144   -12.771 1.850   1.00 14.61 ? 1165 TRP   A CA   1 
ATOM   737  C  C    . TRP   A 1 101 ? 0.978   -13.931 0.879   1.00 15.43 ? 1165 TRP   A C    1 
ATOM   738  O  O    . TRP   A 1 101 ? 1.142   -15.084 1.318   1.00 16.57 ? 1165 TRP   A O    1 
ATOM   739  C  CB   . TRP   A 1 101 ? -0.174  -12.494 2.573   1.00 15.34 ? 1165 TRP   A CB   1 
ATOM   740  C  CG   . TRP   A 1 101 ? -0.034  -11.665 3.804   1.00 15.70 ? 1165 TRP   A CG   1 
ATOM   741  C  CD1  . TRP   A 1 101 ? 0.901   -11.739 4.800   1.00 16.91 ? 1165 TRP   A CD1  1 
ATOM   742  C  CD2  . TRP   A 1 101 ? -1.026  -10.713 4.237   1.00 15.65 ? 1165 TRP   A CD2  1 
ATOM   743  N  NE1  . TRP   A 1 101 ? 0.580   -10.862 5.801   1.00 18.09 ? 1165 TRP   A NE1  1 
ATOM   744  C  CE2  . TRP   A 1 101 ? -0.577  -10.206 5.473   1.00 16.31 ? 1165 TRP   A CE2  1 
ATOM   745  C  CE3  . TRP   A 1 101 ? -2.195  -10.209 3.680   1.00 16.83 ? 1165 TRP   A CE3  1 
ATOM   746  C  CZ2  . TRP   A 1 101 ? -1.289  -9.224  6.173   1.00 17.20 ? 1165 TRP   A CZ2  1 
ATOM   747  C  CZ3  . TRP   A 1 101 ? -2.890  -9.235  4.363   1.00 16.89 ? 1165 TRP   A CZ3  1 
ATOM   748  C  CH2  . TRP   A 1 101 ? -2.448  -8.762  5.599   1.00 16.89 ? 1165 TRP   A CH2  1 
ATOM   749  N  N    . LEU   A 1 102 ? 0.636   -13.664 -0.363  1.00 14.73 ? 1166 LEU   A N    1 
ATOM   750  C  CA   . LEU   A 1 102 ? 0.412   -14.708 -1.405  1.00 15.28 ? 1166 LEU   A CA   1 
ATOM   751  C  C    . LEU   A 1 102 ? 1.769   -15.260 -1.850  1.00 15.73 ? 1166 LEU   A C    1 
ATOM   752  O  O    . LEU   A 1 102 ? 1.958   -16.473 -1.860  1.00 17.28 ? 1166 LEU   A O    1 
ATOM   753  C  CB   . LEU   A 1 102 ? -0.354  -14.114 -2.581  1.00 17.26 ? 1166 LEU   A CB   1 
ATOM   754  C  CG   . LEU   A 1 102 ? -0.519  -15.024 -3.798  1.00 18.74 ? 1166 LEU   A CG   1 
ATOM   755  C  CD1  . LEU   A 1 102 ? -1.337  -16.259 -3.427  1.00 19.39 ? 1166 LEU   A CD1  1 
ATOM   756  C  CD2  . LEU   A 1 102 ? -1.138  -14.260 -4.964  1.00 19.82 ? 1166 LEU   A CD2  1 
ATOM   757  N  N    . TYR   A 1 103 ? 2.724   -14.386 -2.133  1.00 14.95 ? 1167 TYR   A N    1 
ATOM   758  C  CA   . TYR   A 1 103 ? 4.006   -14.839 -2.741  1.00 14.58 ? 1167 TYR   A CA   1 
ATOM   759  C  C    . TYR   A 1 103 ? 4.869   -15.520 -1.672  1.00 15.76 ? 1167 TYR   A C    1 
ATOM   760  O  O    . TYR   A 1 103 ? 5.553   -16.546 -1.993  1.00 15.50 ? 1167 TYR   A O    1 
ATOM   761  C  CB   . TYR   A 1 103 ? 4.727   -13.687 -3.440  1.00 14.77 ? 1167 TYR   A CB   1 
ATOM   762  C  CG   . TYR   A 1 103 ? 6.049   -14.178 -3.973  1.00 14.50 ? 1167 TYR   A CG   1 
ATOM   763  C  CD1  . TYR   A 1 103 ? 6.064   -14.937 -5.131  1.00 15.42 ? 1167 TYR   A CD1  1 
ATOM   764  C  CD2  . TYR   A 1 103 ? 7.224   -14.004 -3.271  1.00 14.62 ? 1167 TYR   A CD2  1 
ATOM   765  C  CE1  . TYR   A 1 103 ? 7.233   -15.535 -5.576  1.00 16.50 ? 1167 TYR   A CE1  1 
ATOM   766  C  CE2  . TYR   A 1 103 ? 8.404   -14.596 -3.702  1.00 14.88 ? 1167 TYR   A CE2  1 
ATOM   767  C  CZ   . TYR   A 1 103 ? 8.395   -15.352 -4.861  1.00 15.40 ? 1167 TYR   A CZ   1 
ATOM   768  O  OH   . TYR   A 1 103 ? 9.549   -15.962 -5.294  1.00 16.73 ? 1167 TYR   A OH   1 
ATOM   769  N  N    . ASN   A 1 104 ? 4.976   -14.899 -0.499  1.00 14.81 ? 1168 ASN   A N    1 
ATOM   770  C  CA   . ASN   A 1 104 ? 5.937   -15.282 0.559   1.00 16.05 ? 1168 ASN   A CA   1 
ATOM   771  C  C    . ASN   A 1 104 ? 5.355   -16.414 1.390   1.00 16.22 ? 1168 ASN   A C    1 
ATOM   772  O  O    . ASN   A 1 104 ? 4.155   -16.438 1.632   1.00 16.95 ? 1168 ASN   A O    1 
ATOM   773  C  CB   . ASN   A 1 104 ? 6.386   -14.061 1.359   1.00 16.50 ? 1168 ASN   A CB   1 
ATOM   774  C  CG   . ASN   A 1 104 ? 7.090   -13.078 0.447   1.00 16.24 ? 1168 ASN   A CG   1 
ATOM   775  O  OD1  . ASN   A 1 104 ? 8.274   -13.261 0.121   1.00 18.73 ? 1168 ASN   A OD1  1 
ATOM   776  N  ND2  . ASN   A 1 104 ? 6.380   -12.061 -0.014  1.00 15.24 ? 1168 ASN   A ND2  1 
ATOM   777  N  N    . ARG   A 1 105 ? 6.232   -17.295 1.841   1.00 17.08 ? 1169 ARG   A N    1 
ATOM   778  C  CA   . ARG   A 1 105 ? 5.866   -18.333 2.822   1.00 17.47 ? 1169 ARG   A CA   1 
ATOM   779  C  C    . ARG   A 1 105 ? 5.499   -17.703 4.162   1.00 18.76 ? 1169 ARG   A C    1 
ATOM   780  O  O    . ARG   A 1 105 ? 6.089   -16.707 4.596   1.00 18.07 ? 1169 ARG   A O    1 
ATOM   781  C  CB   . ARG   A 1 105 ? 7.023   -19.318 2.935   1.00 16.31 ? 1169 ARG   A CB   1 
ATOM   782  C  CG   . ARG   A 1 105 ? 7.210   -20.097 1.644   1.00 16.41 ? 1169 ARG   A CG   1 
ATOM   783  C  CD   . ARG   A 1 105 ? 8.177   -21.230 1.811   1.00 17.30 ? 1169 ARG   A CD   1 
ATOM   784  N  NE   . ARG   A 1 105 ? 8.465   -21.840 0.538   1.00 16.38 ? 1169 ARG   A NE   1 
ATOM   785  C  CZ   . ARG   A 1 105 ? 7.668   -22.705 -0.085  1.00 17.00 ? 1169 ARG   A CZ   1 
ATOM   786  N  NH1  . ARG   A 1 105 ? 6.494   -23.059 0.418   1.00 17.64 ? 1169 ARG   A NH1  1 
ATOM   787  N  NH2  . ARG   A 1 105 ? 8.058   -23.186 -1.250  1.00 17.93 ? 1169 ARG   A NH2  1 
ATOM   788  N  N    . LYS   A 1 106 ? 4.593   -18.366 4.869   1.00 21.07 ? 1170 LYS   A N    1 
ATOM   789  C  CA   . LYS   A 1 106 ? 4.076   -17.878 6.168   1.00 23.14 ? 1170 LYS   A CA   1 
ATOM   790  C  C    . LYS   A 1 106 ? 5.231   -17.720 7.153   1.00 21.85 ? 1170 LYS   A C    1 
ATOM   791  O  O    . LYS   A 1 106 ? 5.142   -16.870 8.032   1.00 24.68 ? 1170 LYS   A O    1 
ATOM   792  C  CB   . LYS   A 1 106 ? 3.040   -18.867 6.708   1.00 26.69 ? 1170 LYS   A CB   1 
ATOM   793  C  CG   . LYS   A 1 106 ? 2.240   -18.379 7.904   1.00 32.36 ? 1170 LYS   A CG   1 
ATOM   794  C  CD   . LYS   A 1 106 ? 1.132   -19.328 8.329   1.00 34.88 ? 1170 LYS   A CD   1 
ATOM   795  C  CE   . LYS   A 1 106 ? 0.188   -19.696 7.202   1.00 36.61 ? 1170 LYS   A CE   1 
ATOM   796  N  N    . THR   A 1 107 ? 6.295   -18.513 6.988   1.00 23.04 ? 1171 THR   A N    1 
ATOM   797  C  CA   . THR   A 1 107 ? 7.478   -18.535 7.876   1.00 24.52 ? 1171 THR   A CA   1 
ATOM   798  C  C    . THR   A 1 107 ? 8.492   -17.443 7.522   1.00 25.05 ? 1171 THR   A C    1 
ATOM   799  O  O    . THR   A 1 107 ? 9.470   -17.274 8.274   1.00 27.42 ? 1171 THR   A O    1 
ATOM   800  C  CB   . THR   A 1 107 ? 8.124   -19.927 7.819   1.00 27.40 ? 1171 THR   A CB   1 
ATOM   801  O  OG1  . THR   A 1 107 ? 8.302   -20.299 6.446   1.00 27.71 ? 1171 THR   A OG1  1 
ATOM   802  C  CG2  . THR   A 1 107 ? 7.277   -20.975 8.500   1.00 27.86 ? 1171 THR   A CG2  1 
ATOM   803  N  N    . SER   A 1 108 ? 8.306   -16.695 6.429   1.00 21.91 ? 1172 SER   A N    1 
ATOM   804  C  CA   . SER   A 1 108 ? 9.370   -15.804 5.898   1.00 20.07 ? 1172 SER   A CA   1 
ATOM   805  C  C    . SER   A 1 108 ? 9.376   -14.428 6.590   1.00 19.51 ? 1172 SER   A C    1 
ATOM   806  O  O    . SER   A 1 108 ? 8.320   -13.963 7.080   1.00 19.96 ? 1172 SER   A O    1 
ATOM   807  C  CB   . SER   A 1 108 ? 9.253   -15.661 4.392   1.00 20.14 ? 1172 SER   A CB   1 
ATOM   808  O  OG   . SER   A 1 108 ? 8.115   -14.881 4.075   1.00 19.55 ? 1172 SER   A OG   1 
ATOM   809  N  N    . ARG   A 1 109 ? 10.513  -13.755 6.541   1.00 20.38 ? 1173 ARG   A N    1 
ATOM   810  C  CA   . ARG   A 1 109 ? 10.706  -12.380 7.043   1.00 19.62 ? 1173 ARG   A CA   1 
ATOM   811  C  C    . ARG   A 1 109 ? 9.741   -11.426 6.316   1.00 20.59 ? 1173 ARG   A C    1 
ATOM   812  O  O    . ARG   A 1 109 ? 9.061   -10.619 6.967   1.00 20.39 ? 1173 ARG   A O    1 
ATOM   813  C  CB   . ARG   A 1 109 ? 12.159  -11.935 6.859   1.00 23.01 ? 1173 ARG   A CB   1 
ATOM   814  C  CG   . ARG   A 1 109 ? 12.405  -10.458 7.105   1.00 24.01 ? 1173 ARG   A CG   1 
ATOM   815  C  CD   . ARG   A 1 109 ? 13.875  -10.165 7.285   1.00 27.57 ? 1173 ARG   A CD   1 
ATOM   816  N  NE   . ARG   A 1 109 ? 14.670  -10.580 6.142   1.00 29.14 ? 1173 ARG   A NE   1 
ATOM   817  C  CZ   . ARG   A 1 109 ? 15.973  -10.340 6.012   1.00 29.33 ? 1173 ARG   A CZ   1 
ATOM   818  N  NH1  . ARG   A 1 109 ? 16.613  -10.753 4.933   1.00 28.65 ? 1173 ARG   A NH1  1 
ATOM   819  N  NH2  . ARG   A 1 109 ? 16.625  -9.694  6.957   1.00 28.77 ? 1173 ARG   A NH2  1 
ATOM   820  N  N    . VAL   A 1 110 ? 9.646   -11.502 4.998   1.00 18.19 ? 1174 VAL   A N    1 
ATOM   821  C  CA   . VAL   A 1 110 ? 8.793   -10.527 4.259   1.00 17.99 ? 1174 VAL   A CA   1 
ATOM   822  C  C    . VAL   A 1 110 ? 7.325   -10.722 4.641   1.00 16.92 ? 1174 VAL   A C    1 
ATOM   823  O  O    . VAL   A 1 110 ? 6.614   -9.737  4.822   1.00 17.76 ? 1174 VAL   A O    1 
ATOM   824  C  CB   . VAL   A 1 110 ? 8.986   -10.618 2.744   1.00 16.86 ? 1174 VAL   A CB   1 
ATOM   825  C  CG1  . VAL   A 1 110 ? 7.934   -9.767  2.070   1.00 16.97 ? 1174 VAL   A CG1  1 
ATOM   826  C  CG2  . VAL   A 1 110 ? 10.372  -10.205 2.306   1.00 17.95 ? 1174 VAL   A CG2  1 
ATOM   827  N  N    . TYR   A 1 111 ? 6.881   -11.940 4.873   1.00 15.45 ? 1175 TYR   A N    1 
ATOM   828  C  CA   . TYR   A 1 111 ? 5.482   -12.215 5.258   1.00 16.49 ? 1175 TYR   A CA   1 
ATOM   829  C  C    . TYR   A 1 111 ? 5.232   -11.592 6.621   1.00 17.97 ? 1175 TYR   A C    1 
ATOM   830  O  O    . TYR   A 1 111 ? 4.174   -10.960 6.805   1.00 17.18 ? 1175 TYR   A O    1 
ATOM   831  C  CB   . TYR   A 1 111 ? 5.243   -13.722 5.261   1.00 17.12 ? 1175 TYR   A CB   1 
ATOM   832  C  CG   . TYR   A 1 111 ? 3.828   -14.174 5.497   1.00 17.13 ? 1175 TYR   A CG   1 
ATOM   833  C  CD1  . TYR   A 1 111 ? 3.270   -14.144 6.765   1.00 18.48 ? 1175 TYR   A CD1  1 
ATOM   834  C  CD2  . TYR   A 1 111 ? 3.059   -14.703 4.479   1.00 17.67 ? 1175 TYR   A CD2  1 
ATOM   835  C  CE1  . TYR   A 1 111 ? 1.990   -14.619 6.997   1.00 18.25 ? 1175 TYR   A CE1  1 
ATOM   836  C  CE2  . TYR   A 1 111 ? 1.773   -15.169 4.699   1.00 17.52 ? 1175 TYR   A CE2  1 
ATOM   837  C  CZ   . TYR   A 1 111 ? 1.236   -15.148 5.968   1.00 19.68 ? 1175 TYR   A CZ   1 
ATOM   838  O  OH   . TYR   A 1 111 ? -0.040  -15.633 6.136   1.00 22.09 ? 1175 TYR   A OH   1 
ATOM   839  N  N    . LYS   A 1 112 ? 6.192   -11.734 7.526   1.00 18.48 ? 1176 LYS   A N    1 
ATOM   840  C  CA   . LYS   A 1 112 ? 6.046   -11.226 8.918   1.00 20.75 ? 1176 LYS   A CA   1 
ATOM   841  C  C    . LYS   A 1 112 ? 6.040   -9.697  8.880   1.00 19.95 ? 1176 LYS   A C    1 
ATOM   842  O  O    . LYS   A 1 112 ? 5.225   -9.063  9.586   1.00 20.74 ? 1176 LYS   A O    1 
ATOM   843  C  CB   . LYS   A 1 112 ? 7.145   -11.796 9.810   1.00 22.85 ? 1176 LYS   A CB   1 
ATOM   844  C  CG   . LYS   A 1 112 ? 6.944   -13.258 10.159  1.00 26.18 ? 1176 LYS   A CG   1 
ATOM   845  C  CD   . LYS   A 1 112 ? 8.129   -13.831 10.894  1.00 30.84 ? 1176 LYS   A CD   1 
ATOM   846  C  CE   . LYS   A 1 112 ? 8.296   -15.313 10.660  1.00 35.35 ? 1176 LYS   A CE   1 
ATOM   847  N  NZ   . LYS   A 1 112 ? 7.049   -16.045 10.980  1.00 38.84 ? 1176 LYS   A NZ   1 
ATOM   848  N  N    . PHE   A 1 113 ? 6.900   -9.112  8.057   1.00 19.47 ? 1177 PHE   A N    1 
ATOM   849  C  CA   . PHE   A 1 113 ? 6.978   -7.645  7.900   1.00 19.12 ? 1177 PHE   A CA   1 
ATOM   850  C  C    . PHE   A 1 113 ? 5.655   -7.141  7.333   1.00 18.43 ? 1177 PHE   A C    1 
ATOM   851  O  O    . PHE   A 1 113 ? 5.135   -6.115  7.787   1.00 18.37 ? 1177 PHE   A O    1 
ATOM   852  C  CB   . PHE   A 1 113 ? 8.149   -7.263  7.004   1.00 19.33 ? 1177 PHE   A CB   1 
ATOM   853  C  CG   . PHE   A 1 113 ? 9.512   -7.309  7.655   1.00 20.04 ? 1177 PHE   A CG   1 
ATOM   854  C  CD1  . PHE   A 1 113 ? 9.712   -7.846  8.921   1.00 21.70 ? 1177 PHE   A CD1  1 
ATOM   855  C  CD2  . PHE   A 1 113 ? 10.607  -6.807  6.978   1.00 20.78 ? 1177 PHE   A CD2  1 
ATOM   856  C  CE1  . PHE   A 1 113 ? 10.982  -7.862  9.489   1.00 22.39 ? 1177 PHE   A CE1  1 
ATOM   857  C  CE2  . PHE   A 1 113 ? 11.868  -6.808  7.555   1.00 22.86 ? 1177 PHE   A CE2  1 
ATOM   858  C  CZ   . PHE   A 1 113 ? 12.053  -7.353  8.802   1.00 23.61 ? 1177 PHE   A CZ   1 
ATOM   859  N  N    . CYS   A 1 114 ? 5.127   -7.835  6.333   1.00 18.16 ? 1178 CYS   A N    1 
ATOM   860  C  CA   . CYS   A 1 114 ? 3.808   -7.493  5.770   1.00 16.17 ? 1178 CYS   A CA   1 
ATOM   861  C  C    . CYS   A 1 114 ? 2.770   -7.434  6.900   1.00 18.01 ? 1178 CYS   A C    1 
ATOM   862  O  O    . CYS   A 1 114 ? 2.003   -6.461  6.971   1.00 19.45 ? 1178 CYS   A O    1 
ATOM   863  C  CB   . CYS   A 1 114 ? 3.394   -8.512  4.731   1.00 15.41 ? 1178 CYS   A CB   1 
ATOM   864  S  SG   . CYS   A 1 114 ? 1.849   -8.021  3.950   1.00 16.71 ? 1178 CYS   A SG   1 
ATOM   865  N  N    . SER   A 1 115 ? 2.726   -8.457  7.740   1.00 17.28 ? 1179 SER   A N    1 
ATOM   866  C  CA   . SER   A 1 115 ? 1.705   -8.554  8.819   1.00 18.17 ? 1179 SER   A CA   1 
ATOM   867  C  C    . SER   A 1 115 ? 1.853   -7.355  9.755   1.00 19.65 ? 1179 SER   A C    1 
ATOM   868  O  O    . SER   A 1 115 ? 0.812   -6.792  10.192  1.00 21.09 ? 1179 SER   A O    1 
ATOM   869  C  CB   . SER   A 1 115 ? 1.826   -9.882  9.544   1.00 18.42 ? 1179 SER   A CB   1 
ATOM   870  O  OG   . SER   A 1 115 ? 1.391   -10.947 8.719   1.00 19.98 ? 1179 SER   A OG   1 
ATOM   871  N  N    . LYS   A 1 116 ? 3.078   -6.929  10.041  1.00 22.16 ? 1180 LYS   A N    1 
ATOM   872  C  CA   . LYS   A 1 116 ? 3.333   -5.745  10.906  1.00 22.51 ? 1180 LYS   A CA   1 
ATOM   873  C  C    . LYS   A 1 116 ? 2.753   -4.487  10.243  1.00 23.90 ? 1180 LYS   A C    1 
ATOM   874  O  O    . LYS   A 1 116 ? 2.084   -3.674  10.923  1.00 23.41 ? 1180 LYS   A O    1 
ATOM   875  C  CB   . LYS   A 1 116 ? 4.832   -5.607  11.160  1.00 25.37 ? 1180 LYS   A CB   1 
ATOM   876  C  CG   . LYS   A 1 116 ? 5.258   -4.318  11.844  1.00 28.68 ? 1180 LYS   A CG   1 
ATOM   877  C  CD   . LYS   A 1 116 ? 4.611   -4.093  13.182  1.00 33.80 ? 1180 LYS   A CD   1 
ATOM   878  C  CE   . LYS   A 1 116 ? 5.364   -3.051  13.980  1.00 35.18 ? 1180 LYS   A CE   1 
ATOM   879  N  NZ   . LYS   A 1 116 ? 4.638   -2.706  15.217  1.00 37.57 ? 1180 LYS   A NZ   1 
ATOM   880  N  N    . LEU   A 1 117 ? 2.991   -4.314  8.947   1.00 21.38 ? 1181 LEU   A N    1 
ATOM   881  C  CA   . LEU   A 1 117 ? 2.521   -3.116  8.227   1.00 20.29 ? 1181 LEU   A CA   1 
ATOM   882  C  C    . LEU   A 1 117 ? 1.000   -3.114  8.225   1.00 20.64 ? 1181 LEU   A C    1 
ATOM   883  O  O    . LEU   A 1 117 ? 0.415   -2.014  8.363   1.00 20.92 ? 1181 LEU   A O    1 
ATOM   884  C  CB   . LEU   A 1 117 ? 3.025   -3.118  6.784   1.00 21.74 ? 1181 LEU   A CB   1 
ATOM   885  C  CG   . LEU   A 1 117 ? 4.512   -2.859  6.551   1.00 23.86 ? 1181 LEU   A CG   1 
ATOM   886  C  CD1  . LEU   A 1 117 ? 4.733   -2.521  5.079   1.00 25.86 ? 1181 LEU   A CD1  1 
ATOM   887  C  CD2  . LEU   A 1 117 ? 5.061   -1.738  7.423   1.00 24.85 ? 1181 LEU   A CD2  1 
ATOM   888  N  N    . ALA   A 1 118 ? 0.383   -4.274  8.009   1.00 19.13 ? 1182 ALA   A N    1 
ATOM   889  C  CA   . ALA   A 1 118 ? -1.091  -4.401  7.969   1.00 19.56 ? 1182 ALA   A CA   1 
ATOM   890  C  C    . ALA   A 1 118 ? -1.648  -3.954  9.315   1.00 20.70 ? 1182 ALA   A C    1 
ATOM   891  O  O    . ALA   A 1 118 ? -2.693  -3.313  9.313   1.00 21.19 ? 1182 ALA   A O    1 
ATOM   892  C  CB   . ALA   A 1 118 ? -1.513  -5.801  7.640   1.00 21.21 ? 1182 ALA   A CB   1 
ATOM   893  N  N    . GLU   A 1 119 ? -1.022  -4.357  10.410  1.00 22.37 ? 1183 GLU   A N    1 
ATOM   894  C  CA   . GLU   A 1 119 ? -1.488  -3.950  11.769  1.00 25.02 ? 1183 GLU   A CA   1 
ATOM   895  C  C    . GLU   A 1 119 ? -1.422  -2.427  11.886  1.00 23.76 ? 1183 GLU   A C    1 
ATOM   896  O  O    . GLU   A 1 119 ? -2.431  -1.791  12.277  1.00 26.36 ? 1183 GLU   A O    1 
ATOM   897  C  CB   . GLU   A 1 119 ? -0.622  -4.602  12.838  1.00 29.16 ? 1183 GLU   A CB   1 
ATOM   898  C  CG   . GLU   A 1 119 ? -0.902  -6.070  13.043  1.00 35.62 ? 1183 GLU   A CG   1 
ATOM   899  C  CD   . GLU   A 1 119 ? -0.046  -6.641  14.160  1.00 40.88 ? 1183 GLU   A CD   1 
ATOM   900  O  OE1  . GLU   A 1 119 ? 1.070   -7.119  13.863  1.00 43.28 ? 1183 GLU   A OE1  1 
ATOM   901  O  OE2  . GLU   A 1 119 ? -0.483  -6.559  15.333  1.00 46.30 ? 1183 GLU   A OE2  1 
ATOM   902  N  N    . VAL   A 1 120 ? -0.290  -1.830  11.536  1.00 23.16 ? 1184 VAL   A N    1 
ATOM   903  C  CA   . VAL   A 1 120 ? -0.093  -0.351  11.597  1.00 22.69 ? 1184 VAL   A CA   1 
ATOM   904  C  C    . VAL   A 1 120 ? -1.150  0.329   10.723  1.00 23.03 ? 1184 VAL   A C    1 
ATOM   905  O  O    . VAL   A 1 120 ? -1.770  1.315   11.178  1.00 24.12 ? 1184 VAL   A O    1 
ATOM   906  C  CB   . VAL   A 1 120 ? 1.328   0.037   11.167  1.00 23.88 ? 1184 VAL   A CB   1 
ATOM   907  C  CG1  . VAL   A 1 120 ? 1.484   1.547   11.012  1.00 25.36 ? 1184 VAL   A CG1  1 
ATOM   908  C  CG2  . VAL   A 1 120 ? 2.363   -0.534  12.118  1.00 23.49 ? 1184 VAL   A CG2  1 
ATOM   909  N  N    . PHE   A 1 121 ? -1.383  -0.167  9.510   1.00 22.29 ? 1185 PHE   A N    1 
ATOM   910  C  CA   . PHE   A 1 121 ? -2.302  0.490   8.553   1.00 20.46 ? 1185 PHE   A CA   1 
ATOM   911  C  C    . PHE   A 1 121 ? -3.705  0.475   9.138   1.00 23.51 ? 1185 PHE   A C    1 
ATOM   912  O  O    . PHE   A 1 121 ? -4.370  1.509   9.070   1.00 24.50 ? 1185 PHE   A O    1 
ATOM   913  C  CB   . PHE   A 1 121 ? -2.264  -0.183  7.176   1.00 19.89 ? 1185 PHE   A CB   1 
ATOM   914  C  CG   . PHE   A 1 121 ? -3.091  0.538   6.143   1.00 18.80 ? 1185 PHE   A CG   1 
ATOM   915  C  CD1  . PHE   A 1 121 ? -2.744  1.808   5.707   1.00 20.00 ? 1185 PHE   A CD1  1 
ATOM   916  C  CD2  . PHE   A 1 121 ? -4.231  -0.054  5.639   1.00 18.50 ? 1185 PHE   A CD2  1 
ATOM   917  C  CE1  . PHE   A 1 121 ? -3.518  2.459   4.758   1.00 19.33 ? 1185 PHE   A CE1  1 
ATOM   918  C  CE2  . PHE   A 1 121 ? -5.016  0.608   4.710   1.00 19.25 ? 1185 PHE   A CE2  1 
ATOM   919  C  CZ   . PHE   A 1 121 ? -4.662  1.868   4.280   1.00 18.84 ? 1185 PHE   A CZ   1 
ATOM   920  N  N    . GLU   A 1 122 ? -4.140  -0.667  9.663   1.00 23.67 ? 1186 GLU   A N    1 
ATOM   921  C  CA   . GLU   A 1 122 ? -5.500  -0.808  10.232  1.00 27.66 ? 1186 GLU   A CA   1 
ATOM   922  C  C    . GLU   A 1 122 ? -5.698  0.310   11.261  1.00 28.31 ? 1186 GLU   A C    1 
ATOM   923  O  O    . GLU   A 1 122 ? -6.755  0.973   11.204  1.00 29.31 ? 1186 GLU   A O    1 
ATOM   924  C  CB   . GLU   A 1 122 ? -5.670  -2.200  10.829  1.00 28.92 ? 1186 GLU   A CB   1 
ATOM   925  C  CG   . GLU   A 1 122 ? -7.058  -2.470  11.361  1.00 36.37 ? 1186 GLU   A CG   1 
ATOM   926  C  CD   . GLU   A 1 122 ? -7.102  -3.801  12.078  1.00 41.20 ? 1186 GLU   A CD   1 
ATOM   927  O  OE1  . GLU   A 1 122 ? -6.782  -4.826  11.432  1.00 46.92 ? 1186 GLU   A OE1  1 
ATOM   928  O  OE2  . GLU   A 1 122 ? -7.391  -3.801  13.285  1.00 51.37 ? 1186 GLU   A OE2  1 
ATOM   929  N  N    . GLN   A 1 123 ? -4.718  0.533   12.142  1.00 28.68 ? 1187 GLN   A N    1 
ATOM   930  C  CA   . GLN   A 1 123 ? -4.816  1.550   13.223  1.00 32.70 ? 1187 GLN   A CA   1 
ATOM   931  C  C    . GLN   A 1 123 ? -4.929  2.949   12.610  1.00 29.87 ? 1187 GLN   A C    1 
ATOM   932  O  O    . GLN   A 1 123 ? -5.783  3.734   13.078  1.00 33.50 ? 1187 GLN   A O    1 
ATOM   933  C  CB   . GLN   A 1 123 ? -3.628  1.433   14.181  1.00 34.27 ? 1187 GLN   A CB   1 
ATOM   934  C  CG   . GLN   A 1 123 ? -3.620  0.126   14.961  1.00 39.88 ? 1187 GLN   A CG   1 
ATOM   935  C  CD   . GLN   A 1 123 ? -4.892  -0.086  15.748  1.00 45.86 ? 1187 GLN   A CD   1 
ATOM   936  O  OE1  . GLN   A 1 123 ? -5.694  -0.968  15.443  1.00 50.58 ? 1187 GLN   A OE1  1 
ATOM   937  N  NE2  . GLN   A 1 123 ? -5.099  0.744   16.762  1.00 48.03 ? 1187 GLN   A NE2  1 
ATOM   938  N  N    . GLU   A 1 124 ? -4.139  3.251   11.580  1.00 28.96 ? 1188 GLU   A N    1 
ATOM   939  C  CA   . GLU   A 1 124 ? -4.087  4.597   10.954  1.00 28.16 ? 1188 GLU   A CA   1 
ATOM   940  C  C    . GLU   A 1 124 ? -5.334  4.846   10.093  1.00 27.06 ? 1188 GLU   A C    1 
ATOM   941  O  O    . GLU   A 1 124 ? -5.865  5.984   10.101  1.00 27.08 ? 1188 GLU   A O    1 
ATOM   942  C  CB   . GLU   A 1 124 ? -2.816  4.732   10.118  1.00 31.47 ? 1188 GLU   A CB   1 
ATOM   943  C  CG   . GLU   A 1 124 ? -1.543  4.601   10.935  1.00 32.53 ? 1188 GLU   A CG   1 
ATOM   944  C  CD   . GLU   A 1 124 ? -1.184  5.808   11.780  1.00 38.23 ? 1188 GLU   A CD   1 
ATOM   945  O  OE1  . GLU   A 1 124 ? -1.571  6.936   11.402  1.00 41.97 ? 1188 GLU   A OE1  1 
ATOM   946  O  OE2  . GLU   A 1 124 ? -0.516  5.612   12.809  1.00 37.94 ? 1188 GLU   A OE2  1 
ATOM   947  N  N    . ILE   A 1 125 ? -5.804  3.853   9.342   1.00 26.41 ? 1189 ILE   A N    1 
ATOM   948  C  CA   . ILE   A 1 125 ? -6.801  4.115   8.267   1.00 25.72 ? 1189 ILE   A CA   1 
ATOM   949  C  C    . ILE   A 1 125 ? -8.209  4.278   8.850   1.00 26.97 ? 1189 ILE   A C    1 
ATOM   950  O  O    . ILE   A 1 125 ? -9.001  5.035   8.266   1.00 24.27 ? 1189 ILE   A O    1 
ATOM   951  C  CB   . ILE   A 1 125 ? -6.760  3.029   7.165   1.00 24.72 ? 1189 ILE   A CB   1 
ATOM   952  C  CG1  . ILE   A 1 125 ? -7.392  3.560   5.875   1.00 23.43 ? 1189 ILE   A CG1  1 
ATOM   953  C  CG2  . ILE   A 1 125 ? -7.401  1.725   7.626   1.00 24.57 ? 1189 ILE   A CG2  1 
ATOM   954  C  CD1  . ILE   A 1 125 ? -6.791  4.849   5.365   1.00 23.31 ? 1189 ILE   A CD1  1 
ATOM   955  N  N    . ASP   A 1 126 ? -8.529  3.570   9.934   1.00 28.29 ? 1190 ASP   A N    1 
ATOM   956  C  CA   . ASP   A 1 126 ? -9.923  3.502   10.439  1.00 30.62 ? 1190 ASP   A CA   1 
ATOM   957  C  C    . ASP   A 1 126 ? -10.456 4.917   10.707  1.00 30.15 ? 1190 ASP   A C    1 
ATOM   958  O  O    . ASP   A 1 126 ? -11.479 5.305   10.146  1.00 28.51 ? 1190 ASP   A O    1 
ATOM   959  C  CB   . ASP   A 1 126 ? -10.021 2.561   11.640  1.00 34.66 ? 1190 ASP   A CB   1 
ATOM   960  C  CG   . ASP   A 1 126 ? -11.460 2.251   12.008  1.00 41.40 ? 1190 ASP   A CG   1 
ATOM   961  O  OD1  . ASP   A 1 126 ? -12.347 2.622   11.218  1.00 48.84 ? 1190 ASP   A OD1  1 
ATOM   962  O  OD2  . ASP   A 1 126 ? -11.687 1.647   13.075  1.00 47.00 ? 1190 ASP   A OD2  1 
ATOM   963  N  N    . PRO   A 1 127 ? -9.816  5.741   11.568  1.00 31.24 ? 1191 PRO   A N    1 
ATOM   964  C  CA   . PRO   A 1 127 ? -10.345 7.070   11.869  1.00 31.49 ? 1191 PRO   A CA   1 
ATOM   965  C  C    . PRO   A 1 127 ? -10.284 8.017   10.665  1.00 30.68 ? 1191 PRO   A C    1 
ATOM   966  O  O    . PRO   A 1 127 ? -11.179 8.827   10.518  1.00 29.50 ? 1191 PRO   A O    1 
ATOM   967  C  CB   . PRO   A 1 127 ? -9.462  7.589   13.011  1.00 33.27 ? 1191 PRO   A CB   1 
ATOM   968  C  CG   . PRO   A 1 127 ? -8.193  6.768   12.918  1.00 35.03 ? 1191 PRO   A CG   1 
ATOM   969  C  CD   . PRO   A 1 127 ? -8.616  5.426   12.360  1.00 33.05 ? 1191 PRO   A CD   1 
ATOM   970  N  N    . VAL   A 1 128 ? -9.261  7.885   9.811   1.00 28.19 ? 1192 VAL   A N    1 
ATOM   971  C  CA   . VAL   A 1 128 ? -9.168  8.720   8.585   1.00 27.20 ? 1192 VAL   A CA   1 
ATOM   972  C  C    . VAL   A 1 128 ? -10.409 8.466   7.723   1.00 26.67 ? 1192 VAL   A C    1 
ATOM   973  O  O    . VAL   A 1 128 ? -10.963 9.444   7.214   1.00 26.60 ? 1192 VAL   A O    1 
ATOM   974  C  CB   . VAL   A 1 128 ? -7.863  8.492   7.795   1.00 26.44 ? 1192 VAL   A CB   1 
ATOM   975  C  CG1  . VAL   A 1 128 ? -7.899  9.210   6.457   1.00 27.17 ? 1192 VAL   A CG1  1 
ATOM   976  C  CG2  . VAL   A 1 128 ? -6.655  8.943   8.595   1.00 27.88 ? 1192 VAL   A CG2  1 
ATOM   977  N  N    . MET   A 1 129 ? -10.818 7.212   7.527   1.00 25.39 ? 1193 MET   A N    1 
ATOM   978  C  CA   . MET   A 1 129 ? -11.976 6.851   6.676   1.00 26.51 ? 1193 MET   A CA   1 
ATOM   979  C  C    . MET   A 1 129 ? -13.260 7.401   7.315   1.00 27.00 ? 1193 MET   A C    1 
ATOM   980  O  O    . MET   A 1 129 ? -14.124 7.930   6.570   1.00 27.92 ? 1193 MET   A O    1 
ATOM   981  C  CB   . MET   A 1 129 ? -12.060 5.333   6.488   1.00 26.19 ? 1193 MET   A CB   1 
ATOM   982  C  CG   . MET   A 1 129 ? -10.907 4.796   5.633   1.00 27.08 ? 1193 MET   A CG   1 
ATOM   983  S  SD   . MET   A 1 129 ? -10.812 5.499   3.954   1.00 27.20 ? 1193 MET   A SD   1 
ATOM   984  C  CE   . MET   A 1 129 ? -12.039 4.486   3.140   1.00 28.02 ? 1193 MET   A CE   1 
ATOM   985  N  N    . GLN   A 1 130 ? -13.356 7.323   8.640   1.00 30.95 ? 1194 GLN   A N    1 
ATOM   986  C  CA   . GLN   A 1 130 ? -14.518 7.878   9.393   1.00 33.68 ? 1194 GLN   A CA   1 
ATOM   987  C  C    . GLN   A 1 130 ? -14.586 9.389   9.139   1.00 33.80 ? 1194 GLN   A C    1 
ATOM   988  O  O    . GLN   A 1 130 ? -15.704 9.894   8.920   1.00 37.24 ? 1194 GLN   A O    1 
ATOM   989  C  CB   . GLN   A 1 130 ? -14.412 7.565   10.887  1.00 37.42 ? 1194 GLN   A CB   1 
ATOM   990  C  CG   . GLN   A 1 130 ? -14.519 6.084   11.227  1.00 40.59 ? 1194 GLN   A CG   1 
ATOM   991  C  CD   . GLN   A 1 130 ? -15.938 5.571   11.265  1.00 46.59 ? 1194 GLN   A CD   1 
ATOM   992  O  OE1  . GLN   A 1 130 ? -16.830 6.072   10.578  1.00 50.76 ? 1194 GLN   A OE1  1 
ATOM   993  N  NE2  . GLN   A 1 130 ? -16.158 4.552   12.083  1.00 51.27 ? 1194 GLN   A NE2  1 
ATOM   994  N  N    . SER   A 1 131 ? -13.439 10.078  9.130   1.00 28.63 ? 1195 SER   A N    1 
ATOM   995  C  CA   . SER   A 1 131 ? -13.337 11.556  8.966   1.00 30.84 ? 1195 SER   A CA   1 
ATOM   996  C  C    . SER   A 1 131 ? -13.680 11.994  7.528   1.00 33.31 ? 1195 SER   A C    1 
ATOM   997  O  O    . SER   A 1 131 ? -14.090 13.165  7.348   1.00 33.58 ? 1195 SER   A O    1 
ATOM   998  C  CB   . SER   A 1 131 ? -11.984 12.069  9.417   1.00 30.81 ? 1195 SER   A CB   1 
ATOM   999  O  OG   . SER   A 1 131 ? -11.026 12.020  8.374   1.00 33.17 ? 1195 SER   A OG   1 
ATOM   1000 N  N    . LEU   A 1 132 ? -13.513 11.112  6.533   1.00 30.13 ? 1196 LEU   A N    1 
ATOM   1001 C  CA   . LEU   A 1 132 ? -13.810 11.411  5.106   1.00 32.48 ? 1196 LEU   A CA   1 
ATOM   1002 C  C    . LEU   A 1 132 ? -15.269 11.064  4.777   1.00 34.84 ? 1196 LEU   A C    1 
ATOM   1003 O  O    . LEU   A 1 132 ? -15.728 11.486  3.703   1.00 36.36 ? 1196 LEU   A O    1 
ATOM   1004 C  CB   . LEU   A 1 132 ? -12.826 10.641  4.220   1.00 29.39 ? 1196 LEU   A CB   1 
ATOM   1005 C  CG   . LEU   A 1 132 ? -11.383 11.115  4.315   1.00 29.39 ? 1196 LEU   A CG   1 
ATOM   1006 C  CD1  . LEU   A 1 132 ? -10.465 10.143  3.585   1.00 28.37 ? 1196 LEU   A CD1  1 
ATOM   1007 C  CD2  . LEU   A 1 132 ? -11.231 12.525  3.763   1.00 29.73 ? 1196 LEU   A CD2  1 
ATOM   1008 N  N    . GLY   A 1 133 ? -15.971 10.363  5.679   1.00 41.41 ? 1197 GLY   A N    1 
ATOM   1009 C  CA   . GLY   A 1 133 ? -17.434 10.166  5.636   1.00 45.27 ? 1197 GLY   A CA   1 
ATOM   1010 C  C    . GLY   A 1 133 ? -17.807 8.907   4.876   1.00 49.59 ? 1197 GLY   A C    1 
ATOM   1011 O  O    . GLY   A 1 133 ? -17.506 8.785   3.687   1.00 53.35 ? 1197 GLY   A O    1 
HETATM 1012 C  CAS  . A1EDO B 2 .   ? 15.514  -2.899  0.253   1.00 20.61 ? 1201 A1EDO A CAS  1 
HETATM 1013 C  CAT  . A1EDO B 2 .   ? 16.453  -1.734  0.131   1.00 21.01 ? 1201 A1EDO A CAT  1 
HETATM 1014 O  OAU  . A1EDO B 2 .   ? 16.969  -1.454  1.439   1.00 22.16 ? 1201 A1EDO A OAU  1 
HETATM 1015 C  CAV  . A1EDO B 2 .   ? 17.752  -2.586  1.964   1.00 21.01 ? 1201 A1EDO A CAV  1 
HETATM 1016 C  CAW  . A1EDO B 2 .   ? 16.876  -3.835  2.025   1.00 20.36 ? 1201 A1EDO A CAW  1 
HETATM 1017 N  NAR  . A1EDO B 2 .   ? 16.272  -4.099  0.718   1.00 20.11 ? 1201 A1EDO A NAR  1 
HETATM 1018 C  CAQ  . A1EDO B 2 .   ? 15.554  -5.405  0.692   1.00 19.86 ? 1201 A1EDO A CAQ  1 
HETATM 1019 C  CAX  . A1EDO B 2 .   ? 14.233  -5.324  1.502   1.00 19.75 ? 1201 A1EDO A CAX  1 
HETATM 1020 C  CAP  . A1EDO B 2 .   ? 15.304  -5.815  -0.716  1.00 19.12 ? 1201 A1EDO A CAP  1 
HETATM 1021 N  NAM  . A1EDO B 2 .   ? 14.523  -7.112  -0.774  1.00 19.31 ? 1201 A1EDO A NAM  1 
HETATM 1022 C  CAL  . A1EDO B 2 .   ? 13.194  -7.196  -1.039  1.00 18.94 ? 1201 A1EDO A CAL  1 
HETATM 1023 C  CAK  . A1EDO B 2 .   ? 12.792  -8.475  -0.992  1.00 18.01 ? 1201 A1EDO A CAK  1 
HETATM 1024 C  CAF  . A1EDO B 2 .   ? 11.505  -8.981  -1.241  1.00 19.96 ? 1201 A1EDO A CAF  1 
HETATM 1025 C  CAA  . A1EDO B 2 .   ? 10.341  -8.196  -1.248  1.00 21.05 ? 1201 A1EDO A CAA  1 
HETATM 1026 C  CAB  . A1EDO B 2 .   ? 9.123   -8.774  -1.498  1.00 21.94 ? 1201 A1EDO A CAB  1 
HETATM 1027 C  CAI  . A1EDO B 2 .   ? 7.921   -8.309  -1.553  1.00 25.32 ? 1201 A1EDO A CAI  1 
HETATM 1028 C  CAJ  . A1EDO B 2 .   ? 7.620   -6.887  -1.326  1.00 24.37 ? 1201 A1EDO A CAJ  1 
HETATM 1029 N  NAH  . A1EDO B 2 .   ? 6.991   -9.262  -1.872  1.00 24.82 ? 1201 A1EDO A NAH  1 
HETATM 1030 O  OAG  . A1EDO B 2 .   ? 7.549   -10.335 -2.013  1.00 25.02 ? 1201 A1EDO A OAG  1 
HETATM 1031 C  CAC  . A1EDO B 2 .   ? 9.003   -10.054 -1.768  1.00 21.51 ? 1201 A1EDO A CAC  1 
HETATM 1032 C  CAD  . A1EDO B 2 .   ? 10.033  -10.840 -1.754  1.00 21.50 ? 1201 A1EDO A CAD  1 
HETATM 1033 C  CAE  . A1EDO B 2 .   ? 11.331  -10.344 -1.520  1.00 21.18 ? 1201 A1EDO A CAE  1 
HETATM 1034 N  NAO  . A1EDO B 2 .   ? 13.871  -9.198  -0.679  1.00 19.39 ? 1201 A1EDO A NAO  1 
HETATM 1035 C  CAN  . A1EDO B 2 .   ? 14.925  -8.362  -0.537  1.00 19.99 ? 1201 A1EDO A CAN  1 
HETATM 1036 C  CAY  . A1EDO B 2 .   ? 16.262  -8.812  -0.230  1.00 20.74 ? 1201 A1EDO A CAY  1 
HETATM 1037 C  CAZ  . A1EDO B 2 .   ? 16.655  -9.908  -1.223  1.00 21.01 ? 1201 A1EDO A CAZ  1 
HETATM 1038 C  CBA  . A1EDO B 2 .   ? 17.270  -10.980 -0.228  1.00 21.15 ? 1201 A1EDO A CBA  1 
HETATM 1039 C  CBB  . A1EDO B 2 .   ? 16.988  -10.583 1.090   1.00 20.94 ? 1201 A1EDO A CBB  1 
HETATM 1040 O  OBD  . A1EDO B 2 .   ? 17.146  -11.278 2.106   1.00 22.66 ? 1201 A1EDO A OBD  1 
HETATM 1041 N  NBC  . A1EDO B 2 .   ? 16.389  -9.406  1.139   1.00 20.34 ? 1201 A1EDO A NBC  1 
HETATM 1042 C  CBE  . A1EDO B 2 .   ? 16.047  -8.737  2.248   1.00 21.06 ? 1201 A1EDO A CBE  1 
HETATM 1043 C  CBJ  . A1EDO B 2 .   ? 14.735  -8.769  2.728   1.00 21.95 ? 1201 A1EDO A CBJ  1 
HETATM 1044 C  CBI  . A1EDO B 2 .   ? 14.435  -8.075  3.880   1.00 21.81 ? 1201 A1EDO A CBI  1 
HETATM 1045 CL CLBM . A1EDO B 2 .   ? 12.798  -8.119  4.440   1.00 27.86 ? 1201 A1EDO A CLBM 1 
HETATM 1046 C  CBH  . A1EDO B 2 .   ? 15.331  -7.313  4.581   1.00 23.42 ? 1201 A1EDO A CBH  1 
HETATM 1047 O  OBK  . A1EDO B 2 .   ? 14.870  -6.690  5.700   1.00 25.50 ? 1201 A1EDO A OBK  1 
HETATM 1048 C  CBL  . A1EDO B 2 .   ? 15.810  -5.965  6.542   1.00 26.16 ? 1201 A1EDO A CBL  1 
HETATM 1049 C  CBG  . A1EDO B 2 .   ? 16.642  -7.281  4.103   1.00 20.76 ? 1201 A1EDO A CBG  1 
HETATM 1050 C  CBF  . A1EDO B 2 .   ? 16.972  -7.976  2.936   1.00 20.46 ? 1201 A1EDO A CBF  1 
HETATM 1051 S  S    . DMS   C 3 .   ? 10.908  -19.478 0.513   1.00 51.09 ? 1202 DMS   A S    1 
HETATM 1052 O  O    . DMS   C 3 .   ? 10.599  -18.564 1.673   1.00 46.37 ? 1202 DMS   A O    1 
HETATM 1053 C  C1   . DMS   C 3 .   ? 11.109  -18.427 -0.891  1.00 41.10 ? 1202 DMS   A C1   1 
HETATM 1054 C  C2   . DMS   C 3 .   ? 12.605  -19.950 0.783   1.00 44.18 ? 1202 DMS   A C2   1 
HETATM 1055 O  O    . HOH   D 4 .   ? 9.029   -16.936 1.114   1.00 22.72 ? 1301 HOH   A O    1 
HETATM 1056 O  O    . HOH   D 4 .   ? -1.753  6.658   -14.125 1.00 33.54 ? 1302 HOH   A O    1 
HETATM 1057 O  O    . HOH   D 4 .   ? -14.081 12.109  -6.246  1.00 24.77 ? 1303 HOH   A O    1 
HETATM 1058 O  O    . HOH   D 4 .   ? 16.148  -13.585 -2.935  1.00 31.59 ? 1304 HOH   A O    1 
HETATM 1059 O  O    . HOH   D 4 .   ? -0.805  -3.115  -10.106 1.00 31.87 ? 1305 HOH   A O    1 
HETATM 1060 O  O    . HOH   D 4 .   ? 4.680   -9.064  -2.906  1.00 18.32 ? 1306 HOH   A O    1 
HETATM 1061 O  O    . HOH   D 4 .   ? 10.301  -14.516 1.000   1.00 23.13 ? 1307 HOH   A O    1 
HETATM 1062 O  O    . HOH   D 4 .   ? 1.968   -17.506 0.889   1.00 26.67 ? 1308 HOH   A O    1 
HETATM 1063 O  O    . HOH   D 4 .   ? 9.139   4.706   -2.123  1.00 31.13 ? 1309 HOH   A O    1 
HETATM 1064 O  O    . HOH   D 4 .   ? 3.722   -15.615 9.822   1.00 31.76 ? 1310 HOH   A O    1 
HETATM 1065 O  O    . HOH   D 4 .   ? -1.347  15.629  5.315   1.00 41.68 ? 1311 HOH   A O    1 
HETATM 1066 O  O    . HOH   D 4 .   ? -4.860  12.260  7.910   1.00 33.76 ? 1312 HOH   A O    1 
HETATM 1067 O  O    . HOH   D 4 .   ? 4.734   -2.297  -7.486  1.00 23.83 ? 1313 HOH   A O    1 
HETATM 1068 O  O    . HOH   D 4 .   ? 7.839   -3.994  -2.928  1.00 23.00 ? 1314 HOH   A O    1 
HETATM 1069 O  O    . HOH   D 4 .   ? -7.476  0.946   -6.292  1.00 23.15 ? 1315 HOH   A O    1 
HETATM 1070 O  O    . HOH   D 4 .   ? 3.441   -6.453  -5.228  1.00 20.52 ? 1316 HOH   A O    1 
HETATM 1071 O  O    . HOH   D 4 .   ? 8.934   -22.752 5.600   1.00 25.16 ? 1317 HOH   A O    1 
HETATM 1072 O  O    . HOH   D 4 .   ? -6.414  -1.823  -6.197  1.00 24.40 ? 1318 HOH   A O    1 
HETATM 1073 O  O    . HOH   D 4 .   ? 1.697   9.811   9.616   1.00 39.37 ? 1319 HOH   A O    1 
HETATM 1074 O  O    . HOH   D 4 .   ? 0.286   3.030   -11.722 1.00 42.51 ? 1320 HOH   A O    1 
HETATM 1075 O  O    . HOH   D 4 .   ? 12.334  -1.763  -8.204  1.00 29.08 ? 1321 HOH   A O    1 
HETATM 1076 O  O    . HOH   D 4 .   ? 13.264  0.895   -7.644  1.00 35.90 ? 1322 HOH   A O    1 
HETATM 1077 O  O    . HOH   D 4 .   ? -1.479  -16.429 -8.240  1.00 33.97 ? 1323 HOH   A O    1 
HETATM 1078 O  O    . HOH   D 4 .   ? 12.035  -1.780  -1.495  1.00 27.21 ? 1324 HOH   A O    1 
HETATM 1079 O  O    . HOH   D 4 .   ? 17.088  1.094   2.334   1.00 35.75 ? 1325 HOH   A O    1 
HETATM 1080 O  O    . HOH   D 4 .   ? -4.387  -0.248  -8.857  1.00 24.16 ? 1326 HOH   A O    1 
HETATM 1081 O  O    . HOH   D 4 .   ? -5.808  10.707  -5.673  1.00 28.20 ? 1327 HOH   A O    1 
HETATM 1082 O  O    . HOH   D 4 .   ? 6.484   -20.867 -8.264  1.00 21.94 ? 1328 HOH   A O    1 
HETATM 1083 O  O    . HOH   D 4 .   ? -7.207  -4.787  -3.244  1.00 22.68 ? 1329 HOH   A O    1 
HETATM 1084 O  O    . HOH   D 4 .   ? 17.480  -5.482  -12.017 1.00 33.75 ? 1330 HOH   A O    1 
HETATM 1085 O  O    . HOH   D 4 .   ? 4.813   -9.566  12.232  1.00 34.17 ? 1331 HOH   A O    1 
HETATM 1086 O  O    . HOH   D 4 .   ? 6.647   7.690   -5.622  1.00 22.35 ? 1332 HOH   A O    1 
HETATM 1087 O  O    . HOH   D 4 .   ? 9.701   -4.946  -11.534 1.00 33.81 ? 1333 HOH   A O    1 
HETATM 1088 O  O    . HOH   D 4 .   ? -0.642  -16.207 8.753   1.00 34.64 ? 1334 HOH   A O    1 
HETATM 1089 O  O    . HOH   D 4 .   ? 0.525   -13.217 -17.150 1.00 36.87 ? 1335 HOH   A O    1 
HETATM 1090 O  O    . HOH   D 4 .   ? -1.944  -12.434 -8.416  1.00 21.44 ? 1336 HOH   A O    1 
HETATM 1091 O  O    . HOH   D 4 .   ? 5.216   -4.320  -2.308  1.00 19.58 ? 1337 HOH   A O    1 
HETATM 1092 O  O    . HOH   D 4 .   ? -1.739  -9.619  -7.701  1.00 17.75 ? 1338 HOH   A O    1 
HETATM 1093 O  O    . HOH   D 4 .   ? -7.083  19.209  -5.565  1.00 38.46 ? 1339 HOH   A O    1 
HETATM 1094 O  O    . HOH   D 4 .   ? 7.865   3.068   -8.941  1.00 30.11 ? 1340 HOH   A O    1 
HETATM 1095 O  O    . HOH   D 4 .   ? 13.746  -11.579 0.803   1.00 26.49 ? 1341 HOH   A O    1 
HETATM 1096 O  O    . HOH   D 4 .   ? 2.244   -1.558  -10.060 1.00 38.58 ? 1342 HOH   A O    1 
HETATM 1097 O  O    . HOH   D 4 .   ? 2.768   -12.942 10.137  1.00 26.49 ? 1343 HOH   A O    1 
HETATM 1098 O  O    . HOH   D 4 .   ? 3.640   -6.611  -2.275  1.00 16.81 ? 1344 HOH   A O    1 
HETATM 1099 O  O    . HOH   D 4 .   ? -3.030  -12.937 0.101   1.00 20.96 ? 1345 HOH   A O    1 
HETATM 1100 O  O    . HOH   D 4 .   ? -4.647  -3.581  7.308   1.00 27.35 ? 1346 HOH   A O    1 
HETATM 1101 O  O    . HOH   D 4 .   ? -8.112  16.645  3.786   1.00 39.68 ? 1347 HOH   A O    1 
HETATM 1102 O  O    . HOH   D 4 .   ? 6.787   -5.443  -9.142  1.00 24.36 ? 1348 HOH   A O    1 
HETATM 1103 O  O    . HOH   D 4 .   ? -3.074  -10.580 -4.230  1.00 22.45 ? 1349 HOH   A O    1 
HETATM 1104 O  O    . HOH   D 4 .   ? -6.483  2.646   -8.377  1.00 32.33 ? 1350 HOH   A O    1 
HETATM 1105 O  O    . HOH   D 4 .   ? 5.703   10.236  -6.100  1.00 28.43 ? 1351 HOH   A O    1 
HETATM 1106 O  O    . HOH   D 4 .   ? -1.586  -8.369  10.219  1.00 31.81 ? 1352 HOH   A O    1 
HETATM 1107 O  O    . HOH   D 4 .   ? -2.039  1.448   -10.848 1.00 34.59 ? 1353 HOH   A O    1 
HETATM 1108 O  O    . HOH   D 4 .   ? 11.201  -16.736 -3.074  1.00 23.59 ? 1354 HOH   A O    1 
HETATM 1109 O  O    . HOH   D 4 .   ? -6.291  -7.470  -3.073  1.00 25.24 ? 1355 HOH   A O    1 
HETATM 1110 O  O    . HOH   D 4 .   ? 10.742  5.861   -6.401  1.00 37.35 ? 1356 HOH   A O    1 
HETATM 1111 O  O    . HOH   D 4 .   ? 8.824   -12.803 -12.202 1.00 22.79 ? 1357 HOH   A O    1 
HETATM 1112 O  O    . HOH   D 4 .   ? 12.780  -4.783  -5.620  1.00 26.59 ? 1358 HOH   A O    1 
HETATM 1113 O  O    . HOH   D 4 .   ? -4.668  12.506  -4.279  1.00 29.59 ? 1359 HOH   A O    1 
HETATM 1114 O  O    . HOH   D 4 .   ? -14.275 5.770   -0.273  1.00 31.03 ? 1360 HOH   A O    1 
HETATM 1115 O  O    . HOH   D 4 .   ? 17.695  -12.467 -12.537 1.00 36.04 ? 1361 HOH   A O    1 
HETATM 1116 O  O    . HOH   D 4 .   ? 5.148   4.827   -13.390 1.00 36.84 ? 1362 HOH   A O    1 
HETATM 1117 O  O    . HOH   D 4 .   ? 11.481  -13.204 3.399   1.00 22.62 ? 1363 HOH   A O    1 
HETATM 1118 O  O    . HOH   D 4 .   ? 14.865  2.537   1.649   1.00 33.54 ? 1364 HOH   A O    1 
HETATM 1119 O  O    . HOH   D 4 .   ? -6.700  -2.056  6.850   1.00 30.42 ? 1365 HOH   A O    1 
HETATM 1120 O  O    . HOH   D 4 .   ? 5.819   -4.626  -6.611  1.00 21.30 ? 1366 HOH   A O    1 
HETATM 1121 O  O    . HOH   D 4 .   ? 12.866  -15.322 5.445   1.00 32.58 ? 1367 HOH   A O    1 
HETATM 1122 O  O    . HOH   D 4 .   ? -9.584  -4.843  -2.188  1.00 33.42 ? 1368 HOH   A O    1 
HETATM 1123 O  O    . HOH   D 4 .   ? 14.021  -12.038 3.500   1.00 23.48 ? 1369 HOH   A O    1 
HETATM 1124 O  O    . HOH   D 4 .   ? 19.496  -9.874  5.660   1.00 35.26 ? 1370 HOH   A O    1 
HETATM 1125 O  O    . HOH   D 4 .   ? 12.079  -4.386  -2.522  1.00 32.65 ? 1371 HOH   A O    1 
HETATM 1126 O  O    . HOH   D 4 .   ? 14.880  -2.699  -8.192  1.00 35.97 ? 1372 HOH   A O    1 
HETATM 1127 O  O    . HOH   D 4 .   ? 10.708  5.559   -9.595  1.00 36.85 ? 1373 HOH   A O    1 
HETATM 1128 O  O    . HOH   D 4 .   ? 10.466  2.640   -9.459  1.00 40.05 ? 1374 HOH   A O    1 
HETATM 1129 O  O    . HOH   D 4 .   ? -4.122  -12.597 -2.503  1.00 28.45 ? 1375 HOH   A O    1 
HETATM 1130 O  O    . HOH   D 4 .   ? -7.327  -4.178  -5.759  1.00 31.59 ? 1376 HOH   A O    1 
HETATM 1131 O  O    . HOH   D 4 .   ? 5.053   -20.823 -2.346  0.50 42.27 ? 1377 HOH   A O    1 
HETATM 1132 O  O    . HOH   D 4 .   ? 0.630   2.741   -14.370 1.00 36.60 ? 1378 HOH   A O    1 
HETATM 1133 O  O    . HOH   D 4 .   ? 12.696  -12.636 -13.857 1.00 38.86 ? 1379 HOH   A O    1 
HETATM 1134 O  O    . HOH   D 4 .   ? -5.473  -9.263  -4.753  1.00 34.50 ? 1380 HOH   A O    1 
HETATM 1135 O  O    . HOH   D 4 .   ? 14.376  -13.646 -1.046  1.00 31.34 ? 1381 HOH   A O    1 
HETATM 1136 O  O    . HOH   D 4 .   ? 18.410  -14.164 -1.614  0.50 34.67 ? 1382 HOH   A O    1 
HETATM 1137 O  O    . HOH   D 4 .   ? 10.414  -11.272 -13.966 1.00 33.23 ? 1383 HOH   A O    1 
HETATM 1138 O  O    . HOH   D 4 .   ? 17.427  -3.512  8.402   1.00 33.60 ? 1384 HOH   A O    1 
# 
